data_5YPQ
#
_entry.id   5YPQ
#
_cell.length_a   81.870
_cell.length_b   155.500
_cell.length_c   155.480
_cell.angle_alpha   90.00
_cell.angle_beta   90.00
_cell.angle_gamma   90.00
#
_symmetry.space_group_name_H-M   'P 21 21 21'
#
loop_
_entity.id
_entity.type
_entity.pdbx_description
1 polymer '3-dehydroquinate dehydratase'
2 non-polymer 'SULFATE ION'
3 non-polymer GLYCEROL
4 water water
#
_entity_poly.entity_id   1
_entity_poly.type   'polypeptide(L)'
_entity_poly.pdbx_seq_one_letter_code
;MSSTILVIHGPNLNLLGKREPEVYGHLTLDNINRQLIAQAEQASITLDTFQSNWEGAIVDRIHQAQTEGVKLIIINPAAL
THTSVALRDALLGVAIPFIEVHLSNVHAREAFRHHSYLSDKAIGVICGLGAKGYSFALDYAIEKIQPSNPN
;
_entity_poly.pdbx_strand_id   A,B,C,D,E,F,G,H,I,J,K,L
#
loop_
_chem_comp.id
_chem_comp.type
_chem_comp.name
_chem_comp.formula
GOL non-polymer GLYCEROL 'C3 H8 O3'
SO4 non-polymer 'SULFATE ION' 'O4 S -2'
#
# COMPACT_ATOMS: atom_id res chain seq x y z
N SER A 3 -30.37 5.82 35.30
CA SER A 3 -29.59 4.56 35.66
C SER A 3 -28.07 4.77 35.58
N THR A 4 -27.34 3.94 36.32
CA THR A 4 -25.87 4.03 36.44
C THR A 4 -25.12 3.41 35.18
N ILE A 5 -25.57 2.23 34.71
CA ILE A 5 -24.91 1.49 33.61
C ILE A 5 -25.83 1.21 32.43
N LEU A 6 -25.33 1.42 31.20
CA LEU A 6 -26.10 1.20 29.98
C LEU A 6 -25.40 0.16 29.10
N VAL A 7 -26.17 -0.88 28.72
CA VAL A 7 -25.74 -1.86 27.73
C VAL A 7 -26.38 -1.49 26.41
N ILE A 8 -25.55 -1.31 25.39
CA ILE A 8 -26.01 -1.02 24.04
C ILE A 8 -25.68 -2.19 23.14
N HIS A 9 -26.68 -2.75 22.46
CA HIS A 9 -26.46 -3.81 21.45
C HIS A 9 -26.70 -3.27 20.07
N GLY A 10 -25.74 -3.45 19.19
CA GLY A 10 -25.88 -3.03 17.79
C GLY A 10 -26.78 -3.87 16.88
N PRO A 11 -26.73 -3.58 15.57
CA PRO A 11 -27.59 -4.25 14.63
C PRO A 11 -27.38 -5.75 14.54
N ASN A 12 -28.49 -6.43 14.20
CA ASN A 12 -28.59 -7.86 13.99
C ASN A 12 -28.47 -8.69 15.25
N LEU A 13 -28.14 -8.10 16.41
CA LEU A 13 -28.02 -8.87 17.65
C LEU A 13 -29.39 -9.34 18.19
N ASN A 14 -30.47 -8.76 17.68
CA ASN A 14 -31.82 -9.29 17.89
C ASN A 14 -32.08 -10.66 17.28
N LEU A 15 -31.23 -11.10 16.35
CA LEU A 15 -31.36 -12.43 15.74
C LEU A 15 -30.86 -13.54 16.65
N LEU A 16 -29.98 -13.25 17.60
CA LEU A 16 -29.40 -14.27 18.49
C LEU A 16 -30.39 -15.39 18.83
N GLY A 17 -30.10 -16.60 18.36
CA GLY A 17 -30.88 -17.82 18.67
C GLY A 17 -32.27 -17.90 18.06
N LYS A 18 -32.38 -17.60 16.76
CA LYS A 18 -33.64 -17.70 16.01
C LYS A 18 -33.53 -18.75 14.89
N ARG A 19 -32.84 -18.38 13.81
CA ARG A 19 -32.69 -19.23 12.65
C ARG A 19 -31.66 -20.26 12.99
N GLU A 20 -32.06 -21.54 12.92
CA GLU A 20 -31.26 -22.71 13.34
C GLU A 20 -30.90 -22.64 14.82
N PRO A 21 -31.71 -23.27 15.68
CA PRO A 21 -31.43 -23.36 17.11
C PRO A 21 -30.05 -23.94 17.35
N GLU A 22 -29.72 -24.95 16.55
CA GLU A 22 -28.47 -25.70 16.68
C GLU A 22 -27.16 -25.01 16.24
N VAL A 23 -27.16 -24.24 15.15
CA VAL A 23 -25.92 -23.67 14.59
C VAL A 23 -25.21 -22.69 15.53
N TYR A 24 -25.96 -21.75 16.11
CA TYR A 24 -25.39 -20.77 17.04
C TYR A 24 -26.00 -20.94 18.42
N GLY A 25 -26.60 -22.09 18.67
CA GLY A 25 -27.20 -22.37 19.98
C GLY A 25 -28.50 -21.65 20.32
N HIS A 26 -29.07 -21.97 21.47
CA HIS A 26 -30.39 -21.47 21.90
C HIS A 26 -30.41 -20.08 22.60
N LEU A 27 -29.26 -19.42 22.80
CA LEU A 27 -29.23 -18.14 23.55
C LEU A 27 -29.75 -16.91 22.78
N THR A 28 -30.65 -16.16 23.40
CA THR A 28 -31.20 -14.94 22.84
C THR A 28 -30.65 -13.68 23.50
N LEU A 29 -30.96 -12.56 22.86
CA LEU A 29 -30.65 -11.28 23.42
C LEU A 29 -31.46 -11.01 24.70
N ASP A 30 -32.69 -11.51 24.77
CA ASP A 30 -33.46 -11.35 26.01
C ASP A 30 -32.79 -12.14 27.16
N ASN A 31 -32.21 -13.30 26.88
CA ASN A 31 -31.50 -14.09 27.91
C ASN A 31 -30.29 -13.34 28.47
N ILE A 32 -29.53 -12.70 27.59
CA ILE A 32 -28.34 -11.93 27.98
C ILE A 32 -28.71 -10.75 28.84
N ASN A 33 -29.75 -10.01 28.46
CA ASN A 33 -30.26 -8.87 29.26
C ASN A 33 -30.85 -9.30 30.60
N ARG A 34 -31.52 -10.46 30.65
CA ARG A 34 -32.02 -11.02 31.91
C ARG A 34 -30.89 -11.28 32.89
N GLN A 35 -29.83 -11.95 32.40
CA GLN A 35 -28.64 -12.29 33.20
C GLN A 35 -27.97 -11.05 33.79
N LEU A 36 -27.85 -10.01 32.95
CA LEU A 36 -27.10 -8.78 33.29
C LEU A 36 -27.83 -7.93 34.25
N ILE A 37 -29.14 -7.78 34.03
CA ILE A 37 -30.01 -7.09 34.99
C ILE A 37 -29.94 -7.75 36.38
N ALA A 38 -30.03 -9.08 36.42
CA ALA A 38 -29.94 -9.81 37.68
C ALA A 38 -28.56 -9.67 38.36
N GLN A 39 -27.48 -9.69 37.61
CA GLN A 39 -26.15 -9.44 38.18
C GLN A 39 -26.03 -8.02 38.73
N ALA A 40 -26.66 -7.05 38.07
CA ALA A 40 -26.63 -5.65 38.52
C ALA A 40 -27.49 -5.44 39.75
N GLU A 41 -28.55 -6.25 39.87
CA GLU A 41 -29.41 -6.26 41.06
C GLU A 41 -28.65 -6.72 42.31
N GLN A 42 -27.85 -7.79 42.21
CA GLN A 42 -27.01 -8.23 43.35
C GLN A 42 -26.09 -7.14 43.83
N ALA A 43 -25.62 -6.31 42.90
CA ALA A 43 -24.72 -5.19 43.21
C ALA A 43 -25.42 -3.89 43.62
N SER A 44 -26.75 -3.84 43.60
CA SER A 44 -27.51 -2.58 43.84
C SER A 44 -27.09 -1.47 42.89
N ILE A 45 -26.94 -1.83 41.61
CA ILE A 45 -26.63 -0.87 40.55
C ILE A 45 -27.77 -0.97 39.55
N THR A 46 -28.18 0.18 39.04
CA THR A 46 -29.29 0.27 38.09
C THR A 46 -28.70 0.10 36.68
N LEU A 47 -29.35 -0.75 35.87
CA LEU A 47 -28.79 -1.13 34.59
C LEU A 47 -29.86 -1.05 33.55
N ASP A 48 -29.69 -0.17 32.55
CA ASP A 48 -30.65 -0.09 31.46
C ASP A 48 -30.01 -0.78 30.25
N THR A 49 -30.85 -1.23 29.32
CA THR A 49 -30.41 -1.94 28.12
C THR A 49 -31.09 -1.35 26.86
N PHE A 50 -30.55 -1.65 25.67
CA PHE A 50 -31.03 -1.05 24.40
C PHE A 50 -30.42 -1.78 23.19
N GLN A 51 -31.26 -2.08 22.19
CA GLN A 51 -30.81 -2.62 20.93
C GLN A 51 -31.54 -1.88 19.79
N SER A 52 -30.89 -1.86 18.63
CA SER A 52 -31.48 -1.26 17.43
C SER A 52 -30.60 -1.58 16.25
N ASN A 53 -31.27 -1.59 15.09
CA ASN A 53 -30.64 -1.72 13.76
C ASN A 53 -30.28 -0.39 13.09
N TRP A 54 -30.56 0.73 13.77
CA TRP A 54 -30.45 2.03 13.18
C TRP A 54 -29.35 2.76 13.93
N GLU A 55 -28.29 3.16 13.21
CA GLU A 55 -27.14 3.86 13.81
C GLU A 55 -27.56 5.16 14.56
N GLY A 56 -28.54 5.87 13.99
CA GLY A 56 -29.07 7.08 14.61
C GLY A 56 -29.77 6.86 15.95
N ALA A 57 -30.47 5.73 16.09
CA ALA A 57 -31.11 5.40 17.35
C ALA A 57 -30.04 5.27 18.40
N ILE A 58 -28.93 4.64 18.00
CA ILE A 58 -27.90 4.32 18.92
C ILE A 58 -27.14 5.57 19.41
N VAL A 59 -26.93 6.52 18.49
CA VAL A 59 -26.31 7.82 18.81
C VAL A 59 -27.24 8.65 19.72
N ASP A 60 -28.54 8.70 19.37
CA ASP A 60 -29.57 9.35 20.18
C ASP A 60 -29.59 8.81 21.62
N ARG A 61 -29.58 7.48 21.80
CA ARG A 61 -29.52 6.85 23.14
C ARG A 61 -28.20 7.11 23.92
N ILE A 62 -27.09 7.35 23.21
CA ILE A 62 -25.83 7.75 23.87
C ILE A 62 -25.97 9.16 24.41
N HIS A 63 -26.46 10.08 23.58
CA HIS A 63 -26.71 11.48 24.02
C HIS A 63 -27.65 11.55 25.21
N GLN A 64 -28.70 10.74 25.12
CA GLN A 64 -29.67 10.57 26.15
C GLN A 64 -29.04 9.96 27.40
N ALA A 65 -28.05 9.10 27.25
CA ALA A 65 -27.26 8.65 28.39
C ALA A 65 -26.57 9.80 29.17
N GLN A 66 -26.02 10.79 28.48
CA GLN A 66 -25.40 11.96 29.18
C GLN A 66 -26.39 12.58 30.18
N THR A 67 -27.62 12.86 29.73
CA THR A 67 -28.67 13.51 30.56
C THR A 67 -29.17 12.65 31.72
N GLU A 68 -29.04 11.33 31.65
CA GLU A 68 -29.44 10.42 32.72
C GLU A 68 -28.34 10.12 33.74
N GLY A 69 -27.17 10.74 33.58
CA GLY A 69 -26.03 10.53 34.49
C GLY A 69 -25.42 9.14 34.47
N VAL A 70 -25.57 8.46 33.33
CA VAL A 70 -24.98 7.14 33.10
C VAL A 70 -23.47 7.22 33.28
N LYS A 71 -22.93 6.36 34.12
CA LYS A 71 -21.54 6.46 34.49
C LYS A 71 -20.62 5.66 33.56
N LEU A 72 -21.08 4.50 33.08
CA LEU A 72 -20.31 3.73 32.14
C LEU A 72 -21.20 2.95 31.17
N ILE A 73 -20.69 2.76 29.95
CA ILE A 73 -21.43 2.10 28.84
C ILE A 73 -20.72 0.85 28.37
N ILE A 74 -21.39 -0.29 28.47
CA ILE A 74 -20.92 -1.52 27.87
C ILE A 74 -21.60 -1.60 26.50
N ILE A 75 -20.83 -1.49 25.41
CA ILE A 75 -21.40 -1.43 24.05
C ILE A 75 -20.92 -2.59 23.17
N ASN A 76 -21.86 -3.29 22.53
CA ASN A 76 -21.53 -4.25 21.47
C ASN A 76 -22.11 -3.66 20.19
N PRO A 77 -21.26 -2.95 19.43
CA PRO A 77 -21.72 -2.32 18.20
C PRO A 77 -21.94 -3.25 17.05
N ALA A 78 -21.47 -4.49 17.13
CA ALA A 78 -21.63 -5.43 16.03
C ALA A 78 -20.97 -4.79 14.80
N ALA A 79 -21.60 -4.81 13.62
CA ALA A 79 -20.97 -4.29 12.35
C ALA A 79 -20.53 -2.83 12.36
N LEU A 80 -21.24 -2.04 13.16
CA LEU A 80 -20.98 -0.64 13.26
C LEU A 80 -19.58 -0.34 13.80
N THR A 81 -18.96 -1.30 14.50
CA THR A 81 -17.59 -1.10 14.95
C THR A 81 -16.58 -0.85 13.83
N HIS A 82 -16.85 -1.36 12.64
CA HIS A 82 -15.93 -1.23 11.50
C HIS A 82 -16.29 -0.05 10.58
N THR A 83 -17.50 0.47 10.73
CA THR A 83 -18.02 1.49 9.85
C THR A 83 -18.27 2.85 10.49
N SER A 84 -18.54 2.94 11.80
CA SER A 84 -19.20 4.15 12.32
C SER A 84 -18.38 5.11 13.11
N VAL A 85 -17.95 6.20 12.47
CA VAL A 85 -17.28 7.26 13.23
C VAL A 85 -18.30 8.14 13.97
N ALA A 86 -19.52 8.20 13.46
CA ALA A 86 -20.56 8.91 14.18
C ALA A 86 -20.78 8.29 15.57
N LEU A 87 -20.66 6.97 15.66
CA LEU A 87 -20.76 6.27 16.94
C LEU A 87 -19.60 6.56 17.88
N ARG A 88 -18.38 6.56 17.35
CA ARG A 88 -17.19 7.04 18.08
C ARG A 88 -17.41 8.43 18.67
N ASP A 89 -17.75 9.37 17.78
CA ASP A 89 -17.88 10.78 18.15
C ASP A 89 -18.99 11.05 19.15
N ALA A 90 -20.06 10.25 19.12
CA ALA A 90 -21.09 10.25 20.16
C ALA A 90 -20.51 9.88 21.54
N LEU A 91 -19.77 8.79 21.61
CA LEU A 91 -19.25 8.37 22.90
C LEU A 91 -18.23 9.35 23.38
N LEU A 92 -17.40 9.87 22.49
CA LEU A 92 -16.39 10.86 22.90
C LEU A 92 -17.05 12.19 23.30
N GLY A 93 -17.99 12.66 22.50
CA GLY A 93 -18.77 13.85 22.84
C GLY A 93 -19.42 13.87 24.21
N VAL A 94 -20.12 12.81 24.62
CA VAL A 94 -20.68 12.71 25.99
C VAL A 94 -19.64 12.34 27.04
N ALA A 95 -18.42 11.98 26.62
CA ALA A 95 -17.33 11.60 27.54
C ALA A 95 -17.77 10.65 28.65
N ILE A 96 -18.38 9.53 28.24
CA ILE A 96 -18.71 8.44 29.14
C ILE A 96 -17.80 7.30 28.73
N PRO A 97 -16.95 6.80 29.66
CA PRO A 97 -16.04 5.71 29.28
C PRO A 97 -16.81 4.44 28.94
N PHE A 98 -16.22 3.57 28.12
CA PHE A 98 -16.94 2.42 27.61
C PHE A 98 -16.06 1.23 27.35
N ILE A 99 -16.72 0.07 27.33
CA ILE A 99 -16.09 -1.21 27.13
C ILE A 99 -16.78 -1.82 25.92
N GLU A 100 -16.00 -2.12 24.88
CA GLU A 100 -16.47 -2.81 23.69
C GLU A 100 -16.48 -4.31 23.93
N VAL A 101 -17.61 -4.94 23.60
CA VAL A 101 -17.78 -6.37 23.76
C VAL A 101 -18.25 -6.96 22.45
N HIS A 102 -17.74 -8.14 22.12
CA HIS A 102 -18.17 -8.92 20.97
C HIS A 102 -18.28 -10.37 21.39
N LEU A 103 -19.30 -11.06 20.89
CA LEU A 103 -19.52 -12.46 21.20
C LEU A 103 -18.47 -13.35 20.50
N SER A 104 -18.22 -13.08 19.21
CA SER A 104 -17.44 -13.95 18.37
C SER A 104 -16.06 -13.42 18.31
N ASN A 105 -15.08 -14.25 17.92
CA ASN A 105 -13.72 -13.74 17.75
C ASN A 105 -13.66 -12.97 16.42
N VAL A 106 -13.60 -11.65 16.54
CA VAL A 106 -13.64 -10.74 15.39
C VAL A 106 -12.37 -10.86 14.54
N HIS A 107 -11.26 -11.23 15.19
CA HIS A 107 -9.99 -11.45 14.51
C HIS A 107 -9.90 -12.72 13.74
N ALA A 108 -10.81 -13.66 13.98
CA ALA A 108 -10.77 -14.95 13.31
C ALA A 108 -11.50 -14.94 11.97
N ARG A 109 -12.04 -13.78 11.56
CA ARG A 109 -12.94 -13.71 10.42
C ARG A 109 -12.30 -12.85 9.33
N GLU A 110 -13.08 -12.28 8.40
CA GLU A 110 -12.50 -11.60 7.22
C GLU A 110 -11.72 -10.34 7.65
N ALA A 111 -10.62 -10.07 6.94
CA ALA A 111 -9.66 -8.98 7.26
C ALA A 111 -10.31 -7.66 7.61
N PHE A 112 -11.33 -7.26 6.83
CA PHE A 112 -12.08 -6.03 7.13
C PHE A 112 -12.65 -5.94 8.52
N ARG A 113 -12.84 -7.05 9.21
CA ARG A 113 -13.34 -7.02 10.60
C ARG A 113 -12.30 -6.72 11.70
N HIS A 114 -11.02 -6.76 11.33
CA HIS A 114 -9.94 -6.51 12.29
C HIS A 114 -9.91 -5.03 12.65
N HIS A 115 -10.22 -4.13 11.71
CA HIS A 115 -10.26 -2.66 11.93
C HIS A 115 -11.55 -2.17 12.69
N SER A 116 -11.38 -1.16 13.56
CA SER A 116 -12.47 -0.62 14.38
C SER A 116 -12.30 0.87 14.72
N TYR A 117 -13.40 1.60 14.77
CA TYR A 117 -13.38 3.02 15.11
C TYR A 117 -13.66 3.30 16.59
N LEU A 118 -13.88 2.26 17.40
CA LEU A 118 -14.09 2.43 18.86
C LEU A 118 -13.00 1.88 19.76
N SER A 119 -12.38 0.76 19.34
CA SER A 119 -11.45 -0.01 20.17
C SER A 119 -10.37 0.83 20.86
N ASP A 120 -9.81 1.81 20.15
CA ASP A 120 -8.68 2.60 20.68
C ASP A 120 -9.07 3.64 21.73
N LYS A 121 -10.38 3.89 21.83
CA LYS A 121 -10.93 4.82 22.80
C LYS A 121 -11.74 4.11 23.88
N ALA A 122 -11.86 2.79 23.86
CA ALA A 122 -12.51 2.09 24.98
C ALA A 122 -11.57 2.01 26.17
N ILE A 123 -12.10 1.62 27.32
CA ILE A 123 -11.23 1.18 28.42
C ILE A 123 -10.51 -0.10 27.95
N GLY A 124 -11.31 -1.09 27.61
CA GLY A 124 -10.78 -2.34 27.09
C GLY A 124 -11.79 -2.97 26.16
N VAL A 125 -11.46 -4.17 25.70
CA VAL A 125 -12.26 -4.87 24.71
C VAL A 125 -12.34 -6.36 25.09
N ILE A 126 -13.52 -6.95 24.99
CA ILE A 126 -13.69 -8.40 25.15
C ILE A 126 -14.34 -8.96 23.89
N CYS A 127 -13.62 -9.82 23.15
CA CYS A 127 -14.21 -10.53 22.00
C CYS A 127 -14.02 -12.02 22.15
N GLY A 128 -14.96 -12.79 21.63
CA GLY A 128 -14.81 -14.23 21.55
C GLY A 128 -15.32 -15.10 22.67
N LEU A 129 -15.81 -14.54 23.76
CA LEU A 129 -16.14 -15.34 24.94
C LEU A 129 -17.67 -15.46 25.16
N GLY A 130 -18.43 -15.28 24.08
CA GLY A 130 -19.88 -15.35 24.13
C GLY A 130 -20.54 -14.43 25.14
N ALA A 131 -21.67 -14.88 25.68
CA ALA A 131 -22.48 -14.10 26.61
C ALA A 131 -21.68 -13.64 27.81
N LYS A 132 -20.82 -14.51 28.30
CA LYS A 132 -20.01 -14.15 29.44
C LYS A 132 -19.25 -12.84 29.26
N GLY A 133 -18.90 -12.48 28.03
CA GLY A 133 -18.22 -11.21 27.75
C GLY A 133 -18.88 -9.94 28.29
N TYR A 134 -20.20 -9.89 28.24
CA TYR A 134 -20.93 -8.76 28.81
C TYR A 134 -20.82 -8.79 30.34
N SER A 135 -20.94 -9.99 30.94
CA SER A 135 -20.82 -10.16 32.40
C SER A 135 -19.51 -9.75 32.97
N PHE A 136 -18.44 -10.13 32.28
CA PHE A 136 -17.10 -9.73 32.64
C PHE A 136 -16.94 -8.22 32.60
N ALA A 137 -17.48 -7.57 31.58
CA ALA A 137 -17.41 -6.10 31.49
C ALA A 137 -18.25 -5.41 32.53
N LEU A 138 -19.42 -5.98 32.82
CA LEU A 138 -20.25 -5.50 33.91
C LEU A 138 -19.56 -5.70 35.26
N ASP A 139 -18.92 -6.85 35.43
CA ASP A 139 -18.15 -7.14 36.64
C ASP A 139 -17.10 -6.03 36.83
N TYR A 140 -16.32 -5.77 35.77
CA TYR A 140 -15.28 -4.74 35.79
C TYR A 140 -15.87 -3.36 36.10
N ALA A 141 -16.99 -3.05 35.46
CA ALA A 141 -17.67 -1.77 35.64
C ALA A 141 -18.20 -1.54 37.06
N ILE A 142 -18.64 -2.62 37.71
CA ILE A 142 -19.14 -2.53 39.07
C ILE A 142 -17.98 -2.16 40.00
N GLU A 143 -16.81 -2.75 39.77
CA GLU A 143 -15.64 -2.50 40.60
C GLU A 143 -15.04 -1.11 40.37
N LYS A 144 -15.29 -0.51 39.20
CA LYS A 144 -14.89 0.88 38.92
C LYS A 144 -15.75 1.93 39.65
N ILE A 145 -16.96 1.55 40.08
CA ILE A 145 -17.88 2.47 40.78
C ILE A 145 -18.16 2.07 42.26
N GLN A 146 -17.67 0.90 42.69
CA GLN A 146 -17.94 0.39 44.05
C GLN A 146 -16.72 -0.31 44.69
N PRO A 147 -15.64 0.48 44.97
CA PRO A 147 -14.44 -0.09 45.59
C PRO A 147 -14.51 -0.06 47.12
N SER B 3 -44.76 -12.71 0.90
CA SER B 3 -43.89 -12.54 -0.32
C SER B 3 -42.98 -13.73 -0.53
N THR B 4 -42.72 -14.05 -1.79
CA THR B 4 -41.75 -15.08 -2.18
C THR B 4 -40.42 -14.40 -2.59
N ILE B 5 -40.50 -13.44 -3.50
CA ILE B 5 -39.39 -12.56 -3.88
C ILE B 5 -39.58 -11.20 -3.20
N LEU B 6 -38.59 -10.69 -2.48
CA LEU B 6 -38.59 -9.27 -2.06
C LEU B 6 -37.59 -8.51 -2.92
N VAL B 7 -37.96 -7.33 -3.40
CA VAL B 7 -37.01 -6.46 -4.07
C VAL B 7 -36.71 -5.29 -3.17
N ILE B 8 -35.41 -5.05 -2.96
CA ILE B 8 -34.97 -3.94 -2.11
C ILE B 8 -34.17 -2.94 -2.91
N HIS B 9 -34.53 -1.65 -2.75
CA HIS B 9 -33.78 -0.54 -3.35
C HIS B 9 -33.15 0.32 -2.28
N GLY B 10 -31.84 0.56 -2.41
CA GLY B 10 -31.08 1.33 -1.45
C GLY B 10 -31.40 2.81 -1.60
N PRO B 11 -30.64 3.67 -0.90
CA PRO B 11 -30.86 5.14 -0.87
C PRO B 11 -30.65 5.83 -2.23
N ASN B 12 -31.38 6.93 -2.47
CA ASN B 12 -31.33 7.73 -3.71
C ASN B 12 -31.95 7.10 -4.97
N LEU B 13 -32.33 5.82 -4.94
CA LEU B 13 -33.03 5.21 -6.06
C LEU B 13 -34.43 5.87 -6.33
N ASN B 14 -35.11 6.33 -5.28
CA ASN B 14 -36.39 7.11 -5.38
C ASN B 14 -36.29 8.32 -6.30
N LEU B 15 -35.07 8.84 -6.49
CA LEU B 15 -34.81 9.97 -7.37
C LEU B 15 -34.81 9.65 -8.85
N LEU B 16 -34.90 8.38 -9.26
CA LEU B 16 -34.93 8.03 -10.69
C LEU B 16 -36.03 8.72 -11.47
N GLY B 17 -35.64 9.37 -12.56
CA GLY B 17 -36.54 10.09 -13.44
C GLY B 17 -36.94 11.49 -13.00
N LYS B 18 -36.57 11.92 -11.80
CA LYS B 18 -37.18 13.11 -11.19
C LYS B 18 -36.56 14.37 -11.70
N ARG B 19 -35.24 14.49 -11.70
CA ARG B 19 -34.66 15.74 -12.11
C ARG B 19 -34.33 15.72 -13.58
N GLU B 20 -34.75 16.76 -14.29
CA GLU B 20 -34.43 16.95 -15.73
C GLU B 20 -34.70 15.71 -16.58
N PRO B 21 -36.00 15.40 -16.77
CA PRO B 21 -36.49 14.25 -17.52
C PRO B 21 -35.81 14.06 -18.86
N GLU B 22 -35.10 15.07 -19.37
CA GLU B 22 -34.19 14.85 -20.50
C GLU B 22 -32.68 14.73 -20.16
N VAL B 23 -32.35 14.30 -18.92
CA VAL B 23 -30.94 14.08 -18.47
C VAL B 23 -30.55 12.60 -18.37
N TYR B 24 -31.30 11.83 -17.58
CA TYR B 24 -31.06 10.37 -17.43
C TYR B 24 -32.28 9.48 -17.78
N GLY B 25 -33.19 9.96 -18.64
CA GLY B 25 -34.38 9.20 -19.04
C GLY B 25 -35.58 9.52 -18.16
N HIS B 26 -36.75 9.08 -18.59
CA HIS B 26 -38.01 9.38 -17.88
C HIS B 26 -38.36 8.29 -16.86
N LEU B 27 -37.65 7.15 -16.90
CA LEU B 27 -38.04 5.92 -16.15
C LEU B 27 -37.95 6.05 -14.62
N THR B 28 -39.07 5.89 -13.90
CA THR B 28 -39.08 6.06 -12.46
C THR B 28 -38.95 4.73 -11.74
N LEU B 29 -38.74 4.82 -10.42
CA LEU B 29 -38.67 3.65 -9.55
C LEU B 29 -40.01 2.92 -9.53
N ASP B 30 -41.10 3.68 -9.44
CA ASP B 30 -42.46 3.10 -9.55
C ASP B 30 -42.71 2.34 -10.88
N ASN B 31 -42.20 2.86 -12.01
CA ASN B 31 -42.23 2.12 -13.32
C ASN B 31 -41.52 0.78 -13.18
N ILE B 32 -40.31 0.82 -12.61
CA ILE B 32 -39.50 -0.38 -12.44
C ILE B 32 -40.28 -1.39 -11.60
N ASN B 33 -40.87 -0.92 -10.52
CA ASN B 33 -41.63 -1.77 -9.64
C ASN B 33 -42.86 -2.38 -10.33
N ARG B 34 -43.65 -1.52 -10.98
CA ARG B 34 -44.80 -1.88 -11.85
C ARG B 34 -44.49 -3.08 -12.75
N GLN B 35 -43.32 -3.04 -13.39
CA GLN B 35 -42.87 -4.04 -14.34
C GLN B 35 -42.52 -5.34 -13.66
N LEU B 36 -41.94 -5.26 -12.47
CA LEU B 36 -41.51 -6.45 -11.76
C LEU B 36 -42.68 -7.19 -11.12
N ILE B 37 -43.67 -6.44 -10.66
CA ILE B 37 -44.86 -7.03 -10.05
C ILE B 37 -45.64 -7.83 -11.11
N ALA B 38 -45.67 -7.29 -12.33
CA ALA B 38 -46.39 -7.89 -13.44
C ALA B 38 -45.60 -9.03 -14.04
N GLN B 39 -44.28 -8.91 -14.06
CA GLN B 39 -43.45 -10.01 -14.55
C GLN B 39 -43.67 -11.20 -13.63
N ALA B 40 -43.75 -10.96 -12.33
CA ALA B 40 -43.97 -12.02 -11.33
C ALA B 40 -45.44 -12.51 -11.24
N GLU B 41 -46.43 -11.64 -11.49
CA GLU B 41 -47.84 -12.05 -11.74
C GLU B 41 -47.88 -13.09 -12.87
N GLN B 42 -47.18 -12.84 -13.98
CA GLN B 42 -47.14 -13.79 -15.11
C GLN B 42 -46.59 -15.17 -14.81
N ALA B 43 -45.88 -15.36 -13.70
CA ALA B 43 -45.38 -16.67 -13.28
C ALA B 43 -46.05 -17.15 -11.98
N SER B 44 -47.15 -16.49 -11.61
CA SER B 44 -47.82 -16.68 -10.31
C SER B 44 -46.84 -16.68 -9.13
N ILE B 45 -45.95 -15.71 -9.09
CA ILE B 45 -45.07 -15.51 -7.94
C ILE B 45 -45.53 -14.23 -7.30
N THR B 46 -45.62 -14.24 -5.99
CA THR B 46 -45.88 -13.01 -5.25
C THR B 46 -44.54 -12.29 -5.03
N LEU B 47 -44.52 -11.00 -5.35
CA LEU B 47 -43.32 -10.17 -5.22
C LEU B 47 -43.64 -8.91 -4.44
N ASP B 48 -42.79 -8.55 -3.50
CA ASP B 48 -42.91 -7.25 -2.84
C ASP B 48 -41.68 -6.38 -3.18
N THR B 49 -41.79 -5.07 -2.89
CA THR B 49 -40.72 -4.10 -3.13
C THR B 49 -40.56 -3.20 -1.94
N PHE B 50 -39.37 -2.61 -1.81
CA PHE B 50 -39.06 -1.70 -0.72
C PHE B 50 -37.92 -0.77 -1.12
N GLN B 51 -38.00 0.48 -0.65
CA GLN B 51 -36.98 1.48 -0.83
C GLN B 51 -36.84 2.34 0.43
N SER B 52 -35.61 2.72 0.76
CA SER B 52 -35.38 3.67 1.86
C SER B 52 -34.00 4.29 1.79
N ASN B 53 -33.92 5.49 2.34
CA ASN B 53 -32.67 6.19 2.41
C ASN B 53 -31.98 5.91 3.73
N TRP B 54 -32.62 5.06 4.56
CA TRP B 54 -32.18 4.79 5.93
C TRP B 54 -31.73 3.34 6.03
N GLU B 55 -30.47 3.12 6.38
CA GLU B 55 -29.88 1.80 6.56
C GLU B 55 -30.73 0.91 7.52
N GLY B 56 -31.01 1.43 8.71
CA GLY B 56 -31.78 0.72 9.75
C GLY B 56 -33.14 0.18 9.27
N ALA B 57 -33.86 0.97 8.48
CA ALA B 57 -35.13 0.50 7.93
C ALA B 57 -34.94 -0.67 7.00
N ILE B 58 -33.82 -0.69 6.25
CA ILE B 58 -33.51 -1.77 5.32
C ILE B 58 -33.14 -3.05 6.06
N VAL B 59 -32.40 -2.90 7.16
CA VAL B 59 -32.03 -4.02 7.99
C VAL B 59 -33.26 -4.65 8.68
N ASP B 60 -34.16 -3.80 9.17
CA ASP B 60 -35.46 -4.25 9.71
C ASP B 60 -36.28 -4.98 8.67
N ARG B 61 -36.31 -4.43 7.46
CA ARG B 61 -37.06 -5.03 6.37
C ARG B 61 -36.54 -6.44 6.04
N ILE B 62 -35.24 -6.66 6.17
CA ILE B 62 -34.62 -7.95 5.88
C ILE B 62 -34.89 -8.96 6.97
N HIS B 63 -34.88 -8.54 8.22
CA HIS B 63 -35.36 -9.42 9.31
C HIS B 63 -36.85 -9.86 9.13
N GLN B 64 -37.69 -8.96 8.62
CA GLN B 64 -39.10 -9.22 8.40
C GLN B 64 -39.32 -10.18 7.23
N ALA B 65 -38.41 -10.17 6.27
CA ALA B 65 -38.42 -11.13 5.16
C ALA B 65 -38.31 -12.57 5.65
N GLN B 66 -37.52 -12.81 6.71
CA GLN B 66 -37.35 -14.15 7.26
C GLN B 66 -38.67 -14.68 7.81
N THR B 67 -39.35 -13.83 8.57
CA THR B 67 -40.68 -14.11 9.10
C THR B 67 -41.74 -14.30 8.02
N GLU B 68 -41.67 -13.48 6.99
CA GLU B 68 -42.61 -13.57 5.86
C GLU B 68 -42.38 -14.76 4.93
N GLY B 69 -41.35 -15.58 5.17
CA GLY B 69 -41.07 -16.75 4.33
C GLY B 69 -40.52 -16.51 2.93
N VAL B 70 -39.84 -15.36 2.75
CA VAL B 70 -39.23 -14.93 1.48
C VAL B 70 -38.16 -15.96 1.11
N LYS B 71 -38.18 -16.46 -0.15
CA LYS B 71 -37.18 -17.49 -0.61
C LYS B 71 -35.90 -16.87 -1.23
N LEU B 72 -35.99 -15.62 -1.71
CA LEU B 72 -34.90 -14.92 -2.38
C LEU B 72 -35.11 -13.38 -2.38
N ILE B 73 -34.01 -12.63 -2.26
CA ILE B 73 -34.01 -11.15 -2.23
C ILE B 73 -33.22 -10.62 -3.47
N ILE B 74 -33.81 -9.68 -4.20
CA ILE B 74 -33.14 -9.00 -5.28
C ILE B 74 -32.84 -7.64 -4.72
N ILE B 75 -31.55 -7.34 -4.50
CA ILE B 75 -31.12 -6.07 -3.84
C ILE B 75 -30.12 -5.21 -4.66
N ASN B 76 -30.62 -4.06 -5.12
CA ASN B 76 -29.75 -2.93 -5.48
C ASN B 76 -29.52 -2.05 -4.25
N PRO B 77 -28.46 -2.31 -3.50
CA PRO B 77 -28.20 -1.54 -2.28
C PRO B 77 -27.69 -0.11 -2.50
N ALA B 78 -27.48 0.29 -3.77
CA ALA B 78 -26.99 1.64 -4.13
C ALA B 78 -25.67 1.92 -3.41
N ALA B 79 -25.48 3.13 -2.89
CA ALA B 79 -24.25 3.50 -2.23
C ALA B 79 -23.84 2.60 -1.07
N LEU B 80 -24.79 1.94 -0.45
CA LEU B 80 -24.48 1.09 0.70
C LEU B 80 -23.69 -0.16 0.36
N THR B 81 -23.62 -0.53 -0.90
CA THR B 81 -22.72 -1.58 -1.33
C THR B 81 -21.32 -1.39 -0.77
N HIS B 82 -20.84 -0.15 -0.75
CA HIS B 82 -19.45 0.17 -0.44
C HIS B 82 -19.21 0.40 1.06
N THR B 83 -20.28 0.68 1.82
CA THR B 83 -20.17 1.16 3.21
C THR B 83 -20.75 0.25 4.29
N SER B 84 -21.77 -0.54 3.98
CA SER B 84 -22.63 -1.14 5.02
C SER B 84 -22.41 -2.63 5.34
N VAL B 85 -21.63 -2.87 6.38
CA VAL B 85 -21.38 -4.19 6.88
C VAL B 85 -22.62 -4.76 7.58
N ALA B 86 -23.42 -3.89 8.19
CA ALA B 86 -24.68 -4.27 8.83
C ALA B 86 -25.65 -4.91 7.85
N LEU B 87 -25.63 -4.41 6.63
CA LEU B 87 -26.50 -4.92 5.61
C LEU B 87 -26.04 -6.29 5.20
N ARG B 88 -24.72 -6.48 5.09
CA ARG B 88 -24.14 -7.79 4.81
C ARG B 88 -24.51 -8.76 5.89
N ASP B 89 -24.35 -8.35 7.15
CA ASP B 89 -24.69 -9.23 8.30
C ASP B 89 -26.21 -9.48 8.50
N ALA B 90 -27.07 -8.57 8.02
CA ALA B 90 -28.51 -8.82 8.00
C ALA B 90 -28.83 -9.94 7.04
N LEU B 91 -28.17 -9.95 5.88
CA LEU B 91 -28.43 -10.99 4.87
C LEU B 91 -27.85 -12.36 5.24
N LEU B 92 -26.65 -12.35 5.80
CA LEU B 92 -26.05 -13.61 6.24
C LEU B 92 -26.89 -14.15 7.38
N GLY B 93 -27.24 -13.32 8.36
CA GLY B 93 -28.01 -13.75 9.52
C GLY B 93 -29.38 -14.39 9.26
N VAL B 94 -30.15 -13.82 8.35
CA VAL B 94 -31.42 -14.44 7.97
C VAL B 94 -31.23 -15.55 6.91
N ALA B 95 -30.01 -15.68 6.37
CA ALA B 95 -29.65 -16.67 5.34
C ALA B 95 -30.68 -16.81 4.20
N ILE B 96 -31.16 -15.68 3.71
CA ILE B 96 -31.94 -15.63 2.47
C ILE B 96 -30.94 -15.30 1.35
N PRO B 97 -30.81 -16.17 0.33
CA PRO B 97 -29.86 -15.86 -0.73
C PRO B 97 -30.31 -14.62 -1.49
N PHE B 98 -29.33 -13.93 -2.09
CA PHE B 98 -29.61 -12.72 -2.81
C PHE B 98 -28.78 -12.53 -4.07
N ILE B 99 -29.34 -11.77 -5.00
CA ILE B 99 -28.69 -11.29 -6.19
C ILE B 99 -28.56 -9.77 -6.05
N GLU B 100 -27.33 -9.28 -6.28
CA GLU B 100 -27.06 -7.84 -6.25
C GLU B 100 -27.21 -7.24 -7.69
N VAL B 101 -27.76 -6.04 -7.74
CA VAL B 101 -28.19 -5.44 -9.00
C VAL B 101 -27.81 -3.96 -8.97
N HIS B 102 -27.29 -3.44 -10.08
CA HIS B 102 -26.88 -2.02 -10.22
C HIS B 102 -27.24 -1.48 -11.57
N LEU B 103 -27.94 -0.34 -11.61
CA LEU B 103 -28.40 0.26 -12.85
C LEU B 103 -27.22 0.62 -13.74
N SER B 104 -26.23 1.24 -13.12
CA SER B 104 -25.02 1.66 -13.80
C SER B 104 -23.92 0.62 -13.58
N ASN B 105 -22.81 0.86 -14.29
CA ASN B 105 -21.59 0.06 -14.22
C ASN B 105 -20.66 0.67 -13.19
N VAL B 106 -20.62 0.09 -12.00
CA VAL B 106 -19.81 0.65 -10.90
C VAL B 106 -18.28 0.58 -11.19
N HIS B 107 -17.86 -0.30 -12.08
CA HIS B 107 -16.46 -0.36 -12.47
C HIS B 107 -16.01 0.81 -13.34
N ALA B 108 -16.95 1.44 -14.05
CA ALA B 108 -16.61 2.58 -14.92
C ALA B 108 -16.50 3.84 -14.11
N ARG B 109 -17.05 3.79 -12.89
CA ARG B 109 -17.05 4.92 -11.99
C ARG B 109 -15.80 4.92 -11.09
N GLU B 110 -15.69 5.97 -10.30
CA GLU B 110 -14.50 6.22 -9.45
C GLU B 110 -14.17 5.04 -8.50
N ALA B 111 -12.89 4.92 -8.16
CA ALA B 111 -12.34 3.64 -7.65
C ALA B 111 -12.91 3.11 -6.33
N PHE B 112 -13.32 3.99 -5.41
CA PHE B 112 -13.92 3.49 -4.17
C PHE B 112 -15.14 2.61 -4.42
N ARG B 113 -15.79 2.77 -5.58
CA ARG B 113 -16.95 1.95 -5.98
C ARG B 113 -16.64 0.57 -6.60
N HIS B 114 -15.37 0.16 -6.58
CA HIS B 114 -14.97 -1.18 -7.04
C HIS B 114 -14.98 -2.20 -5.86
N HIS B 115 -15.09 -1.69 -4.64
CA HIS B 115 -15.10 -2.46 -3.38
C HIS B 115 -16.55 -2.61 -2.90
N SER B 116 -16.98 -3.83 -2.62
CA SER B 116 -18.33 -4.10 -2.07
C SER B 116 -18.26 -4.94 -0.80
N TYR B 117 -19.26 -4.78 0.06
CA TYR B 117 -19.41 -5.62 1.22
C TYR B 117 -20.48 -6.70 1.00
N LEU B 118 -21.13 -6.74 -0.14
CA LEU B 118 -22.13 -7.78 -0.40
C LEU B 118 -21.85 -8.75 -1.57
N SER B 119 -21.12 -8.30 -2.58
CA SER B 119 -20.93 -9.07 -3.82
C SER B 119 -20.39 -10.46 -3.60
N ASP B 120 -19.52 -10.66 -2.61
CA ASP B 120 -18.92 -11.99 -2.40
C ASP B 120 -19.90 -13.01 -1.88
N LYS B 121 -20.87 -12.57 -1.09
CA LYS B 121 -21.92 -13.45 -0.57
C LYS B 121 -23.17 -13.58 -1.44
N ALA B 122 -23.19 -12.92 -2.58
CA ALA B 122 -24.30 -13.03 -3.48
C ALA B 122 -24.20 -14.32 -4.29
N ILE B 123 -25.34 -14.77 -4.80
CA ILE B 123 -25.37 -15.83 -5.81
C ILE B 123 -24.64 -15.31 -7.04
N GLY B 124 -25.10 -14.16 -7.52
CA GLY B 124 -24.47 -13.44 -8.63
C GLY B 124 -24.74 -11.94 -8.56
N VAL B 125 -24.16 -11.21 -9.51
CA VAL B 125 -24.25 -9.74 -9.61
C VAL B 125 -24.56 -9.31 -11.04
N ILE B 126 -25.40 -8.29 -11.22
CA ILE B 126 -25.69 -7.71 -12.55
C ILE B 126 -25.49 -6.20 -12.49
N CYS B 127 -24.56 -5.64 -13.26
CA CYS B 127 -24.38 -4.20 -13.28
C CYS B 127 -24.35 -3.61 -14.70
N GLY B 128 -24.86 -2.40 -14.83
CA GLY B 128 -24.78 -1.63 -16.07
C GLY B 128 -25.73 -2.02 -17.19
N LEU B 129 -26.80 -2.76 -16.88
CA LEU B 129 -27.84 -3.07 -17.87
C LEU B 129 -29.13 -2.31 -17.58
N GLY B 130 -29.00 -1.26 -16.76
CA GLY B 130 -30.13 -0.49 -16.26
C GLY B 130 -31.26 -1.35 -15.68
N ALA B 131 -32.47 -0.82 -15.79
CA ALA B 131 -33.65 -1.46 -15.21
C ALA B 131 -33.84 -2.96 -15.60
N LYS B 132 -33.42 -3.34 -16.81
CA LYS B 132 -33.51 -4.76 -17.24
C LYS B 132 -32.72 -5.71 -16.35
N GLY B 133 -31.73 -5.18 -15.63
CA GLY B 133 -30.98 -5.92 -14.61
C GLY B 133 -31.89 -6.57 -13.58
N TYR B 134 -32.81 -5.79 -13.03
CA TYR B 134 -33.83 -6.34 -12.13
C TYR B 134 -34.68 -7.47 -12.77
N SER B 135 -35.17 -7.29 -14.01
CA SER B 135 -35.89 -8.38 -14.72
C SER B 135 -35.09 -9.69 -14.76
N PHE B 136 -33.83 -9.59 -15.19
CA PHE B 136 -32.91 -10.73 -15.27
C PHE B 136 -32.77 -11.38 -13.92
N ALA B 137 -32.59 -10.59 -12.88
CA ALA B 137 -32.50 -11.14 -11.53
C ALA B 137 -33.75 -11.97 -11.24
N LEU B 138 -34.90 -11.32 -11.44
CA LEU B 138 -36.21 -11.96 -11.25
C LEU B 138 -36.44 -13.20 -12.14
N ASP B 139 -35.95 -13.16 -13.38
CA ASP B 139 -36.03 -14.32 -14.25
C ASP B 139 -35.28 -15.51 -13.63
N TYR B 140 -34.04 -15.28 -13.16
CA TYR B 140 -33.24 -16.30 -12.47
C TYR B 140 -33.93 -16.88 -11.23
N ALA B 141 -34.49 -16.00 -10.41
CA ALA B 141 -35.08 -16.37 -9.14
C ALA B 141 -36.30 -17.26 -9.36
N ILE B 142 -37.07 -16.95 -10.41
CA ILE B 142 -38.26 -17.73 -10.75
C ILE B 142 -37.87 -19.11 -11.24
N GLU B 143 -36.85 -19.20 -12.08
CA GLU B 143 -36.36 -20.49 -12.52
C GLU B 143 -35.97 -21.30 -11.28
N LYS B 144 -35.26 -20.69 -10.34
CA LYS B 144 -34.72 -21.37 -9.15
C LYS B 144 -35.78 -21.81 -8.15
N ILE B 145 -36.91 -21.13 -8.07
CA ILE B 145 -37.88 -21.39 -7.00
C ILE B 145 -38.97 -22.38 -7.39
N GLN B 146 -39.49 -22.29 -8.62
CA GLN B 146 -40.54 -23.20 -9.08
C GLN B 146 -39.93 -24.29 -9.99
N PRO B 147 -40.27 -25.61 -9.74
CA PRO B 147 -39.59 -26.84 -10.24
C PRO B 147 -38.85 -26.74 -11.60
N SER C 3 -35.24 32.96 -3.06
CA SER C 3 -34.08 31.99 -3.03
C SER C 3 -34.01 31.32 -1.66
N THR C 4 -33.94 30.00 -1.64
CA THR C 4 -33.68 29.32 -0.37
C THR C 4 -32.21 28.84 -0.32
N ILE C 5 -31.60 29.02 0.85
CA ILE C 5 -30.33 28.39 1.21
C ILE C 5 -30.61 27.47 2.38
N LEU C 6 -30.07 26.24 2.29
CA LEU C 6 -30.23 25.22 3.33
C LEU C 6 -28.93 24.95 4.07
N VAL C 7 -28.96 25.11 5.38
CA VAL C 7 -27.86 24.73 6.25
C VAL C 7 -28.22 23.39 6.85
N ILE C 8 -27.33 22.39 6.74
CA ILE C 8 -27.49 21.05 7.32
C ILE C 8 -26.37 20.78 8.30
N HIS C 9 -26.72 20.31 9.50
CA HIS C 9 -25.77 19.98 10.54
C HIS C 9 -25.90 18.48 10.77
N GLY C 10 -24.82 17.73 10.59
CA GLY C 10 -24.85 16.28 10.78
C GLY C 10 -24.81 15.82 12.23
N PRO C 11 -24.50 14.53 12.44
CA PRO C 11 -24.50 13.91 13.76
C PRO C 11 -23.53 14.53 14.74
N ASN C 12 -23.99 14.61 15.98
CA ASN C 12 -23.27 15.08 17.19
C ASN C 12 -23.12 16.58 17.30
N LEU C 13 -23.59 17.34 16.31
CA LEU C 13 -23.46 18.77 16.38
C LEU C 13 -24.49 19.36 17.36
N ASN C 14 -25.55 18.61 17.68
CA ASN C 14 -26.50 19.02 18.75
C ASN C 14 -25.84 19.18 20.15
N LEU C 15 -24.72 18.52 20.39
CA LEU C 15 -23.99 18.60 21.67
C LEU C 15 -23.08 19.83 21.89
N LEU C 16 -22.95 20.68 20.87
CA LEU C 16 -22.11 21.88 20.96
C LEU C 16 -22.43 22.72 22.17
N GLY C 17 -21.41 22.93 22.99
CA GLY C 17 -21.53 23.69 24.24
C GLY C 17 -22.04 22.93 25.45
N LYS C 18 -22.46 21.66 25.27
CA LYS C 18 -23.13 20.90 26.34
C LYS C 18 -22.13 20.19 27.24
N ARG C 19 -21.12 19.54 26.65
CA ARG C 19 -20.04 18.97 27.47
C ARG C 19 -19.05 20.06 27.83
N GLU C 20 -19.05 20.40 29.12
CA GLU C 20 -18.10 21.31 29.79
C GLU C 20 -18.28 22.77 29.34
N PRO C 21 -18.62 23.68 30.30
CA PRO C 21 -18.68 25.11 30.00
C PRO C 21 -17.44 25.71 29.30
N GLU C 22 -16.36 24.94 29.16
CA GLU C 22 -15.39 25.09 28.07
C GLU C 22 -14.94 23.74 27.48
N VAL C 23 -15.30 23.49 26.22
CA VAL C 23 -14.55 22.55 25.35
C VAL C 23 -14.34 23.08 23.92
N TYR C 24 -15.37 23.74 23.36
CA TYR C 24 -15.24 24.67 22.19
C TYR C 24 -16.21 25.88 22.29
N GLY C 25 -16.35 26.44 23.51
CA GLY C 25 -17.24 27.57 23.80
C GLY C 25 -18.58 27.14 24.41
N HIS C 26 -19.46 28.12 24.59
CA HIS C 26 -20.89 27.88 24.83
C HIS C 26 -21.59 28.09 23.50
N LEU C 27 -20.80 28.35 22.48
CA LEU C 27 -21.34 28.44 21.18
C LEU C 27 -22.19 27.18 21.00
N THR C 28 -23.51 27.35 21.00
CA THR C 28 -24.47 26.23 20.77
C THR C 28 -25.01 26.24 19.33
N LEU C 29 -25.81 25.22 19.01
CA LEU C 29 -26.37 25.10 17.68
C LEU C 29 -27.46 26.12 17.40
N ASP C 30 -28.27 26.44 18.43
CA ASP C 30 -29.31 27.47 18.27
C ASP C 30 -28.66 28.84 18.00
N ASN C 31 -27.60 29.18 18.74
CA ASN C 31 -26.86 30.45 18.53
C ASN C 31 -26.42 30.55 17.09
N ILE C 32 -25.71 29.52 16.63
CA ILE C 32 -25.21 29.48 15.25
C ILE C 32 -26.36 29.67 14.27
N ASN C 33 -27.46 28.93 14.47
CA ASN C 33 -28.62 29.01 13.59
C ASN C 33 -29.22 30.44 13.61
N ARG C 34 -29.43 31.00 14.80
CA ARG C 34 -29.95 32.37 14.93
C ARG C 34 -29.08 33.41 14.18
N GLN C 35 -27.80 33.43 14.49
CA GLN C 35 -26.83 34.23 13.75
C GLN C 35 -27.00 34.10 12.20
N LEU C 36 -27.06 32.87 11.70
CA LEU C 36 -27.23 32.62 10.25
C LEU C 36 -28.59 33.12 9.72
N ILE C 37 -29.65 32.91 10.49
CA ILE C 37 -30.98 33.43 10.16
C ILE C 37 -30.96 34.99 10.10
N ALA C 38 -30.41 35.64 11.12
CA ALA C 38 -30.24 37.09 11.06
C ALA C 38 -29.54 37.52 9.75
N GLN C 39 -28.36 36.93 9.48
CA GLN C 39 -27.54 37.28 8.31
C GLN C 39 -28.27 37.19 6.98
N ALA C 40 -29.00 36.11 6.78
CA ALA C 40 -29.78 35.91 5.55
C ALA C 40 -30.95 36.89 5.42
N GLU C 41 -31.56 37.28 6.55
CA GLU C 41 -32.68 38.25 6.56
C GLU C 41 -32.19 39.52 5.89
N GLN C 42 -31.04 40.01 6.36
CA GLN C 42 -30.43 41.26 5.86
C GLN C 42 -30.13 41.28 4.33
N ALA C 43 -30.16 40.15 3.67
CA ALA C 43 -30.17 40.11 2.20
C ALA C 43 -31.42 39.44 1.58
N SER C 44 -32.52 39.38 2.34
CA SER C 44 -33.79 38.79 1.87
C SER C 44 -33.61 37.39 1.28
N ILE C 45 -32.83 36.58 2.00
CA ILE C 45 -32.64 35.20 1.68
C ILE C 45 -33.46 34.46 2.71
N THR C 46 -34.21 33.47 2.26
CA THR C 46 -34.85 32.50 3.14
C THR C 46 -33.79 31.44 3.46
N LEU C 47 -33.58 31.18 4.76
CA LEU C 47 -32.59 30.21 5.23
C LEU C 47 -33.28 29.10 6.03
N ASP C 48 -33.18 27.86 5.58
CA ASP C 48 -33.65 26.71 6.35
C ASP C 48 -32.44 26.16 7.15
N THR C 49 -32.68 25.65 8.37
CA THR C 49 -31.69 24.86 9.12
C THR C 49 -32.22 23.44 9.37
N PHE C 50 -31.29 22.50 9.61
CA PHE C 50 -31.64 21.10 9.83
C PHE C 50 -30.46 20.39 10.48
N GLN C 51 -30.74 19.70 11.58
CA GLN C 51 -29.77 18.82 12.23
C GLN C 51 -30.42 17.45 12.45
N SER C 52 -29.63 16.38 12.28
CA SER C 52 -30.02 15.04 12.73
C SER C 52 -28.82 14.11 12.97
N ASN C 53 -29.05 13.11 13.81
CA ASN C 53 -28.09 12.03 14.06
C ASN C 53 -28.31 10.82 13.12
N TRP C 54 -29.28 10.87 12.24
CA TRP C 54 -29.68 9.74 11.38
C TRP C 54 -29.33 10.07 9.91
N GLU C 55 -28.42 9.29 9.32
CA GLU C 55 -27.95 9.51 7.94
C GLU C 55 -29.14 9.67 6.98
N GLY C 56 -30.10 8.75 7.12
CA GLY C 56 -31.30 8.73 6.27
C GLY C 56 -32.22 9.94 6.35
N ALA C 57 -32.27 10.61 7.50
CA ALA C 57 -33.02 11.88 7.62
C ALA C 57 -32.34 13.05 6.89
N ILE C 58 -31.01 13.01 6.89
CA ILE C 58 -30.21 14.01 6.18
C ILE C 58 -30.40 13.81 4.70
N VAL C 59 -30.41 12.56 4.26
CA VAL C 59 -30.65 12.26 2.86
C VAL C 59 -32.06 12.66 2.42
N ASP C 60 -33.06 12.32 3.25
CA ASP C 60 -34.43 12.82 3.00
C ASP C 60 -34.42 14.32 2.86
N ARG C 61 -33.73 15.00 3.77
CA ARG C 61 -33.82 16.45 3.80
C ARG C 61 -33.29 17.10 2.50
N ILE C 62 -32.15 16.60 2.02
CA ILE C 62 -31.55 17.04 0.73
C ILE C 62 -32.49 16.76 -0.46
N HIS C 63 -33.20 15.61 -0.43
CA HIS C 63 -34.20 15.29 -1.46
C HIS C 63 -35.32 16.31 -1.42
N GLN C 64 -35.77 16.67 -0.22
CA GLN C 64 -36.80 17.70 -0.08
C GLN C 64 -36.37 19.07 -0.58
N ALA C 65 -35.08 19.35 -0.51
CA ALA C 65 -34.50 20.62 -1.00
C ALA C 65 -34.81 20.86 -2.47
N GLN C 66 -34.61 19.83 -3.30
CA GLN C 66 -34.91 19.88 -4.74
C GLN C 66 -36.35 20.36 -5.01
N THR C 67 -37.30 19.82 -4.26
CA THR C 67 -38.73 20.17 -4.40
C THR C 67 -39.00 21.59 -3.85
N GLU C 68 -38.28 22.01 -2.81
CA GLU C 68 -38.32 23.41 -2.32
C GLU C 68 -37.60 24.47 -3.24
N GLY C 69 -37.08 24.05 -4.41
CA GLY C 69 -36.22 24.93 -5.25
C GLY C 69 -34.99 25.57 -4.56
N VAL C 70 -34.31 24.81 -3.69
CA VAL C 70 -33.17 25.31 -2.91
C VAL C 70 -32.00 25.62 -3.85
N LYS C 71 -31.42 26.80 -3.72
CA LYS C 71 -30.40 27.24 -4.66
C LYS C 71 -29.02 26.73 -4.30
N LEU C 72 -28.73 26.60 -3.00
CA LEU C 72 -27.41 26.17 -2.50
C LEU C 72 -27.49 25.62 -1.08
N ILE C 73 -26.70 24.56 -0.78
CA ILE C 73 -26.63 23.94 0.57
C ILE C 73 -25.29 24.27 1.27
N ILE C 74 -25.37 24.68 2.52
CA ILE C 74 -24.22 24.78 3.36
C ILE C 74 -24.31 23.62 4.31
N ILE C 75 -23.31 22.74 4.28
CA ILE C 75 -23.37 21.48 5.05
C ILE C 75 -22.16 21.17 5.89
N ASN C 76 -22.45 20.76 7.13
CA ASN C 76 -21.47 20.18 8.05
C ASN C 76 -21.83 18.74 8.41
N PRO C 77 -21.30 17.77 7.64
CA PRO C 77 -21.67 16.39 7.87
C PRO C 77 -21.05 15.71 9.10
N ALA C 78 -20.22 16.42 9.88
CA ALA C 78 -19.50 15.85 11.01
C ALA C 78 -18.82 14.59 10.54
N ALA C 79 -18.86 13.54 11.37
CA ALA C 79 -18.50 12.16 11.04
C ALA C 79 -18.78 11.64 9.63
N LEU C 80 -19.97 11.97 9.12
CA LEU C 80 -20.44 11.40 7.87
C LEU C 80 -19.59 11.74 6.61
N THR C 81 -18.70 12.71 6.76
CA THR C 81 -17.74 13.05 5.73
C THR C 81 -16.91 11.86 5.37
N HIS C 82 -16.53 11.14 6.40
CA HIS C 82 -15.51 10.16 6.26
C HIS C 82 -16.15 8.81 5.88
N THR C 83 -17.46 8.69 6.00
CA THR C 83 -18.13 7.41 5.82
C THR C 83 -19.23 7.34 4.77
N SER C 84 -19.99 8.41 4.54
CA SER C 84 -21.28 8.29 3.86
C SER C 84 -21.28 8.48 2.36
N VAL C 85 -21.22 7.41 1.58
CA VAL C 85 -21.38 7.51 0.11
C VAL C 85 -22.80 7.91 -0.32
N ALA C 86 -23.80 7.45 0.45
CA ALA C 86 -25.19 7.89 0.28
C ALA C 86 -25.42 9.43 0.27
N LEU C 87 -24.75 10.13 1.17
CA LEU C 87 -24.83 11.60 1.24
C LEU C 87 -24.28 12.22 -0.01
N ARG C 88 -23.12 11.73 -0.46
CA ARG C 88 -22.51 12.20 -1.69
C ARG C 88 -23.46 12.04 -2.86
N ASP C 89 -23.95 10.81 -3.07
CA ASP C 89 -24.91 10.50 -4.17
C ASP C 89 -26.25 11.23 -4.07
N ALA C 90 -26.60 11.67 -2.85
CA ALA C 90 -27.79 12.51 -2.65
C ALA C 90 -27.58 13.95 -3.13
N LEU C 91 -26.44 14.51 -2.74
CA LEU C 91 -26.12 15.85 -3.16
C LEU C 91 -25.97 15.88 -4.68
N LEU C 92 -25.27 14.92 -5.25
CA LEU C 92 -25.12 14.82 -6.70
C LEU C 92 -26.40 14.51 -7.47
N GLY C 93 -27.21 13.56 -6.99
CA GLY C 93 -28.50 13.23 -7.61
C GLY C 93 -29.45 14.40 -7.74
N VAL C 94 -29.49 15.27 -6.71
CA VAL C 94 -30.29 16.50 -6.75
C VAL C 94 -29.59 17.66 -7.45
N ALA C 95 -28.27 17.58 -7.63
CA ALA C 95 -27.52 18.61 -8.38
C ALA C 95 -27.62 20.02 -7.79
N ILE C 96 -27.74 20.13 -6.47
CA ILE C 96 -27.68 21.44 -5.81
C ILE C 96 -26.21 21.60 -5.39
N PRO C 97 -25.56 22.71 -5.78
CA PRO C 97 -24.18 22.83 -5.32
C PRO C 97 -24.17 23.09 -3.82
N PHE C 98 -23.08 22.70 -3.18
CA PHE C 98 -22.90 22.84 -1.73
C PHE C 98 -21.50 23.25 -1.30
N ILE C 99 -21.41 23.81 -0.11
CA ILE C 99 -20.16 24.15 0.54
C ILE C 99 -20.05 23.27 1.78
N GLU C 100 -18.88 22.65 1.96
CA GLU C 100 -18.60 21.82 3.11
C GLU C 100 -17.91 22.64 4.21
N VAL C 101 -18.41 22.53 5.45
CA VAL C 101 -17.96 23.33 6.60
C VAL C 101 -17.69 22.42 7.80
N HIS C 102 -16.61 22.70 8.55
CA HIS C 102 -16.19 21.97 9.73
C HIS C 102 -15.63 22.93 10.78
N LEU C 103 -16.20 22.95 11.97
CA LEU C 103 -15.69 23.81 13.04
C LEU C 103 -14.18 23.59 13.29
N SER C 104 -13.80 22.33 13.42
CA SER C 104 -12.44 21.97 13.68
C SER C 104 -11.66 21.72 12.37
N ASN C 105 -10.34 21.62 12.50
CA ASN C 105 -9.43 21.33 11.39
C ASN C 105 -9.28 19.83 11.32
N VAL C 106 -10.01 19.20 10.41
CA VAL C 106 -9.98 17.71 10.29
C VAL C 106 -8.60 17.16 9.93
N HIS C 107 -7.76 18.01 9.33
CA HIS C 107 -6.39 17.63 8.98
C HIS C 107 -5.47 17.61 10.15
N ALA C 108 -5.86 18.23 11.25
CA ALA C 108 -5.02 18.21 12.47
C ALA C 108 -5.18 16.96 13.36
N ARG C 109 -6.09 16.06 13.03
CA ARG C 109 -6.51 15.01 13.94
C ARG C 109 -6.09 13.67 13.32
N GLU C 110 -6.72 12.58 13.75
CA GLU C 110 -6.40 11.24 13.28
C GLU C 110 -6.39 11.12 11.73
N ALA C 111 -5.59 10.17 11.20
CA ALA C 111 -5.48 9.93 9.77
C ALA C 111 -6.84 9.70 9.04
N PHE C 112 -7.71 8.85 9.59
CA PHE C 112 -9.01 8.54 8.94
C PHE C 112 -9.91 9.75 8.61
N ARG C 113 -9.68 10.88 9.30
CA ARG C 113 -10.38 12.15 9.03
C ARG C 113 -9.83 13.00 7.85
N HIS C 114 -8.72 12.58 7.25
CA HIS C 114 -8.19 13.29 6.09
C HIS C 114 -9.03 12.95 4.83
N HIS C 115 -9.61 11.73 4.75
CA HIS C 115 -10.44 11.29 3.60
C HIS C 115 -11.87 11.80 3.76
N SER C 116 -12.45 12.23 2.64
CA SER C 116 -13.84 12.72 2.58
C SER C 116 -14.56 12.23 1.33
N TYR C 117 -15.76 11.71 1.51
CA TYR C 117 -16.61 11.37 0.34
C TYR C 117 -17.36 12.58 -0.30
N LEU C 118 -17.12 13.79 0.21
CA LEU C 118 -17.73 15.00 -0.32
C LEU C 118 -16.78 16.04 -0.91
N SER C 119 -15.65 16.28 -0.26
CA SER C 119 -14.88 17.49 -0.56
C SER C 119 -14.70 17.74 -2.07
N ASP C 120 -14.35 16.70 -2.83
CA ASP C 120 -14.08 16.78 -4.28
C ASP C 120 -15.24 17.26 -5.11
N LYS C 121 -16.46 17.02 -4.65
CA LYS C 121 -17.69 17.47 -5.30
C LYS C 121 -18.27 18.79 -4.79
N ALA C 122 -17.70 19.36 -3.73
CA ALA C 122 -18.09 20.68 -3.21
C ALA C 122 -17.53 21.83 -4.03
N ILE C 123 -18.19 22.99 -3.95
CA ILE C 123 -17.67 24.22 -4.53
C ILE C 123 -16.29 24.47 -3.91
N GLY C 124 -16.26 24.37 -2.59
CA GLY C 124 -15.06 24.59 -1.79
C GLY C 124 -15.31 24.14 -0.36
N VAL C 125 -14.32 24.33 0.51
CA VAL C 125 -14.40 23.82 1.87
C VAL C 125 -13.76 24.79 2.88
N ILE C 126 -14.42 24.96 4.02
CA ILE C 126 -13.88 25.75 5.12
C ILE C 126 -13.81 24.82 6.30
N CYS C 127 -12.65 24.73 6.93
CA CYS C 127 -12.48 23.92 8.11
C CYS C 127 -11.51 24.63 9.08
N GLY C 128 -11.74 24.43 10.37
CA GLY C 128 -10.82 24.88 11.42
C GLY C 128 -11.08 26.24 12.00
N LEU C 129 -12.04 26.96 11.42
CA LEU C 129 -12.32 28.33 11.78
C LEU C 129 -13.56 28.50 12.69
N GLY C 130 -14.00 27.42 13.33
CA GLY C 130 -15.16 27.50 14.22
C GLY C 130 -16.43 27.94 13.51
N ALA C 131 -17.35 28.52 14.28
CA ALA C 131 -18.68 28.94 13.80
C ALA C 131 -18.68 29.87 12.63
N LYS C 132 -17.76 30.82 12.63
CA LYS C 132 -17.63 31.79 11.50
C LYS C 132 -17.55 31.20 10.09
N GLY C 133 -17.08 29.96 9.99
CA GLY C 133 -17.04 29.23 8.71
C GLY C 133 -18.41 29.10 8.07
N TYR C 134 -19.39 28.79 8.92
CA TYR C 134 -20.80 28.80 8.49
C TYR C 134 -21.15 30.17 7.94
N SER C 135 -20.81 31.25 8.67
CA SER C 135 -21.01 32.63 8.20
C SER C 135 -20.35 32.94 6.86
N PHE C 136 -19.08 32.57 6.75
CA PHE C 136 -18.34 32.82 5.50
C PHE C 136 -19.03 32.06 4.35
N ALA C 137 -19.38 30.81 4.60
CA ALA C 137 -20.07 30.01 3.61
C ALA C 137 -21.35 30.70 3.15
N LEU C 138 -22.13 31.22 4.10
CA LEU C 138 -23.33 32.00 3.77
C LEU C 138 -23.08 33.25 2.96
N ASP C 139 -22.15 34.08 3.43
CA ASP C 139 -21.71 35.26 2.71
C ASP C 139 -21.42 34.93 1.25
N TYR C 140 -20.62 33.89 1.02
CA TYR C 140 -20.33 33.41 -0.32
C TYR C 140 -21.58 33.01 -1.06
N ALA C 141 -22.44 32.27 -0.40
CA ALA C 141 -23.68 31.81 -1.03
C ALA C 141 -24.57 32.97 -1.47
N ILE C 142 -24.66 34.00 -0.63
CA ILE C 142 -25.42 35.20 -0.95
C ILE C 142 -24.86 35.86 -2.19
N GLU C 143 -23.54 35.97 -2.24
CA GLU C 143 -22.83 36.53 -3.38
C GLU C 143 -23.08 35.75 -4.69
N LYS C 144 -22.98 34.43 -4.64
CA LYS C 144 -23.12 33.59 -5.84
C LYS C 144 -24.55 33.55 -6.39
N ILE C 145 -25.54 33.70 -5.51
CA ILE C 145 -26.96 33.63 -5.87
C ILE C 145 -27.53 35.00 -6.30
N GLN C 146 -27.23 36.04 -5.53
CA GLN C 146 -27.64 37.45 -5.81
C GLN C 146 -26.44 38.40 -6.09
N PRO C 147 -25.90 38.41 -7.33
CA PRO C 147 -24.69 39.20 -7.71
C PRO C 147 -24.46 40.58 -7.03
N SER D 3 -1.26 -30.00 36.03
CA SER D 3 -1.70 -28.65 35.52
C SER D 3 -2.88 -28.83 34.59
N THR D 4 -4.06 -28.42 35.01
CA THR D 4 -5.22 -28.43 34.15
C THR D 4 -5.21 -27.15 33.30
N ILE D 5 -4.90 -26.02 33.93
CA ILE D 5 -4.72 -24.72 33.24
C ILE D 5 -3.28 -24.27 33.40
N LEU D 6 -2.71 -23.72 32.33
CA LEU D 6 -1.38 -23.14 32.38
C LEU D 6 -1.52 -21.69 32.00
N VAL D 7 -0.99 -20.80 32.83
CA VAL D 7 -0.96 -19.39 32.55
C VAL D 7 0.46 -19.04 32.18
N ILE D 8 0.67 -18.43 31.02
CA ILE D 8 1.99 -18.01 30.55
C ILE D 8 2.03 -16.50 30.41
N HIS D 9 3.10 -15.89 30.94
CA HIS D 9 3.42 -14.46 30.75
C HIS D 9 4.69 -14.31 29.91
N GLY D 10 4.68 -13.39 28.97
CA GLY D 10 5.82 -13.14 28.09
C GLY D 10 6.80 -12.13 28.62
N PRO D 11 7.71 -11.63 27.74
CA PRO D 11 8.81 -10.77 28.15
C PRO D 11 8.34 -9.52 28.80
N ASN D 12 9.21 -8.94 29.63
CA ASN D 12 8.95 -7.68 30.35
C ASN D 12 7.81 -7.64 31.44
N LEU D 13 6.96 -8.66 31.54
CA LEU D 13 5.84 -8.60 32.46
C LEU D 13 6.28 -8.75 33.91
N ASN D 14 7.42 -9.41 34.13
CA ASN D 14 8.12 -9.46 35.42
C ASN D 14 8.42 -8.11 36.05
N LEU D 15 8.37 -7.04 35.26
CA LEU D 15 8.59 -5.70 35.78
C LEU D 15 7.40 -5.04 36.46
N LEU D 16 6.19 -5.55 36.28
CA LEU D 16 5.06 -4.95 36.95
C LEU D 16 5.42 -4.74 38.38
N GLY D 17 5.17 -3.54 38.90
CA GLY D 17 5.47 -3.23 40.29
C GLY D 17 6.57 -2.21 40.44
N LYS D 18 7.81 -2.66 40.42
CA LYS D 18 8.95 -1.83 40.77
C LYS D 18 9.24 -0.64 39.96
N ARG D 19 8.64 -0.53 38.81
CA ARG D 19 8.91 0.60 37.95
C ARG D 19 8.16 1.83 38.44
N GLU D 20 8.72 2.50 39.45
CA GLU D 20 8.18 3.74 39.99
C GLU D 20 6.71 3.62 40.32
N PRO D 21 6.31 2.87 41.34
CA PRO D 21 4.87 2.60 41.53
C PRO D 21 3.93 3.69 42.07
N GLU D 22 3.99 4.85 41.42
CA GLU D 22 3.15 5.96 41.71
C GLU D 22 2.63 6.56 40.40
N VAL D 23 3.11 6.08 39.26
CA VAL D 23 2.62 6.59 37.97
C VAL D 23 1.86 5.44 37.37
N TYR D 24 2.54 4.30 37.38
CA TYR D 24 2.08 2.99 36.96
C TYR D 24 2.34 2.30 38.28
N GLY D 25 1.30 1.83 38.96
CA GLY D 25 1.56 1.29 40.27
C GLY D 25 1.08 0.03 40.95
N HIS D 26 2.00 -0.42 41.77
CA HIS D 26 1.84 -1.49 42.75
C HIS D 26 1.63 -2.97 42.47
N LEU D 27 0.57 -3.37 41.78
CA LEU D 27 0.35 -4.79 41.57
C LEU D 27 1.50 -5.38 40.81
N THR D 28 1.98 -6.51 41.29
CA THR D 28 3.13 -7.19 40.69
C THR D 28 2.75 -8.46 39.97
N LEU D 29 3.71 -9.03 39.26
CA LEU D 29 3.44 -10.27 38.59
C LEU D 29 3.13 -11.33 39.65
N ASP D 30 3.85 -11.33 40.77
CA ASP D 30 3.55 -12.27 41.86
C ASP D 30 2.13 -12.07 42.40
N ASN D 31 1.67 -10.83 42.52
CA ASN D 31 0.31 -10.56 43.03
C ASN D 31 -0.77 -11.16 42.11
N ILE D 32 -0.61 -10.99 40.81
CA ILE D 32 -1.53 -11.58 39.80
C ILE D 32 -1.57 -13.12 39.85
N ASN D 33 -0.41 -13.75 40.07
CA ASN D 33 -0.32 -15.21 40.19
C ASN D 33 -1.00 -15.75 41.46
N ARG D 34 -0.84 -15.04 42.59
CA ARG D 34 -1.52 -15.39 43.86
C ARG D 34 -3.02 -15.38 43.60
N GLN D 35 -3.50 -14.24 43.12
CA GLN D 35 -4.92 -14.11 42.83
C GLN D 35 -5.37 -15.25 41.90
N LEU D 36 -4.61 -15.54 40.84
CA LEU D 36 -5.00 -16.60 39.91
C LEU D 36 -5.07 -17.97 40.55
N ILE D 37 -4.03 -18.33 41.31
CA ILE D 37 -3.90 -19.67 41.93
C ILE D 37 -5.02 -19.88 42.96
N ALA D 38 -5.30 -18.85 43.75
CA ALA D 38 -6.45 -18.82 44.70
C ALA D 38 -7.82 -19.06 44.04
N GLN D 39 -8.08 -18.40 42.91
CA GLN D 39 -9.34 -18.60 42.15
C GLN D 39 -9.50 -20.04 41.65
N ALA D 40 -8.39 -20.65 41.23
CA ALA D 40 -8.39 -22.03 40.72
C ALA D 40 -8.52 -23.10 41.82
N GLU D 41 -7.83 -22.92 42.95
CA GLU D 41 -8.07 -23.74 44.15
C GLU D 41 -9.55 -23.74 44.55
N GLN D 42 -10.12 -22.53 44.60
CA GLN D 42 -11.52 -22.29 44.93
C GLN D 42 -12.52 -22.98 44.00
N ALA D 43 -12.09 -23.34 42.80
CA ALA D 43 -12.87 -24.17 41.90
C ALA D 43 -12.27 -25.57 41.75
N SER D 44 -11.51 -25.98 42.77
CA SER D 44 -10.75 -27.24 42.78
C SER D 44 -10.17 -27.64 41.41
N ILE D 45 -9.58 -26.67 40.72
CA ILE D 45 -8.85 -26.95 39.47
C ILE D 45 -7.38 -26.54 39.63
N THR D 46 -6.45 -27.35 39.10
CA THR D 46 -5.00 -27.09 39.28
C THR D 46 -4.46 -26.09 38.24
N LEU D 47 -3.51 -25.26 38.65
CA LEU D 47 -3.01 -24.14 37.86
C LEU D 47 -1.49 -23.96 38.00
N ASP D 48 -0.79 -23.98 36.87
CA ASP D 48 0.62 -23.60 36.78
C ASP D 48 0.76 -22.22 36.10
N THR D 49 1.86 -21.54 36.38
CA THR D 49 2.17 -20.23 35.82
C THR D 49 3.60 -20.30 35.30
N PHE D 50 3.93 -19.43 34.36
CA PHE D 50 5.28 -19.34 33.79
C PHE D 50 5.53 -17.93 33.28
N GLN D 51 6.69 -17.36 33.54
CA GLN D 51 7.08 -16.13 32.88
C GLN D 51 8.50 -16.23 32.33
N SER D 52 8.75 -15.65 31.15
CA SER D 52 10.13 -15.49 30.73
C SER D 52 10.28 -14.46 29.67
N ASN D 53 11.48 -13.87 29.66
CA ASN D 53 11.92 -13.02 28.58
C ASN D 53 12.56 -13.74 27.38
N TRP D 54 12.60 -15.07 27.37
CA TRP D 54 13.24 -15.81 26.30
C TRP D 54 12.18 -16.52 25.46
N GLU D 55 12.02 -16.14 24.20
CA GLU D 55 11.00 -16.75 23.33
C GLU D 55 11.06 -18.29 23.37
N GLY D 56 12.25 -18.83 23.14
CA GLY D 56 12.47 -20.28 23.07
C GLY D 56 12.01 -21.07 24.29
N ALA D 57 12.16 -20.47 25.47
CA ALA D 57 11.70 -21.04 26.72
C ALA D 57 10.18 -21.10 26.85
N ILE D 58 9.50 -20.07 26.37
CA ILE D 58 8.04 -20.08 26.34
C ILE D 58 7.53 -21.10 25.34
N VAL D 59 8.20 -21.22 24.20
CA VAL D 59 7.86 -22.25 23.24
C VAL D 59 8.06 -23.58 23.90
N ASP D 60 9.22 -23.77 24.53
CA ASP D 60 9.56 -25.04 25.21
C ASP D 60 8.49 -25.46 26.22
N ARG D 61 8.03 -24.52 27.02
CA ARG D 61 6.94 -24.75 28.00
C ARG D 61 5.61 -25.18 27.33
N ILE D 62 5.27 -24.58 26.19
CA ILE D 62 4.02 -24.90 25.49
C ILE D 62 4.06 -26.33 24.98
N HIS D 63 5.25 -26.84 24.63
CA HIS D 63 5.40 -28.25 24.24
C HIS D 63 5.26 -29.18 25.43
N GLN D 64 5.78 -28.75 26.58
CA GLN D 64 5.69 -29.52 27.81
C GLN D 64 4.25 -29.55 28.31
N ALA D 65 3.46 -28.56 27.94
CA ALA D 65 2.04 -28.52 28.26
C ALA D 65 1.24 -29.60 27.54
N GLN D 66 1.67 -30.00 26.35
CA GLN D 66 1.02 -31.11 25.65
C GLN D 66 1.13 -32.34 26.54
N THR D 67 2.33 -32.61 27.06
CA THR D 67 2.62 -33.88 27.72
C THR D 67 2.12 -33.84 29.17
N GLU D 68 2.11 -32.67 29.79
CA GLU D 68 1.49 -32.51 31.11
C GLU D 68 -0.05 -32.60 31.13
N GLY D 69 -0.71 -32.72 29.96
CA GLY D 69 -2.21 -32.77 29.87
C GLY D 69 -3.00 -31.49 30.14
N VAL D 70 -2.37 -30.33 29.94
CA VAL D 70 -3.02 -29.04 30.11
C VAL D 70 -4.15 -28.89 29.11
N LYS D 71 -5.30 -28.47 29.61
CA LYS D 71 -6.52 -28.44 28.84
C LYS D 71 -6.73 -27.11 28.10
N LEU D 72 -6.18 -26.04 28.66
CA LEU D 72 -6.40 -24.69 28.16
C LEU D 72 -5.24 -23.79 28.62
N ILE D 73 -4.74 -22.97 27.69
CA ILE D 73 -3.68 -22.00 28.02
C ILE D 73 -4.28 -20.58 28.05
N ILE D 74 -3.95 -19.82 29.10
CA ILE D 74 -4.18 -18.39 29.18
C ILE D 74 -2.82 -17.75 28.96
N ILE D 75 -2.68 -16.91 27.92
CA ILE D 75 -1.39 -16.34 27.62
C ILE D 75 -1.48 -14.84 27.43
N ASN D 76 -0.54 -14.14 28.08
CA ASN D 76 -0.23 -12.77 27.74
C ASN D 76 1.15 -12.76 27.10
N PRO D 77 1.22 -12.74 25.76
CA PRO D 77 2.53 -12.70 25.13
C PRO D 77 3.24 -11.36 25.22
N ALA D 78 2.57 -10.31 25.71
CA ALA D 78 3.17 -9.00 25.71
C ALA D 78 3.74 -8.73 24.29
N ALA D 79 5.00 -8.30 24.17
CA ALA D 79 5.64 -7.98 22.88
C ALA D 79 5.66 -9.09 21.79
N LEU D 80 5.58 -10.35 22.21
CA LEU D 80 5.67 -11.48 21.29
C LEU D 80 4.42 -11.64 20.44
N THR D 81 3.33 -11.01 20.87
CA THR D 81 2.10 -11.12 20.11
C THR D 81 2.25 -10.48 18.70
N HIS D 82 3.12 -9.48 18.61
CA HIS D 82 3.32 -8.74 17.38
C HIS D 82 4.35 -9.35 16.41
N THR D 83 5.28 -10.16 16.93
CA THR D 83 6.51 -10.55 16.20
C THR D 83 6.71 -12.03 15.94
N SER D 84 6.22 -12.88 16.84
CA SER D 84 6.57 -14.31 16.89
C SER D 84 5.59 -15.27 16.23
N VAL D 85 5.93 -15.82 15.07
CA VAL D 85 5.08 -16.86 14.43
C VAL D 85 5.47 -18.27 14.89
N ALA D 86 6.65 -18.40 15.50
CA ALA D 86 7.00 -19.60 16.23
C ALA D 86 6.05 -19.82 17.43
N LEU D 87 5.74 -18.77 18.16
CA LEU D 87 4.78 -18.85 19.24
C LEU D 87 3.39 -19.34 18.77
N ARG D 88 2.95 -18.80 17.64
CA ARG D 88 1.73 -19.22 16.97
C ARG D 88 1.78 -20.70 16.60
N ASP D 89 2.87 -21.12 15.94
CA ASP D 89 2.98 -22.51 15.47
C ASP D 89 3.10 -23.57 16.58
N ALA D 90 3.58 -23.17 17.74
CA ALA D 90 3.70 -24.05 18.88
C ALA D 90 2.31 -24.27 19.50
N LEU D 91 1.55 -23.20 19.70
CA LEU D 91 0.17 -23.32 20.18
C LEU D 91 -0.68 -24.17 19.23
N LEU D 92 -0.53 -23.99 17.93
CA LEU D 92 -1.19 -24.88 16.95
C LEU D 92 -0.64 -26.31 16.98
N GLY D 93 0.68 -26.49 16.91
CA GLY D 93 1.35 -27.79 17.14
C GLY D 93 0.75 -28.67 18.24
N VAL D 94 0.75 -28.17 19.48
CA VAL D 94 0.17 -28.90 20.63
C VAL D 94 -1.36 -28.98 20.70
N ALA D 95 -2.04 -28.23 19.82
CA ALA D 95 -3.51 -28.14 19.73
C ALA D 95 -4.31 -27.89 21.04
N ILE D 96 -3.77 -26.99 21.88
CA ILE D 96 -4.38 -26.63 23.17
C ILE D 96 -5.14 -25.33 22.97
N PRO D 97 -6.45 -25.31 23.25
CA PRO D 97 -7.15 -24.06 23.03
C PRO D 97 -6.57 -22.95 23.94
N PHE D 98 -6.51 -21.71 23.45
CA PHE D 98 -6.03 -20.63 24.31
C PHE D 98 -6.82 -19.35 24.28
N ILE D 99 -6.63 -18.54 25.33
CA ILE D 99 -7.19 -17.18 25.47
C ILE D 99 -6.04 -16.17 25.62
N GLU D 100 -6.08 -15.11 24.79
CA GLU D 100 -5.04 -14.06 24.80
C GLU D 100 -5.44 -12.94 25.74
N VAL D 101 -4.56 -12.54 26.62
CA VAL D 101 -4.87 -11.48 27.60
C VAL D 101 -3.81 -10.37 27.52
N HIS D 102 -4.21 -9.11 27.57
CA HIS D 102 -3.26 -8.02 27.72
C HIS D 102 -3.74 -7.09 28.82
N LEU D 103 -2.80 -6.58 29.61
CA LEU D 103 -3.15 -5.67 30.70
C LEU D 103 -3.71 -4.36 30.17
N SER D 104 -2.95 -3.77 29.24
CA SER D 104 -3.31 -2.52 28.63
C SER D 104 -4.08 -2.72 27.33
N ASN D 105 -4.78 -1.64 26.96
CA ASN D 105 -5.42 -1.50 25.68
C ASN D 105 -4.35 -1.32 24.59
N VAL D 106 -4.17 -2.38 23.81
CA VAL D 106 -3.10 -2.48 22.83
C VAL D 106 -3.51 -1.69 21.57
N HIS D 107 -4.81 -1.50 21.41
CA HIS D 107 -5.35 -0.73 20.29
C HIS D 107 -5.18 0.75 20.51
N ALA D 108 -5.05 1.17 21.75
CA ALA D 108 -4.86 2.57 22.11
C ALA D 108 -3.45 3.13 21.92
N ARG D 109 -2.49 2.30 21.51
CA ARG D 109 -1.10 2.70 21.38
C ARG D 109 -0.64 2.63 19.90
N GLU D 110 0.66 2.51 19.67
CA GLU D 110 1.28 2.56 18.34
C GLU D 110 0.71 1.54 17.32
N ALA D 111 0.75 1.90 16.04
CA ALA D 111 0.05 1.14 15.01
C ALA D 111 0.62 -0.27 14.83
N PHE D 112 1.93 -0.43 14.95
CA PHE D 112 2.50 -1.77 14.92
C PHE D 112 1.89 -2.75 15.92
N ARG D 113 1.41 -2.25 17.06
CA ARG D 113 0.78 -3.11 18.09
C ARG D 113 -0.64 -3.64 17.75
N HIS D 114 -1.26 -3.12 16.71
CA HIS D 114 -2.55 -3.59 16.27
C HIS D 114 -2.49 -5.00 15.69
N HIS D 115 -1.36 -5.34 15.10
CA HIS D 115 -1.17 -6.66 14.51
C HIS D 115 -0.87 -7.70 15.60
N SER D 116 -1.35 -8.94 15.40
CA SER D 116 -1.06 -10.08 16.28
C SER D 116 -0.89 -11.37 15.48
N TYR D 117 0.08 -12.22 15.84
CA TYR D 117 0.19 -13.57 15.28
C TYR D 117 -0.63 -14.63 16.06
N LEU D 118 -1.37 -14.23 17.11
CA LEU D 118 -2.14 -15.18 17.92
C LEU D 118 -3.64 -14.95 17.96
N SER D 119 -4.04 -13.68 17.88
CA SER D 119 -5.45 -13.29 17.99
C SER D 119 -6.40 -14.21 17.26
N ASP D 120 -6.12 -14.48 15.99
CA ASP D 120 -7.10 -15.14 15.12
C ASP D 120 -7.30 -16.62 15.40
N LYS D 121 -6.39 -17.19 16.17
CA LYS D 121 -6.43 -18.60 16.59
C LYS D 121 -6.77 -18.80 18.08
N ALA D 122 -6.98 -17.71 18.81
CA ALA D 122 -7.40 -17.74 20.20
C ALA D 122 -8.89 -17.92 20.22
N ILE D 123 -9.42 -18.45 21.32
CA ILE D 123 -10.85 -18.55 21.52
C ILE D 123 -11.36 -17.11 21.57
N GLY D 124 -10.62 -16.30 22.30
CA GLY D 124 -10.98 -14.93 22.52
C GLY D 124 -9.81 -14.13 23.05
N VAL D 125 -10.08 -12.84 23.21
CA VAL D 125 -9.06 -11.86 23.59
C VAL D 125 -9.68 -10.89 24.58
N ILE D 126 -8.88 -10.50 25.55
CA ILE D 126 -9.27 -9.51 26.51
C ILE D 126 -8.07 -8.60 26.61
N CYS D 127 -8.29 -7.30 26.41
CA CYS D 127 -7.23 -6.32 26.59
C CYS D 127 -7.78 -5.05 27.23
N GLY D 128 -6.91 -4.39 27.99
CA GLY D 128 -7.23 -3.09 28.55
C GLY D 128 -7.85 -3.06 29.92
N LEU D 129 -8.26 -4.22 30.46
CA LEU D 129 -8.93 -4.28 31.75
C LEU D 129 -8.01 -4.62 32.95
N GLY D 130 -6.71 -4.37 32.82
CA GLY D 130 -5.74 -4.70 33.86
C GLY D 130 -5.75 -6.17 34.29
N ALA D 131 -5.38 -6.42 35.55
CA ALA D 131 -5.26 -7.77 36.12
C ALA D 131 -6.53 -8.64 36.05
N LYS D 132 -7.70 -8.02 36.20
CA LYS D 132 -8.97 -8.75 36.12
C LYS D 132 -9.23 -9.43 34.78
N GLY D 133 -8.48 -9.04 33.75
CA GLY D 133 -8.52 -9.73 32.46
C GLY D 133 -8.02 -11.16 32.47
N TYR D 134 -7.04 -11.46 33.33
CA TYR D 134 -6.65 -12.85 33.56
C TYR D 134 -7.75 -13.62 34.36
N SER D 135 -8.38 -12.97 35.35
CA SER D 135 -9.47 -13.57 36.09
C SER D 135 -10.65 -13.91 35.21
N PHE D 136 -10.99 -12.96 34.35
CA PHE D 136 -12.10 -13.21 33.47
C PHE D 136 -11.78 -14.42 32.58
N ALA D 137 -10.55 -14.48 32.06
CA ALA D 137 -10.12 -15.58 31.19
C ALA D 137 -10.19 -16.91 31.92
N LEU D 138 -9.75 -16.91 33.19
CA LEU D 138 -9.72 -18.12 34.02
C LEU D 138 -11.12 -18.63 34.29
N ASP D 139 -11.94 -17.70 34.77
CA ASP D 139 -13.36 -17.86 34.99
C ASP D 139 -14.01 -18.53 33.80
N TYR D 140 -13.80 -17.97 32.60
CA TYR D 140 -14.34 -18.57 31.37
C TYR D 140 -13.83 -19.98 31.18
N ALA D 141 -12.51 -20.18 31.36
CA ALA D 141 -11.88 -21.49 31.17
C ALA D 141 -12.48 -22.54 32.08
N ILE D 142 -12.69 -22.19 33.35
CA ILE D 142 -13.27 -23.09 34.35
C ILE D 142 -14.64 -23.59 33.93
N GLU D 143 -15.47 -22.69 33.43
CA GLU D 143 -16.75 -23.08 32.82
C GLU D 143 -16.61 -24.05 31.64
N LYS D 144 -15.62 -23.83 30.77
CA LYS D 144 -15.41 -24.70 29.61
C LYS D 144 -14.97 -26.11 30.01
N ILE D 145 -14.00 -26.23 30.92
CA ILE D 145 -13.50 -27.54 31.34
C ILE D 145 -14.44 -28.25 32.37
N GLN D 146 -15.20 -27.47 33.15
CA GLN D 146 -16.11 -28.01 34.20
C GLN D 146 -17.48 -27.29 34.25
N PRO D 147 -18.42 -27.66 33.36
CA PRO D 147 -19.74 -26.98 33.27
C PRO D 147 -20.53 -26.71 34.59
N SER E 3 39.53 25.22 0.71
CA SER E 3 38.92 24.34 1.78
C SER E 3 39.26 22.86 1.61
N THR E 4 39.53 22.20 2.72
CA THR E 4 39.63 20.76 2.75
C THR E 4 38.26 20.15 3.15
N ILE E 5 37.64 20.69 4.21
CA ILE E 5 36.27 20.38 4.64
C ILE E 5 35.31 21.56 4.43
N LEU E 6 34.05 21.25 4.09
CA LEU E 6 32.96 22.22 3.96
C LEU E 6 31.76 21.74 4.77
N VAL E 7 31.26 22.61 5.66
CA VAL E 7 30.02 22.35 6.40
C VAL E 7 28.88 23.09 5.71
N ILE E 8 27.76 22.39 5.49
CA ILE E 8 26.59 22.99 4.84
C ILE E 8 25.37 22.87 5.75
N HIS E 9 24.74 24.02 6.01
CA HIS E 9 23.52 24.11 6.79
C HIS E 9 22.33 24.49 5.89
N GLY E 10 21.34 23.60 5.85
CA GLY E 10 20.13 23.80 5.08
C GLY E 10 19.17 24.84 5.67
N PRO E 11 17.95 24.92 5.08
CA PRO E 11 16.98 25.96 5.44
C PRO E 11 16.54 25.95 6.91
N ASN E 12 16.24 27.14 7.43
CA ASN E 12 15.72 27.34 8.80
C ASN E 12 16.73 27.19 9.97
N LEU E 13 17.95 26.69 9.71
CA LEU E 13 18.93 26.51 10.78
C LEU E 13 19.50 27.83 11.31
N ASN E 14 19.40 28.85 10.48
CA ASN E 14 19.69 30.24 10.88
C ASN E 14 18.82 30.78 12.01
N LEU E 15 17.68 30.13 12.30
CA LEU E 15 16.86 30.50 13.47
C LEU E 15 17.44 30.07 14.79
N LEU E 16 18.37 29.13 14.79
CA LEU E 16 18.84 28.57 16.05
C LEU E 16 19.21 29.67 17.06
N GLY E 17 18.55 29.62 18.21
CA GLY E 17 18.84 30.49 19.34
C GLY E 17 18.29 31.91 19.27
N LYS E 18 17.37 32.20 18.35
CA LYS E 18 16.86 33.55 18.13
C LYS E 18 15.50 33.82 18.74
N ARG E 19 14.82 32.83 19.28
CA ARG E 19 13.49 33.05 19.78
C ARG E 19 13.41 32.46 21.15
N GLU E 20 13.11 33.30 22.15
CA GLU E 20 13.03 32.94 23.58
C GLU E 20 14.08 31.92 23.98
N PRO E 21 15.36 32.32 23.94
CA PRO E 21 16.45 31.37 24.09
C PRO E 21 16.43 30.50 25.32
N GLU E 22 15.73 30.93 26.35
CA GLU E 22 15.66 30.19 27.56
C GLU E 22 14.70 29.05 27.40
N VAL E 23 13.83 29.08 26.39
CA VAL E 23 12.92 27.98 26.16
C VAL E 23 13.39 27.07 25.04
N TYR E 24 13.86 27.61 23.91
CA TYR E 24 14.24 26.78 22.75
C TYR E 24 15.76 26.58 22.61
N GLY E 25 16.49 27.29 23.45
CA GLY E 25 17.93 27.06 23.70
C GLY E 25 18.83 28.10 23.10
N HIS E 26 19.98 28.32 23.73
CA HIS E 26 20.80 29.50 23.44
C HIS E 26 21.65 29.34 22.20
N LEU E 27 21.88 28.09 21.81
CA LEU E 27 22.88 27.83 20.83
C LEU E 27 22.49 28.39 19.47
N THR E 28 23.38 29.20 18.87
CA THR E 28 23.20 29.74 17.52
C THR E 28 24.04 29.00 16.48
N LEU E 29 23.71 29.29 15.23
CA LEU E 29 24.44 28.77 14.11
C LEU E 29 25.87 29.30 14.12
N ASP E 30 26.05 30.56 14.48
CA ASP E 30 27.40 31.12 14.57
C ASP E 30 28.25 30.35 15.56
N ASN E 31 27.68 29.99 16.71
CA ASN E 31 28.40 29.20 17.73
C ASN E 31 28.83 27.82 17.22
N ILE E 32 27.94 27.15 16.50
CA ILE E 32 28.28 25.86 15.90
C ILE E 32 29.51 26.03 14.95
N ASN E 33 29.43 27.03 14.07
CA ASN E 33 30.52 27.34 13.15
C ASN E 33 31.81 27.72 13.88
N ARG E 34 31.73 28.57 14.90
CA ARG E 34 32.90 28.99 15.67
C ARG E 34 33.66 27.78 16.23
N GLN E 35 32.88 26.83 16.74
CA GLN E 35 33.43 25.66 17.38
C GLN E 35 34.11 24.69 16.36
N LEU E 36 33.52 24.54 15.18
CA LEU E 36 34.09 23.69 14.14
C LEU E 36 35.33 24.33 13.46
N ILE E 37 35.39 25.65 13.40
CA ILE E 37 36.54 26.33 12.83
C ILE E 37 37.78 26.19 13.73
N ALA E 38 37.60 26.34 15.06
CA ALA E 38 38.65 26.03 16.09
C ALA E 38 39.11 24.57 16.08
N GLN E 39 38.15 23.64 16.00
CA GLN E 39 38.45 22.22 15.97
C GLN E 39 39.25 21.90 14.71
N ALA E 40 38.83 22.46 13.57
CA ALA E 40 39.60 22.29 12.33
C ALA E 40 41.03 22.90 12.44
N GLU E 41 41.12 24.10 13.01
CA GLU E 41 42.40 24.75 13.29
C GLU E 41 43.33 23.86 14.07
N GLN E 42 42.85 23.23 15.14
CA GLN E 42 43.69 22.26 15.84
C GLN E 42 44.26 21.17 14.93
N ALA E 43 43.51 20.70 13.95
CA ALA E 43 44.00 19.63 13.07
C ALA E 43 44.79 20.08 11.84
N SER E 44 45.03 21.39 11.70
CA SER E 44 45.68 21.95 10.51
C SER E 44 44.92 21.60 9.23
N ILE E 45 43.59 21.79 9.31
CA ILE E 45 42.62 21.54 8.23
C ILE E 45 41.81 22.81 8.05
N THR E 46 41.58 23.18 6.80
CA THR E 46 40.77 24.36 6.52
C THR E 46 39.32 23.95 6.39
N LEU E 47 38.45 24.73 7.02
CA LEU E 47 37.05 24.40 7.10
C LEU E 47 36.28 25.64 6.69
N ASP E 48 35.41 25.51 5.68
CA ASP E 48 34.46 26.60 5.36
C ASP E 48 33.04 26.15 5.73
N THR E 49 32.13 27.12 5.79
CA THR E 49 30.77 26.91 6.27
C THR E 49 29.84 27.70 5.37
N PHE E 50 28.61 27.22 5.16
CA PHE E 50 27.60 27.88 4.33
C PHE E 50 26.21 27.56 4.85
N GLN E 51 25.33 28.55 4.86
CA GLN E 51 23.91 28.35 5.14
C GLN E 51 23.06 29.10 4.14
N SER E 52 21.96 28.48 3.70
CA SER E 52 20.97 29.18 2.88
C SER E 52 19.58 28.54 3.01
N ASN E 53 18.55 29.36 2.84
CA ASN E 53 17.19 28.85 2.76
C ASN E 53 16.79 28.53 1.32
N TRP E 54 17.69 28.77 0.37
CA TRP E 54 17.40 28.55 -1.05
C TRP E 54 18.07 27.24 -1.56
N GLU E 55 17.27 26.25 -1.97
CA GLU E 55 17.78 24.98 -2.46
C GLU E 55 18.92 25.22 -3.50
N GLY E 56 18.65 26.08 -4.48
CA GLY E 56 19.60 26.36 -5.56
C GLY E 56 20.93 27.01 -5.16
N ALA E 57 20.91 27.73 -4.04
CA ALA E 57 22.11 28.32 -3.48
C ALA E 57 22.96 27.19 -2.93
N ILE E 58 22.30 26.21 -2.31
CA ILE E 58 23.01 25.04 -1.74
C ILE E 58 23.59 24.18 -2.84
N VAL E 59 22.83 24.03 -3.92
CA VAL E 59 23.29 23.22 -5.04
C VAL E 59 24.47 23.88 -5.77
N ASP E 60 24.41 25.21 -5.90
CA ASP E 60 25.53 26.00 -6.45
C ASP E 60 26.78 25.86 -5.60
N ARG E 61 26.61 25.98 -4.28
CA ARG E 61 27.74 25.87 -3.36
C ARG E 61 28.46 24.49 -3.44
N ILE E 62 27.68 23.42 -3.59
CA ILE E 62 28.22 22.05 -3.79
C ILE E 62 28.97 21.88 -5.12
N HIS E 63 28.53 22.61 -6.16
CA HIS E 63 29.29 22.65 -7.42
C HIS E 63 30.64 23.31 -7.25
N GLN E 64 30.64 24.46 -6.58
CA GLN E 64 31.86 25.19 -6.33
C GLN E 64 32.82 24.40 -5.48
N ALA E 65 32.31 23.69 -4.48
CA ALA E 65 33.16 22.82 -3.68
C ALA E 65 34.05 21.95 -4.54
N GLN E 66 33.54 21.42 -5.64
CA GLN E 66 34.37 20.63 -6.56
C GLN E 66 35.54 21.45 -7.09
N THR E 67 35.28 22.69 -7.51
CA THR E 67 36.33 23.56 -8.08
C THR E 67 37.33 24.07 -7.03
N GLU E 68 36.93 24.05 -5.75
CA GLU E 68 37.81 24.31 -4.61
C GLU E 68 38.55 23.07 -4.05
N GLY E 69 38.38 21.90 -4.66
CA GLY E 69 38.99 20.67 -4.16
C GLY E 69 38.61 20.24 -2.75
N VAL E 70 37.34 20.44 -2.39
CA VAL E 70 36.87 20.05 -1.08
C VAL E 70 36.90 18.53 -1.07
N LYS E 71 37.38 17.98 0.04
CA LYS E 71 37.60 16.54 0.17
C LYS E 71 36.43 15.81 0.85
N LEU E 72 35.71 16.48 1.73
CA LEU E 72 34.59 15.86 2.42
C LEU E 72 33.68 16.95 2.84
N ILE E 73 32.38 16.71 2.70
CA ILE E 73 31.32 17.66 3.06
C ILE E 73 30.57 17.19 4.30
N ILE E 74 30.38 18.05 5.28
CA ILE E 74 29.47 17.71 6.37
C ILE E 74 28.24 18.54 6.12
N ILE E 75 27.08 17.89 6.02
CA ILE E 75 25.86 18.58 5.64
C ILE E 75 24.73 18.26 6.61
N ASN E 76 24.02 19.28 7.06
CA ASN E 76 22.75 19.14 7.74
C ASN E 76 21.75 19.73 6.79
N PRO E 77 21.17 18.89 5.93
CA PRO E 77 20.28 19.46 4.93
C PRO E 77 18.95 19.95 5.52
N ALA E 78 18.70 19.63 6.79
CA ALA E 78 17.46 19.96 7.51
C ALA E 78 16.26 19.43 6.70
N ALA E 79 15.25 20.24 6.42
CA ALA E 79 14.01 19.72 5.80
C ALA E 79 14.20 19.22 4.37
N LEU E 80 15.27 19.66 3.70
CA LEU E 80 15.56 19.27 2.31
C LEU E 80 15.88 17.80 2.19
N THR E 81 16.28 17.17 3.29
CA THR E 81 16.54 15.76 3.30
C THR E 81 15.36 14.93 2.83
N HIS E 82 14.15 15.38 3.17
CA HIS E 82 12.95 14.65 2.83
C HIS E 82 12.49 14.93 1.42
N THR E 83 12.97 15.97 0.75
CA THR E 83 12.40 16.42 -0.55
C THR E 83 13.32 16.57 -1.77
N SER E 84 14.58 16.96 -1.56
CA SER E 84 15.47 17.47 -2.62
C SER E 84 16.29 16.40 -3.27
N VAL E 85 15.78 15.85 -4.37
CA VAL E 85 16.53 14.93 -5.24
C VAL E 85 17.69 15.69 -5.89
N ALA E 86 17.47 16.97 -6.14
CA ALA E 86 18.47 17.83 -6.75
C ALA E 86 19.71 18.00 -5.89
N LEU E 87 19.54 17.84 -4.60
CA LEU E 87 20.62 17.95 -3.66
C LEU E 87 21.48 16.69 -3.70
N ARG E 88 20.81 15.55 -3.76
CA ARG E 88 21.46 14.24 -3.85
C ARG E 88 22.28 14.12 -5.13
N ASP E 89 21.67 14.44 -6.26
CA ASP E 89 22.34 14.46 -7.57
C ASP E 89 23.52 15.48 -7.70
N ALA E 90 23.40 16.63 -7.03
CA ALA E 90 24.58 17.49 -6.81
C ALA E 90 25.67 16.75 -6.03
N LEU E 91 25.33 16.13 -4.91
CA LEU E 91 26.40 15.54 -4.11
C LEU E 91 27.06 14.40 -4.87
N LEU E 92 26.25 13.60 -5.58
CA LEU E 92 26.76 12.46 -6.36
C LEU E 92 27.49 12.89 -7.65
N GLY E 93 26.94 13.92 -8.30
CA GLY E 93 27.53 14.55 -9.48
C GLY E 93 28.94 15.11 -9.36
N VAL E 94 29.24 15.83 -8.27
CA VAL E 94 30.64 16.20 -7.92
C VAL E 94 31.44 15.14 -7.18
N ALA E 95 30.74 14.10 -6.70
CA ALA E 95 31.35 12.94 -6.03
C ALA E 95 32.22 13.27 -4.81
N ILE E 96 31.78 14.22 -3.99
CA ILE E 96 32.44 14.54 -2.73
C ILE E 96 31.71 13.74 -1.65
N PRO E 97 32.42 12.84 -0.93
CA PRO E 97 31.81 12.11 0.19
C PRO E 97 31.21 13.06 1.21
N PHE E 98 30.21 12.57 1.94
CA PHE E 98 29.59 13.41 2.96
C PHE E 98 28.95 12.68 4.11
N ILE E 99 28.85 13.39 5.22
CA ILE E 99 28.17 12.87 6.39
C ILE E 99 26.92 13.71 6.63
N GLU E 100 25.76 13.07 6.70
CA GLU E 100 24.52 13.76 7.00
C GLU E 100 24.43 13.96 8.52
N VAL E 101 24.15 15.17 8.98
CA VAL E 101 23.94 15.43 10.41
C VAL E 101 22.54 16.02 10.64
N HIS E 102 21.93 15.69 11.78
CA HIS E 102 20.74 16.39 12.26
C HIS E 102 20.82 16.66 13.72
N LEU E 103 20.51 17.90 14.12
CA LEU E 103 20.51 18.28 15.55
C LEU E 103 19.59 17.37 16.34
N SER E 104 18.39 17.14 15.80
CA SER E 104 17.38 16.32 16.48
C SER E 104 17.17 14.93 15.84
N ASN E 105 16.52 14.08 16.64
CA ASN E 105 16.19 12.72 16.26
C ASN E 105 14.96 12.81 15.37
N VAL E 106 15.16 12.61 14.07
CA VAL E 106 14.08 12.71 13.08
C VAL E 106 13.21 11.46 13.09
N HIS E 107 13.73 10.35 13.64
CA HIS E 107 12.95 9.10 13.78
C HIS E 107 11.90 9.24 14.88
N ALA E 108 12.07 10.19 15.80
CA ALA E 108 11.08 10.47 16.83
C ALA E 108 9.97 11.40 16.36
N ARG E 109 10.05 11.93 15.13
CA ARG E 109 9.05 12.90 14.67
C ARG E 109 7.95 12.27 13.75
N GLU E 110 7.35 13.04 12.85
CA GLU E 110 6.32 12.52 11.97
C GLU E 110 6.87 11.50 10.94
N ALA E 111 6.01 10.55 10.59
CA ALA E 111 6.27 9.50 9.61
C ALA E 111 7.12 9.94 8.45
N PHE E 112 6.74 11.05 7.85
CA PHE E 112 7.43 11.54 6.68
C PHE E 112 8.87 11.96 6.89
N ARG E 113 9.31 12.07 8.15
CA ARG E 113 10.71 12.37 8.45
C ARG E 113 11.57 11.09 8.53
N HIS E 114 10.94 9.95 8.26
CA HIS E 114 11.59 8.65 8.10
C HIS E 114 12.26 8.46 6.74
N HIS E 115 11.65 8.97 5.65
CA HIS E 115 12.30 8.98 4.32
C HIS E 115 13.40 10.06 4.20
N SER E 116 14.46 9.75 3.42
CA SER E 116 15.54 10.69 3.12
C SER E 116 16.12 10.43 1.74
N TYR E 117 16.22 11.46 0.90
CA TYR E 117 16.89 11.35 -0.40
C TYR E 117 18.41 11.39 -0.34
N LEU E 118 19.03 11.48 0.84
CA LEU E 118 20.51 11.47 0.97
C LEU E 118 21.12 10.36 1.84
N SER E 119 20.44 9.97 2.92
CA SER E 119 20.98 9.06 3.93
C SER E 119 21.68 7.88 3.33
N ASP E 120 21.06 7.27 2.30
CA ASP E 120 21.57 6.04 1.71
C ASP E 120 22.84 6.21 0.84
N LYS E 121 23.23 7.44 0.50
CA LYS E 121 24.51 7.68 -0.18
C LYS E 121 25.56 8.33 0.71
N ALA E 122 25.20 8.68 1.93
CA ALA E 122 26.15 9.16 2.91
C ALA E 122 27.21 8.10 3.32
N ILE E 123 28.33 8.55 3.88
CA ILE E 123 29.23 7.64 4.57
C ILE E 123 28.41 7.09 5.71
N GLY E 124 27.89 8.01 6.52
CA GLY E 124 27.02 7.67 7.66
C GLY E 124 26.15 8.85 8.08
N VAL E 125 25.39 8.65 9.16
CA VAL E 125 24.43 9.64 9.63
C VAL E 125 24.48 9.77 11.14
N ILE E 126 24.44 11.00 11.65
CA ILE E 126 24.35 11.25 13.08
C ILE E 126 23.10 12.07 13.31
N CYS E 127 22.18 11.58 14.13
CA CYS E 127 20.97 12.39 14.42
C CYS E 127 20.59 12.42 15.91
N GLY E 128 20.17 13.59 16.39
CA GLY E 128 19.67 13.74 17.76
C GLY E 128 20.68 14.02 18.85
N LEU E 129 21.96 14.18 18.50
CA LEU E 129 22.98 14.51 19.50
C LEU E 129 23.32 16.02 19.55
N GLY E 130 22.35 16.88 19.16
CA GLY E 130 22.56 18.32 19.10
C GLY E 130 23.82 18.74 18.34
N ALA E 131 24.34 19.91 18.71
CA ALA E 131 25.56 20.47 18.10
C ALA E 131 26.77 19.53 18.01
N LYS E 132 26.91 18.60 18.95
CA LYS E 132 28.07 17.72 18.96
C LYS E 132 28.02 16.76 17.79
N GLY E 133 26.83 16.45 17.30
CA GLY E 133 26.70 15.77 16.02
C GLY E 133 27.65 16.29 14.95
N TYR E 134 27.69 17.60 14.77
CA TYR E 134 28.65 18.23 13.85
C TYR E 134 30.13 17.93 14.20
N SER E 135 30.50 17.97 15.49
CA SER E 135 31.90 17.70 15.95
C SER E 135 32.39 16.26 15.72
N PHE E 136 31.46 15.34 15.86
CA PHE E 136 31.76 13.96 15.65
C PHE E 136 31.97 13.71 14.16
N ALA E 137 31.10 14.27 13.33
CA ALA E 137 31.31 14.27 11.87
C ALA E 137 32.68 14.85 11.51
N LEU E 138 33.06 15.97 12.11
CA LEU E 138 34.36 16.60 11.82
C LEU E 138 35.54 15.73 12.30
N ASP E 139 35.41 15.17 13.50
CA ASP E 139 36.40 14.24 14.07
C ASP E 139 36.62 13.09 13.08
N TYR E 140 35.53 12.45 12.64
CA TYR E 140 35.63 11.33 11.73
C TYR E 140 36.32 11.79 10.47
N ALA E 141 35.95 12.98 9.98
CA ALA E 141 36.46 13.52 8.71
C ALA E 141 37.96 13.86 8.73
N ILE E 142 38.41 14.50 9.80
CA ILE E 142 39.83 14.71 10.04
C ILE E 142 40.57 13.37 10.09
N GLU E 143 39.97 12.35 10.68
CA GLU E 143 40.64 11.06 10.73
C GLU E 143 40.75 10.40 9.34
N LYS E 144 39.79 10.64 8.44
CA LYS E 144 39.78 10.04 7.09
C LYS E 144 40.76 10.67 6.08
N ILE E 145 40.89 11.99 6.12
CA ILE E 145 41.66 12.72 5.11
C ILE E 145 43.17 12.62 5.38
N GLN E 146 43.52 12.53 6.67
CA GLN E 146 44.90 12.38 7.14
C GLN E 146 44.97 11.44 8.37
N PRO E 147 45.14 10.10 8.16
CA PRO E 147 45.06 9.07 9.23
C PRO E 147 45.70 9.40 10.61
N SER F 3 4.69 45.31 10.79
CA SER F 3 3.26 44.91 10.50
C SER F 3 2.56 43.96 11.51
N THR F 4 1.23 43.90 11.44
CA THR F 4 0.43 43.01 12.29
C THR F 4 0.05 41.70 11.54
N ILE F 5 -0.40 41.78 10.29
CA ILE F 5 -0.76 40.57 9.51
C ILE F 5 -0.03 40.52 8.17
N LEU F 6 0.38 39.33 7.76
CA LEU F 6 1.14 39.13 6.51
C LEU F 6 0.38 38.20 5.58
N VAL F 7 0.11 38.61 4.34
CA VAL F 7 -0.43 37.69 3.32
C VAL F 7 0.69 37.22 2.38
N ILE F 8 0.88 35.88 2.28
CA ILE F 8 1.91 35.25 1.45
C ILE F 8 1.30 34.45 0.30
N HIS F 9 1.68 34.80 -0.93
CA HIS F 9 1.24 34.07 -2.13
C HIS F 9 2.43 33.36 -2.73
N GLY F 10 2.21 32.09 -2.97
CA GLY F 10 3.24 31.24 -3.53
C GLY F 10 3.33 31.30 -5.04
N PRO F 11 4.11 30.39 -5.60
CA PRO F 11 4.42 30.32 -7.00
C PRO F 11 3.19 30.17 -7.87
N ASN F 12 3.30 30.81 -9.04
CA ASN F 12 2.32 30.84 -10.13
C ASN F 12 1.15 31.76 -9.92
N LEU F 13 0.96 32.26 -8.71
CA LEU F 13 -0.19 33.10 -8.45
C LEU F 13 -0.12 34.46 -9.12
N ASN F 14 1.09 34.87 -9.48
CA ASN F 14 1.27 36.07 -10.31
C ASN F 14 0.63 35.98 -11.68
N LEU F 15 0.31 34.78 -12.15
CA LEU F 15 -0.40 34.62 -13.42
C LEU F 15 -1.86 35.04 -13.39
N LEU F 16 -2.51 35.10 -12.23
CA LEU F 16 -3.96 35.28 -12.22
C LEU F 16 -4.38 36.42 -13.09
N GLY F 17 -5.31 36.13 -14.01
CA GLY F 17 -5.93 37.11 -14.91
C GLY F 17 -5.03 37.72 -15.97
N LYS F 18 -3.96 37.03 -16.34
CA LYS F 18 -3.02 37.56 -17.34
C LYS F 18 -3.30 36.98 -18.72
N ARG F 19 -3.57 35.69 -18.79
CA ARG F 19 -3.86 35.05 -20.08
C ARG F 19 -5.32 34.60 -20.23
N GLU F 20 -5.97 35.05 -21.29
CA GLU F 20 -7.37 34.73 -21.58
C GLU F 20 -8.21 35.03 -20.36
N PRO F 21 -8.11 36.25 -19.85
CA PRO F 21 -8.74 36.60 -18.58
C PRO F 21 -10.08 35.90 -18.30
N GLU F 22 -10.89 35.70 -19.35
CA GLU F 22 -12.15 34.93 -19.20
C GLU F 22 -11.97 33.45 -18.77
N VAL F 23 -10.84 32.84 -19.10
CA VAL F 23 -10.58 31.44 -18.74
C VAL F 23 -10.73 31.24 -17.22
N TYR F 24 -10.17 32.12 -16.41
CA TYR F 24 -10.36 32.02 -14.96
C TYR F 24 -10.63 33.34 -14.20
N GLY F 25 -10.95 34.43 -14.90
CA GLY F 25 -11.41 35.68 -14.26
C GLY F 25 -10.50 36.90 -14.37
N HIS F 26 -11.07 38.07 -14.63
CA HIS F 26 -10.28 39.32 -14.76
C HIS F 26 -9.82 39.83 -13.41
N LEU F 27 -9.30 38.93 -12.58
CA LEU F 27 -8.93 39.23 -11.20
C LEU F 27 -7.44 38.94 -10.95
N THR F 28 -6.68 40.00 -10.76
CA THR F 28 -5.25 39.87 -10.61
C THR F 28 -4.90 39.83 -9.12
N LEU F 29 -3.79 39.18 -8.80
CA LEU F 29 -3.21 39.26 -7.47
C LEU F 29 -3.18 40.68 -6.85
N ASP F 30 -3.08 41.64 -7.74
CA ASP F 30 -3.07 43.03 -7.37
C ASP F 30 -4.41 43.49 -6.85
N ASN F 31 -5.48 43.09 -7.53
CA ASN F 31 -6.83 43.41 -7.10
C ASN F 31 -7.11 42.77 -5.73
N ILE F 32 -6.61 41.55 -5.51
CA ILE F 32 -6.87 40.85 -4.26
C ILE F 32 -6.16 41.56 -3.13
N ASN F 33 -4.87 41.87 -3.30
CA ASN F 33 -4.12 42.66 -2.35
C ASN F 33 -4.80 44.00 -2.01
N ARG F 34 -5.29 44.72 -3.03
CA ARG F 34 -5.98 46.00 -2.82
C ARG F 34 -7.16 45.81 -1.87
N GLN F 35 -7.99 44.82 -2.18
CA GLN F 35 -9.18 44.55 -1.36
C GLN F 35 -8.75 44.27 0.09
N LEU F 36 -7.76 43.39 0.23
CA LEU F 36 -7.26 42.98 1.54
C LEU F 36 -6.71 44.12 2.38
N ILE F 37 -5.93 45.00 1.75
CA ILE F 37 -5.30 46.13 2.46
C ILE F 37 -6.40 47.05 3.03
N ALA F 38 -7.41 47.33 2.20
CA ALA F 38 -8.55 48.15 2.65
C ALA F 38 -9.33 47.50 3.77
N GLN F 39 -9.68 46.24 3.63
CA GLN F 39 -10.33 45.51 4.72
C GLN F 39 -9.55 45.56 6.07
N ALA F 40 -8.23 45.39 6.01
CA ALA F 40 -7.41 45.49 7.22
C ALA F 40 -7.46 46.90 7.82
N GLU F 41 -7.43 47.89 6.93
CA GLU F 41 -7.47 49.29 7.29
C GLU F 41 -8.76 49.68 8.00
N GLN F 42 -9.84 49.03 7.61
CA GLN F 42 -11.12 49.22 8.23
C GLN F 42 -11.04 48.98 9.73
N ALA F 43 -10.25 47.97 10.12
CA ALA F 43 -10.06 47.62 11.55
C ALA F 43 -8.71 48.06 12.16
N SER F 44 -8.02 49.00 11.51
CA SER F 44 -6.76 49.55 12.01
C SER F 44 -5.70 48.48 12.26
N ILE F 45 -5.58 47.57 11.31
CA ILE F 45 -4.60 46.53 11.35
C ILE F 45 -3.71 46.80 10.15
N THR F 46 -2.40 46.79 10.36
CA THR F 46 -1.48 46.99 9.24
C THR F 46 -1.24 45.60 8.62
N LEU F 47 -1.25 45.53 7.29
CA LEU F 47 -1.21 44.29 6.55
C LEU F 47 -0.18 44.34 5.43
N ASP F 48 0.93 43.64 5.58
CA ASP F 48 1.92 43.48 4.49
C ASP F 48 1.59 42.24 3.58
N THR F 49 1.94 42.34 2.29
CA THR F 49 1.67 41.32 1.27
C THR F 49 2.98 40.88 0.62
N PHE F 50 3.01 39.68 0.05
CA PHE F 50 4.20 39.10 -0.59
C PHE F 50 3.87 37.97 -1.58
N GLN F 51 4.55 37.94 -2.74
CA GLN F 51 4.48 36.80 -3.66
C GLN F 51 5.85 36.44 -4.23
N SER F 52 6.12 35.14 -4.36
CA SER F 52 7.28 34.68 -5.10
C SER F 52 7.06 33.32 -5.74
N ASN F 53 7.86 33.06 -6.77
CA ASN F 53 8.01 31.74 -7.32
C ASN F 53 9.18 31.01 -6.73
N TRP F 54 9.98 31.65 -5.87
CA TRP F 54 11.21 31.03 -5.31
C TRP F 54 10.93 30.66 -3.85
N GLU F 55 10.98 29.37 -3.55
CA GLU F 55 10.66 28.85 -2.19
C GLU F 55 11.53 29.57 -1.13
N GLY F 56 12.80 29.75 -1.43
CA GLY F 56 13.71 30.50 -0.56
C GLY F 56 13.34 31.95 -0.23
N ALA F 57 12.74 32.62 -1.20
CA ALA F 57 12.27 33.99 -0.96
C ALA F 57 11.17 33.99 0.12
N ILE F 58 10.28 32.99 0.05
CA ILE F 58 9.18 32.82 1.00
C ILE F 58 9.68 32.48 2.40
N VAL F 59 10.78 31.71 2.50
CA VAL F 59 11.29 31.31 3.83
C VAL F 59 11.99 32.49 4.51
N ASP F 60 12.81 33.21 3.76
CA ASP F 60 13.37 34.48 4.23
C ASP F 60 12.24 35.38 4.74
N ARG F 61 11.15 35.48 3.99
CA ARG F 61 10.12 36.45 4.31
C ARG F 61 9.41 36.05 5.63
N ILE F 62 9.18 34.75 5.80
CA ILE F 62 8.57 34.22 7.01
C ILE F 62 9.49 34.46 8.21
N HIS F 63 10.80 34.28 8.02
CA HIS F 63 11.78 34.62 9.05
C HIS F 63 11.73 36.10 9.44
N GLN F 64 11.60 36.99 8.44
CA GLN F 64 11.54 38.47 8.63
C GLN F 64 10.29 38.86 9.38
N ALA F 65 9.21 38.13 9.17
CA ALA F 65 7.95 38.37 9.88
C ALA F 65 8.07 38.25 11.42
N GLN F 66 8.96 37.37 11.89
CA GLN F 66 9.28 37.23 13.33
C GLN F 66 9.95 38.46 13.87
N THR F 67 10.94 38.99 13.16
CA THR F 67 11.64 40.19 13.62
C THR F 67 10.64 41.39 13.60
N GLU F 68 9.70 41.37 12.66
CA GLU F 68 8.67 42.42 12.52
C GLU F 68 7.45 42.30 13.47
N GLY F 69 7.40 41.28 14.33
CA GLY F 69 6.28 41.06 15.26
C GLY F 69 4.94 40.68 14.65
N VAL F 70 4.97 40.02 13.48
CA VAL F 70 3.74 39.60 12.79
C VAL F 70 2.96 38.64 13.69
N LYS F 71 1.66 38.86 13.83
CA LYS F 71 0.85 38.03 14.72
C LYS F 71 0.22 36.86 14.00
N LEU F 72 -0.13 37.00 12.73
CA LEU F 72 -0.71 35.88 12.00
C LEU F 72 -0.39 35.98 10.52
N ILE F 73 -0.19 34.82 9.87
CA ILE F 73 0.06 34.75 8.43
C ILE F 73 -1.12 34.10 7.74
N ILE F 74 -1.50 34.63 6.60
CA ILE F 74 -2.48 34.00 5.73
C ILE F 74 -1.66 33.60 4.51
N ILE F 75 -1.60 32.31 4.24
CA ILE F 75 -0.73 31.81 3.19
C ILE F 75 -1.48 30.94 2.21
N ASN F 76 -1.38 31.32 0.94
CA ASN F 76 -1.70 30.47 -0.18
C ASN F 76 -0.35 30.01 -0.71
N PRO F 77 0.05 28.77 -0.38
CA PRO F 77 1.32 28.25 -0.84
C PRO F 77 1.29 27.70 -2.24
N ALA F 78 0.09 27.61 -2.83
CA ALA F 78 -0.12 27.03 -4.16
C ALA F 78 0.52 25.64 -4.18
N ALA F 79 1.43 25.38 -5.11
CA ALA F 79 2.02 24.08 -5.30
C ALA F 79 2.91 23.66 -4.16
N LEU F 80 3.45 24.64 -3.43
CA LEU F 80 4.35 24.35 -2.32
C LEU F 80 3.72 23.61 -1.17
N THR F 81 2.39 23.64 -1.07
CA THR F 81 1.65 22.88 -0.04
C THR F 81 1.92 21.35 -0.13
N HIS F 82 2.14 20.87 -1.36
CA HIS F 82 2.36 19.46 -1.57
C HIS F 82 3.83 18.99 -1.50
N THR F 83 4.80 19.90 -1.55
CA THR F 83 6.22 19.51 -1.64
C THR F 83 7.12 20.03 -0.53
N SER F 84 6.84 21.23 0.00
CA SER F 84 7.82 21.97 0.81
C SER F 84 7.76 21.75 2.32
N VAL F 85 8.68 20.94 2.84
CA VAL F 85 8.75 20.76 4.31
C VAL F 85 9.56 21.89 4.90
N ALA F 86 10.45 22.49 4.10
CA ALA F 86 11.14 23.71 4.51
C ALA F 86 10.17 24.83 4.92
N LEU F 87 9.04 24.91 4.23
CA LEU F 87 8.05 25.97 4.47
C LEU F 87 7.22 25.71 5.74
N ARG F 88 6.81 24.45 5.90
CA ARG F 88 6.25 23.95 7.16
C ARG F 88 7.16 24.34 8.32
N ASP F 89 8.43 23.97 8.19
CA ASP F 89 9.43 24.24 9.21
C ASP F 89 9.77 25.72 9.42
N ALA F 90 9.58 26.54 8.40
CA ALA F 90 9.69 28.00 8.58
C ALA F 90 8.57 28.57 9.46
N LEU F 91 7.32 28.22 9.14
CA LEU F 91 6.18 28.67 9.98
C LEU F 91 6.27 28.16 11.42
N LEU F 92 6.80 26.94 11.62
CA LEU F 92 6.90 26.38 12.98
C LEU F 92 8.07 26.99 13.74
N GLY F 93 9.22 27.16 13.09
CA GLY F 93 10.38 27.71 13.75
C GLY F 93 10.16 29.08 14.34
N VAL F 94 9.36 29.88 13.65
CA VAL F 94 9.01 31.23 14.11
C VAL F 94 7.74 31.30 14.97
N ALA F 95 6.92 30.24 14.94
CA ALA F 95 5.74 30.16 15.82
C ALA F 95 4.69 31.26 15.56
N ILE F 96 4.43 31.56 14.31
CA ILE F 96 3.39 32.48 13.96
C ILE F 96 2.23 31.61 13.44
N PRO F 97 1.04 31.70 14.05
CA PRO F 97 -0.07 30.94 13.51
C PRO F 97 -0.48 31.38 12.09
N PHE F 98 -1.04 30.44 11.32
CA PHE F 98 -1.36 30.69 9.93
C PHE F 98 -2.68 30.05 9.44
N ILE F 99 -3.33 30.70 8.48
CA ILE F 99 -4.45 30.12 7.82
C ILE F 99 -4.02 29.82 6.39
N GLU F 100 -4.34 28.61 5.93
CA GLU F 100 -4.09 28.17 4.55
C GLU F 100 -5.28 28.48 3.60
N VAL F 101 -4.98 29.10 2.46
CA VAL F 101 -5.98 29.47 1.51
C VAL F 101 -5.61 28.94 0.14
N HIS F 102 -6.59 28.39 -0.56
CA HIS F 102 -6.46 28.09 -1.99
C HIS F 102 -7.68 28.62 -2.72
N LEU F 103 -7.47 29.25 -3.87
CA LEU F 103 -8.58 29.76 -4.68
C LEU F 103 -9.51 28.65 -5.24
N SER F 104 -8.93 27.54 -5.72
CA SER F 104 -9.67 26.42 -6.32
C SER F 104 -9.90 25.26 -5.34
N ASN F 105 -10.87 24.42 -5.63
CA ASN F 105 -11.01 23.20 -4.84
C ASN F 105 -9.90 22.19 -5.20
N VAL F 106 -8.83 22.25 -4.43
CA VAL F 106 -7.70 21.31 -4.54
C VAL F 106 -8.14 19.85 -4.39
N HIS F 107 -9.17 19.60 -3.59
CA HIS F 107 -9.65 18.23 -3.43
C HIS F 107 -10.30 17.70 -4.69
N ALA F 108 -10.68 18.58 -5.61
CA ALA F 108 -11.33 18.17 -6.86
C ALA F 108 -10.36 17.80 -7.96
N ARG F 109 -9.08 17.88 -7.69
CA ARG F 109 -8.08 17.76 -8.74
C ARG F 109 -7.35 16.40 -8.65
N GLU F 110 -6.27 16.28 -9.40
CA GLU F 110 -5.33 15.15 -9.31
C GLU F 110 -5.10 14.71 -7.84
N ALA F 111 -4.91 13.40 -7.63
CA ALA F 111 -4.80 12.81 -6.27
C ALA F 111 -3.64 13.32 -5.42
N PHE F 112 -2.51 13.63 -6.05
CA PHE F 112 -1.38 14.14 -5.29
C PHE F 112 -1.61 15.50 -4.62
N ARG F 113 -2.70 16.19 -4.97
CA ARG F 113 -3.04 17.43 -4.29
C ARG F 113 -3.87 17.20 -3.02
N HIS F 114 -4.19 15.95 -2.68
CA HIS F 114 -4.89 15.62 -1.43
C HIS F 114 -3.99 15.69 -0.18
N HIS F 115 -2.68 15.79 -0.39
CA HIS F 115 -1.73 15.80 0.69
C HIS F 115 -1.06 17.17 0.83
N SER F 116 -0.88 17.59 2.06
CA SER F 116 -0.27 18.89 2.36
C SER F 116 0.75 18.82 3.51
N TYR F 117 1.87 19.51 3.39
CA TYR F 117 2.78 19.62 4.52
C TYR F 117 2.43 20.79 5.43
N LEU F 118 1.38 21.56 5.12
CA LEU F 118 0.98 22.68 5.96
C LEU F 118 -0.34 22.52 6.73
N SER F 119 -1.38 21.96 6.09
CA SER F 119 -2.77 21.94 6.61
C SER F 119 -2.96 21.46 8.04
N ASP F 120 -2.19 20.48 8.45
CA ASP F 120 -2.36 19.94 9.79
C ASP F 120 -1.88 20.90 10.87
N LYS F 121 -1.03 21.86 10.51
CA LYS F 121 -0.53 22.84 11.48
C LYS F 121 -1.14 24.20 11.32
N ALA F 122 -1.90 24.41 10.26
CA ALA F 122 -2.73 25.63 10.12
C ALA F 122 -3.85 25.68 11.16
N ILE F 123 -4.33 26.86 11.54
CA ILE F 123 -5.52 27.00 12.38
C ILE F 123 -6.72 26.39 11.64
N GLY F 124 -6.82 26.76 10.38
CA GLY F 124 -7.81 26.24 9.45
C GLY F 124 -7.40 26.40 8.00
N VAL F 125 -8.32 26.00 7.11
CA VAL F 125 -8.09 25.95 5.67
C VAL F 125 -9.37 26.41 4.96
N ILE F 126 -9.21 27.22 3.93
CA ILE F 126 -10.30 27.55 3.05
C ILE F 126 -9.86 27.24 1.60
N CYS F 127 -10.57 26.36 0.91
CA CYS F 127 -10.24 26.13 -0.51
C CYS F 127 -11.52 26.14 -1.36
N GLY F 128 -11.42 26.58 -2.62
CA GLY F 128 -12.56 26.57 -3.55
C GLY F 128 -13.43 27.82 -3.64
N LEU F 129 -13.24 28.78 -2.72
CA LEU F 129 -14.12 29.97 -2.68
C LEU F 129 -13.63 31.19 -3.48
N GLY F 130 -12.62 31.01 -4.33
CA GLY F 130 -12.01 32.08 -5.15
C GLY F 130 -11.29 33.06 -4.27
N ALA F 131 -11.22 34.31 -4.69
CA ALA F 131 -10.59 35.37 -3.90
C ALA F 131 -11.24 35.65 -2.55
N LYS F 132 -12.54 35.43 -2.42
CA LYS F 132 -13.22 35.64 -1.14
C LYS F 132 -12.63 34.79 -0.03
N GLY F 133 -11.99 33.66 -0.35
CA GLY F 133 -11.26 32.88 0.67
C GLY F 133 -10.27 33.69 1.51
N TYR F 134 -9.49 34.56 0.86
CA TYR F 134 -8.54 35.40 1.59
C TYR F 134 -9.27 36.42 2.50
N SER F 135 -10.38 36.99 2.00
CA SER F 135 -11.22 37.91 2.80
C SER F 135 -11.75 37.25 4.06
N PHE F 136 -12.13 35.99 3.95
CA PHE F 136 -12.67 35.26 5.05
C PHE F 136 -11.57 34.99 6.05
N ALA F 137 -10.37 34.67 5.53
CA ALA F 137 -9.21 34.41 6.41
C ALA F 137 -8.87 35.64 7.23
N LEU F 138 -8.83 36.78 6.53
CA LEU F 138 -8.58 38.06 7.17
C LEU F 138 -9.64 38.45 8.17
N ASP F 139 -10.92 38.21 7.83
CA ASP F 139 -12.03 38.52 8.72
C ASP F 139 -11.82 37.78 10.03
N TYR F 140 -11.54 36.48 9.91
CA TYR F 140 -11.26 35.63 11.06
C TYR F 140 -10.05 36.12 11.84
N ALA F 141 -8.94 36.39 11.14
CA ALA F 141 -7.70 36.86 11.77
C ALA F 141 -7.92 38.16 12.54
N ILE F 142 -8.44 39.18 11.86
CA ILE F 142 -8.85 40.44 12.49
C ILE F 142 -9.63 40.20 13.78
N GLU F 143 -10.64 39.33 13.74
CA GLU F 143 -11.48 39.02 14.90
C GLU F 143 -10.73 38.40 16.09
N LYS F 144 -9.78 37.49 15.83
CA LYS F 144 -8.99 36.85 16.88
C LYS F 144 -7.96 37.83 17.49
N ILE F 145 -7.36 38.70 16.68
CA ILE F 145 -6.29 39.63 17.10
C ILE F 145 -6.79 40.78 18.01
N GLN F 146 -7.98 41.30 17.69
CA GLN F 146 -8.65 42.32 18.49
C GLN F 146 -10.16 42.00 18.56
N PRO F 147 -10.57 41.17 19.53
CA PRO F 147 -11.97 40.67 19.64
C PRO F 147 -13.10 41.66 19.31
N SER G 3 8.07 32.34 -34.71
CA SER G 3 8.02 31.07 -33.91
C SER G 3 9.34 30.78 -33.17
N THR G 4 9.23 30.58 -31.87
CA THR G 4 10.41 30.37 -31.07
C THR G 4 10.18 29.10 -30.20
N ILE G 5 11.19 28.22 -30.19
CA ILE G 5 11.28 27.09 -29.27
C ILE G 5 12.19 27.53 -28.13
N LEU G 6 11.85 27.13 -26.90
CA LEU G 6 12.71 27.34 -25.73
C LEU G 6 13.11 25.98 -25.13
N VAL G 7 14.41 25.73 -24.97
CA VAL G 7 14.91 24.49 -24.34
C VAL G 7 15.34 24.78 -22.90
N ILE G 8 14.65 24.21 -21.91
CA ILE G 8 15.05 24.40 -20.49
C ILE G 8 15.80 23.17 -19.98
N HIS G 9 16.88 23.42 -19.24
CA HIS G 9 17.72 22.40 -18.63
C HIS G 9 17.65 22.60 -17.14
N GLY G 10 17.32 21.55 -16.41
CA GLY G 10 17.14 21.60 -14.95
C GLY G 10 18.44 21.59 -14.16
N PRO G 11 18.35 21.46 -12.82
CA PRO G 11 19.51 21.46 -11.95
C PRO G 11 20.53 20.38 -12.23
N ASN G 12 21.79 20.67 -11.95
CA ASN G 12 22.92 19.75 -12.12
C ASN G 12 23.32 19.39 -13.54
N LEU G 13 22.57 19.83 -14.53
CA LEU G 13 22.92 19.49 -15.91
C LEU G 13 24.13 20.32 -16.43
N ASN G 14 24.41 21.45 -15.78
CA ASN G 14 25.64 22.19 -16.01
C ASN G 14 26.93 21.37 -15.79
N LEU G 15 26.86 20.31 -15.00
CA LEU G 15 28.01 19.43 -14.77
C LEU G 15 28.33 18.45 -15.89
N LEU G 16 27.55 18.41 -16.97
CA LEU G 16 27.78 17.36 -17.99
C LEU G 16 29.20 17.43 -18.53
N GLY G 17 29.87 16.28 -18.48
CA GLY G 17 31.24 16.12 -18.98
C GLY G 17 32.33 16.84 -18.22
N LYS G 18 32.02 17.34 -17.01
CA LYS G 18 32.98 18.14 -16.20
C LYS G 18 33.92 17.31 -15.35
N ARG G 19 33.47 16.13 -14.91
CA ARG G 19 34.24 15.27 -14.01
C ARG G 19 34.54 13.93 -14.68
N GLU G 20 35.82 13.52 -14.61
CA GLU G 20 36.31 12.22 -15.12
C GLU G 20 35.58 11.88 -16.41
N PRO G 21 35.88 12.60 -17.52
CA PRO G 21 35.17 12.37 -18.79
C PRO G 21 35.09 10.92 -19.33
N GLU G 22 35.65 9.95 -18.59
CA GLU G 22 35.25 8.53 -18.61
C GLU G 22 34.18 8.07 -17.55
N VAL G 23 33.32 8.98 -17.05
CA VAL G 23 32.13 8.64 -16.16
C VAL G 23 30.79 8.60 -16.94
N TYR G 24 30.24 9.79 -17.29
CA TYR G 24 29.06 9.90 -18.17
C TYR G 24 29.38 10.58 -19.54
N GLY G 25 30.63 10.41 -20.01
CA GLY G 25 31.05 10.85 -21.35
C GLY G 25 31.68 12.24 -21.40
N HIS G 26 31.91 12.71 -22.62
CA HIS G 26 32.56 14.00 -22.90
C HIS G 26 31.57 15.12 -23.26
N LEU G 27 30.29 14.76 -23.35
CA LEU G 27 29.28 15.69 -23.78
C LEU G 27 29.01 16.71 -22.67
N THR G 28 29.02 17.99 -23.04
CA THR G 28 28.73 19.13 -22.17
C THR G 28 27.32 19.71 -22.49
N LEU G 29 26.77 20.45 -21.52
CA LEU G 29 25.51 21.19 -21.74
C LEU G 29 25.59 22.14 -22.95
N ASP G 30 26.72 22.85 -23.08
CA ASP G 30 26.91 23.80 -24.18
C ASP G 30 27.05 23.12 -25.52
N ASN G 31 27.56 21.89 -25.54
CA ASN G 31 27.58 21.07 -26.74
C ASN G 31 26.18 20.70 -27.23
N ILE G 32 25.29 20.32 -26.28
CA ILE G 32 23.88 20.03 -26.59
C ILE G 32 23.22 21.22 -27.25
N ASN G 33 23.47 22.41 -26.71
CA ASN G 33 22.94 23.65 -27.27
C ASN G 33 23.52 24.03 -28.65
N ARG G 34 24.83 23.92 -28.91
CA ARG G 34 25.34 24.15 -30.29
C ARG G 34 24.46 23.34 -31.24
N GLN G 35 24.30 22.04 -30.93
CA GLN G 35 23.61 21.09 -31.83
C GLN G 35 22.19 21.55 -32.12
N LEU G 36 21.47 21.97 -31.07
CA LEU G 36 20.06 22.41 -31.18
C LEU G 36 19.91 23.74 -31.93
N ILE G 37 20.82 24.68 -31.71
CA ILE G 37 20.82 25.94 -32.45
C ILE G 37 21.14 25.70 -33.95
N ALA G 38 22.08 24.81 -34.24
CA ALA G 38 22.38 24.42 -35.62
C ALA G 38 21.11 23.97 -36.31
N GLN G 39 20.46 22.98 -35.71
CA GLN G 39 19.22 22.40 -36.25
C GLN G 39 18.06 23.43 -36.38
N ALA G 40 17.95 24.34 -35.42
CA ALA G 40 16.91 25.39 -35.47
C ALA G 40 17.19 26.49 -36.52
N GLU G 41 18.47 26.87 -36.67
CA GLU G 41 18.85 27.85 -37.68
C GLU G 41 18.62 27.31 -39.09
N GLN G 42 19.09 26.10 -39.30
CA GLN G 42 18.79 25.36 -40.51
C GLN G 42 17.29 25.31 -40.93
N ALA G 43 16.33 25.48 -40.02
CA ALA G 43 14.90 25.68 -40.40
C ALA G 43 14.40 27.10 -40.25
N SER G 44 15.32 28.04 -40.05
CA SER G 44 14.99 29.43 -39.76
C SER G 44 13.97 29.59 -38.62
N ILE G 45 14.28 28.94 -37.51
CA ILE G 45 13.47 29.03 -36.33
C ILE G 45 14.37 29.55 -35.23
N THR G 46 13.84 30.49 -34.47
CA THR G 46 14.54 31.09 -33.34
C THR G 46 14.51 30.11 -32.17
N LEU G 47 15.63 29.91 -31.50
CA LEU G 47 15.71 28.94 -30.41
C LEU G 47 16.53 29.49 -29.28
N ASP G 48 15.91 29.66 -28.14
CA ASP G 48 16.56 30.17 -26.96
C ASP G 48 16.80 29.02 -25.95
N THR G 49 17.89 29.12 -25.18
CA THR G 49 18.20 28.10 -24.14
C THR G 49 18.38 28.69 -22.74
N PHE G 50 18.18 27.85 -21.73
CA PHE G 50 18.19 28.25 -20.31
C PHE G 50 18.54 27.07 -19.39
N GLN G 51 19.33 27.37 -18.35
CA GLN G 51 19.65 26.41 -17.31
C GLN G 51 19.79 27.08 -15.96
N SER G 52 19.35 26.42 -14.89
CA SER G 52 19.63 26.89 -13.54
C SER G 52 19.41 25.77 -12.53
N ASN G 53 20.01 25.93 -11.38
CA ASN G 53 19.81 25.01 -10.28
C ASN G 53 18.70 25.46 -9.34
N TRP G 54 18.02 26.56 -9.68
CA TRP G 54 17.05 27.21 -8.83
C TRP G 54 15.66 27.09 -9.47
N GLU G 55 14.74 26.42 -8.76
CA GLU G 55 13.36 26.16 -9.24
C GLU G 55 12.71 27.46 -9.70
N GLY G 56 12.97 28.54 -8.96
CA GLY G 56 12.40 29.86 -9.26
C GLY G 56 12.88 30.46 -10.57
N ALA G 57 14.17 30.37 -10.85
CA ALA G 57 14.65 30.90 -12.12
C ALA G 57 13.93 30.21 -13.28
N ILE G 58 13.66 28.90 -13.13
CA ILE G 58 12.97 28.14 -14.15
C ILE G 58 11.50 28.54 -14.22
N VAL G 59 10.86 28.64 -13.07
CA VAL G 59 9.46 29.04 -13.12
C VAL G 59 9.33 30.44 -13.77
N ASP G 60 10.20 31.39 -13.37
CA ASP G 60 10.16 32.75 -13.95
C ASP G 60 10.38 32.68 -15.45
N ARG G 61 11.36 31.86 -15.86
CA ARG G 61 11.72 31.73 -17.29
C ARG G 61 10.55 31.25 -18.13
N ILE G 62 9.73 30.36 -17.57
CA ILE G 62 8.55 29.86 -18.24
C ILE G 62 7.45 30.94 -18.31
N HIS G 63 7.31 31.75 -17.28
CA HIS G 63 6.37 32.90 -17.36
C HIS G 63 6.81 33.91 -18.42
N GLN G 64 8.12 34.12 -18.57
CA GLN G 64 8.65 35.04 -19.60
C GLN G 64 8.40 34.53 -20.98
N ALA G 65 8.50 33.20 -21.15
CA ALA G 65 8.24 32.56 -22.45
C ALA G 65 6.84 32.89 -22.96
N GLN G 66 5.85 32.92 -22.07
CA GLN G 66 4.49 33.35 -22.44
C GLN G 66 4.43 34.75 -23.05
N THR G 67 5.12 35.72 -22.45
CA THR G 67 5.16 37.07 -23.03
C THR G 67 5.93 37.12 -24.37
N GLU G 68 6.91 36.24 -24.57
CA GLU G 68 7.75 36.20 -25.77
C GLU G 68 7.13 35.39 -26.94
N GLY G 69 5.89 34.94 -26.84
CA GLY G 69 5.28 34.14 -27.89
C GLY G 69 5.94 32.80 -28.24
N VAL G 70 6.55 32.14 -27.25
CA VAL G 70 7.09 30.76 -27.40
C VAL G 70 5.94 29.79 -27.70
N LYS G 71 6.09 28.99 -28.76
CA LYS G 71 5.05 28.08 -29.23
C LYS G 71 5.21 26.70 -28.55
N LEU G 72 6.44 26.31 -28.23
CA LEU G 72 6.72 24.99 -27.66
C LEU G 72 8.00 24.99 -26.84
N ILE G 73 8.01 24.21 -25.76
CA ILE G 73 9.14 24.13 -24.81
C ILE G 73 9.67 22.70 -24.77
N ILE G 74 11.00 22.56 -24.83
CA ILE G 74 11.67 21.26 -24.72
C ILE G 74 12.33 21.36 -23.39
N ILE G 75 11.96 20.49 -22.44
CA ILE G 75 12.45 20.54 -21.06
C ILE G 75 13.02 19.19 -20.58
N ASN G 76 14.22 19.25 -20.02
CA ASN G 76 14.79 18.17 -19.24
C ASN G 76 14.87 18.70 -17.84
N PRO G 77 13.83 18.44 -17.07
CA PRO G 77 13.71 18.85 -15.66
C PRO G 77 14.73 18.21 -14.73
N ALA G 78 15.35 17.11 -15.15
CA ALA G 78 16.31 16.45 -14.30
C ALA G 78 15.66 16.10 -12.96
N ALA G 79 16.28 16.45 -11.84
CA ALA G 79 15.74 16.05 -10.54
C ALA G 79 14.35 16.59 -10.24
N LEU G 80 14.05 17.75 -10.79
CA LEU G 80 12.78 18.37 -10.56
C LEU G 80 11.62 17.55 -11.08
N THR G 81 11.89 16.63 -11.99
CA THR G 81 10.84 15.80 -12.54
C THR G 81 10.12 15.03 -11.43
N HIS G 82 10.82 14.75 -10.32
CA HIS G 82 10.29 13.90 -9.27
C HIS G 82 9.68 14.69 -8.09
N THR G 83 9.82 16.00 -8.09
CA THR G 83 9.55 16.79 -6.91
C THR G 83 8.71 18.04 -7.14
N SER G 84 8.83 18.69 -8.30
CA SER G 84 8.28 20.04 -8.51
C SER G 84 6.88 20.09 -9.11
N VAL G 85 5.91 20.31 -8.25
CA VAL G 85 4.57 20.54 -8.68
C VAL G 85 4.53 21.99 -9.24
N ALA G 86 5.29 22.90 -8.60
CA ALA G 86 5.44 24.30 -9.06
C ALA G 86 5.72 24.37 -10.56
N LEU G 87 6.71 23.60 -11.00
CA LEU G 87 7.05 23.50 -12.43
C LEU G 87 5.93 22.94 -13.31
N ARG G 88 5.24 21.90 -12.86
CA ARG G 88 4.06 21.41 -13.55
C ARG G 88 3.03 22.52 -13.67
N ASP G 89 2.80 23.25 -12.60
CA ASP G 89 1.76 24.32 -12.59
C ASP G 89 2.12 25.58 -13.45
N ALA G 90 3.41 25.89 -13.59
CA ALA G 90 3.85 26.97 -14.45
C ALA G 90 3.59 26.66 -15.92
N LEU G 91 4.10 25.51 -16.36
CA LEU G 91 3.87 25.02 -17.70
C LEU G 91 2.37 24.99 -18.06
N LEU G 92 1.56 24.53 -17.12
CA LEU G 92 0.12 24.56 -17.34
C LEU G 92 -0.50 25.96 -17.32
N GLY G 93 0.02 26.84 -16.48
CA GLY G 93 -0.49 28.17 -16.33
C GLY G 93 -0.30 28.97 -17.58
N VAL G 94 0.84 28.76 -18.25
CA VAL G 94 1.13 29.46 -19.51
C VAL G 94 0.60 28.75 -20.74
N ALA G 95 0.24 27.48 -20.59
CA ALA G 95 -0.36 26.68 -21.67
C ALA G 95 0.46 26.62 -22.99
N ILE G 96 1.77 26.49 -22.83
CA ILE G 96 2.69 26.26 -23.92
C ILE G 96 3.00 24.75 -23.87
N PRO G 97 2.62 23.99 -24.93
CA PRO G 97 2.90 22.56 -25.05
C PRO G 97 4.37 22.22 -24.86
N PHE G 98 4.68 21.07 -24.26
CA PHE G 98 6.07 20.71 -23.98
C PHE G 98 6.36 19.23 -24.18
N ILE G 99 7.63 18.94 -24.50
CA ILE G 99 8.20 17.61 -24.64
C ILE G 99 9.22 17.48 -23.53
N GLU G 100 9.13 16.39 -22.76
CA GLU G 100 10.04 16.10 -21.65
C GLU G 100 11.13 15.19 -22.18
N VAL G 101 12.39 15.46 -21.81
CA VAL G 101 13.59 14.78 -22.32
C VAL G 101 14.52 14.42 -21.16
N HIS G 102 15.08 13.23 -21.13
CA HIS G 102 16.11 12.88 -20.16
C HIS G 102 17.24 12.09 -20.84
N LEU G 103 18.48 12.47 -20.57
CA LEU G 103 19.63 11.79 -21.22
C LEU G 103 19.67 10.29 -20.94
N SER G 104 19.53 9.96 -19.66
CA SER G 104 19.64 8.61 -19.17
C SER G 104 18.26 7.97 -19.11
N ASN G 105 18.27 6.66 -18.85
CA ASN G 105 17.06 5.86 -18.76
C ASN G 105 16.62 5.89 -17.31
N VAL G 106 15.58 6.66 -17.07
CA VAL G 106 15.13 6.95 -15.73
C VAL G 106 14.46 5.71 -15.11
N HIS G 107 13.92 4.86 -15.96
CA HIS G 107 13.30 3.63 -15.49
C HIS G 107 14.36 2.58 -15.09
N ALA G 108 15.60 2.75 -15.54
CA ALA G 108 16.66 1.81 -15.17
C ALA G 108 17.33 2.16 -13.84
N ARG G 109 16.98 3.31 -13.25
CA ARG G 109 17.56 3.78 -11.99
C ARG G 109 16.59 3.54 -10.81
N GLU G 110 16.77 4.21 -9.66
CA GLU G 110 15.98 3.90 -8.46
C GLU G 110 14.48 4.11 -8.69
N ALA G 111 13.68 3.40 -7.90
CA ALA G 111 12.22 3.44 -7.96
C ALA G 111 11.61 4.84 -7.85
N PHE G 112 12.14 5.67 -6.95
CA PHE G 112 11.62 7.05 -6.78
C PHE G 112 11.72 7.89 -8.06
N ARG G 113 12.68 7.56 -8.95
CA ARG G 113 12.80 8.21 -10.27
C ARG G 113 11.77 7.78 -11.35
N HIS G 114 10.95 6.74 -11.08
CA HIS G 114 9.95 6.25 -12.07
C HIS G 114 8.71 7.15 -12.14
N HIS G 115 8.47 7.97 -11.13
CA HIS G 115 7.31 8.86 -11.10
C HIS G 115 7.75 10.28 -11.48
N SER G 116 6.92 10.97 -12.28
CA SER G 116 7.16 12.35 -12.74
C SER G 116 5.95 13.29 -12.57
N TYR G 117 6.18 14.54 -12.20
CA TYR G 117 5.08 15.51 -12.14
C TYR G 117 4.78 16.20 -13.48
N LEU G 118 5.45 15.77 -14.57
CA LEU G 118 5.28 16.33 -15.92
C LEU G 118 4.86 15.34 -17.04
N SER G 119 5.33 14.10 -16.98
CA SER G 119 5.12 13.17 -18.08
C SER G 119 3.69 13.08 -18.51
N ASP G 120 2.74 13.23 -17.60
CA ASP G 120 1.34 13.04 -17.96
C ASP G 120 0.74 14.24 -18.74
N LYS G 121 1.40 15.39 -18.71
CA LYS G 121 0.92 16.61 -19.44
C LYS G 121 1.78 17.03 -20.63
N ALA G 122 2.78 16.20 -20.94
CA ALA G 122 3.66 16.42 -22.07
C ALA G 122 3.03 15.92 -23.34
N ILE G 123 3.44 16.49 -24.47
CA ILE G 123 3.08 15.93 -25.77
C ILE G 123 3.61 14.51 -25.84
N GLY G 124 4.84 14.34 -25.37
CA GLY G 124 5.45 13.02 -25.19
C GLY G 124 6.75 13.11 -24.41
N VAL G 125 7.41 11.95 -24.23
CA VAL G 125 8.63 11.82 -23.42
C VAL G 125 9.72 11.09 -24.20
N ILE G 126 10.98 11.52 -24.04
CA ILE G 126 12.15 10.78 -24.57
C ILE G 126 13.15 10.60 -23.47
N CYS G 127 13.56 9.37 -23.20
CA CYS G 127 14.60 9.15 -22.17
C CYS G 127 15.49 8.03 -22.60
N GLY G 128 16.76 8.13 -22.22
CA GLY G 128 17.74 7.09 -22.45
C GLY G 128 18.68 7.23 -23.63
N LEU G 129 18.43 8.18 -24.54
CA LEU G 129 19.15 8.25 -25.83
C LEU G 129 20.20 9.38 -25.90
N GLY G 130 20.66 9.88 -24.76
CA GLY G 130 21.62 10.99 -24.71
C GLY G 130 21.20 12.26 -25.46
N ALA G 131 22.17 13.01 -25.93
CA ALA G 131 21.93 14.26 -26.70
C ALA G 131 20.82 14.10 -27.71
N LYS G 132 20.86 12.99 -28.42
CA LYS G 132 19.93 12.78 -29.52
C LYS G 132 18.46 12.95 -29.11
N GLY G 133 18.09 12.49 -27.92
CA GLY G 133 16.76 12.78 -27.34
C GLY G 133 16.32 14.23 -27.43
N TYR G 134 17.24 15.17 -27.19
CA TYR G 134 16.94 16.59 -27.39
C TYR G 134 16.63 16.93 -28.85
N SER G 135 17.48 16.42 -29.73
CA SER G 135 17.40 16.74 -31.16
C SER G 135 16.21 16.09 -31.82
N PHE G 136 15.85 14.90 -31.34
CA PHE G 136 14.57 14.28 -31.72
C PHE G 136 13.35 15.15 -31.34
N ALA G 137 13.37 15.74 -30.13
CA ALA G 137 12.28 16.62 -29.67
C ALA G 137 12.21 17.86 -30.51
N LEU G 138 13.38 18.46 -30.76
CA LEU G 138 13.42 19.63 -31.65
C LEU G 138 12.83 19.30 -33.02
N ASP G 139 13.30 18.19 -33.59
CA ASP G 139 12.78 17.68 -34.87
C ASP G 139 11.25 17.69 -34.90
N TYR G 140 10.66 16.99 -33.94
CA TYR G 140 9.22 16.92 -33.82
C TYR G 140 8.67 18.36 -33.65
N ALA G 141 9.26 19.18 -32.78
CA ALA G 141 8.72 20.54 -32.60
C ALA G 141 8.66 21.35 -33.92
N ILE G 142 9.73 21.25 -34.72
CA ILE G 142 9.84 22.00 -35.97
C ILE G 142 8.73 21.59 -36.94
N GLU G 143 8.53 20.29 -37.17
CA GLU G 143 7.35 19.79 -37.93
C GLU G 143 6.00 20.26 -37.38
N LYS G 144 5.84 20.31 -36.06
CA LYS G 144 4.56 20.76 -35.47
C LYS G 144 4.28 22.22 -35.84
N ILE G 145 5.28 23.09 -35.63
CA ILE G 145 5.15 24.54 -35.93
C ILE G 145 5.04 24.83 -37.44
N GLN G 146 5.89 24.20 -38.26
CA GLN G 146 6.07 24.50 -39.71
C GLN G 146 5.83 23.23 -40.56
N PRO G 147 4.59 22.74 -40.64
CA PRO G 147 4.27 21.37 -41.13
C PRO G 147 5.21 20.66 -42.17
N SER H 3 28.85 -0.11 35.78
CA SER H 3 27.89 0.76 36.43
C SER H 3 27.82 2.09 35.73
N THR H 4 26.72 2.79 35.91
CA THR H 4 26.45 4.08 35.28
C THR H 4 26.30 4.06 33.75
N ILE H 5 27.25 3.52 33.00
CA ILE H 5 27.13 3.40 31.54
C ILE H 5 27.30 1.95 31.09
N LEU H 6 26.38 1.48 30.23
CA LEU H 6 26.41 0.08 29.75
C LEU H 6 26.36 -0.07 28.22
N VAL H 7 27.34 -0.76 27.64
CA VAL H 7 27.44 -0.97 26.19
C VAL H 7 26.90 -2.35 25.84
N ILE H 8 25.79 -2.40 25.09
CA ILE H 8 25.19 -3.67 24.67
C ILE H 8 25.38 -3.89 23.17
N HIS H 9 25.95 -5.03 22.82
CA HIS H 9 26.07 -5.49 21.43
C HIS H 9 25.11 -6.63 21.14
N GLY H 10 24.31 -6.48 20.09
CA GLY H 10 23.37 -7.50 19.66
C GLY H 10 24.02 -8.67 18.90
N PRO H 11 23.19 -9.53 18.29
CA PRO H 11 23.67 -10.78 17.70
C PRO H 11 24.58 -10.57 16.53
N ASN H 12 25.48 -11.52 16.33
CA ASN H 12 26.46 -11.52 15.24
C ASN H 12 27.63 -10.53 15.38
N LEU H 13 27.63 -9.60 16.33
CA LEU H 13 28.77 -8.70 16.48
C LEU H 13 30.01 -9.40 17.03
N ASN H 14 29.82 -10.53 17.71
CA ASN H 14 30.92 -11.43 18.10
C ASN H 14 31.82 -11.87 16.92
N LEU H 15 31.26 -11.97 15.71
CA LEU H 15 32.04 -12.28 14.49
C LEU H 15 32.95 -11.18 13.95
N LEU H 16 33.04 -10.01 14.59
CA LEU H 16 33.82 -8.89 14.02
C LEU H 16 35.27 -9.25 13.83
N GLY H 17 35.79 -8.94 12.64
CA GLY H 17 37.17 -9.18 12.29
C GLY H 17 37.48 -10.59 11.91
N LYS H 18 36.67 -11.53 12.40
CA LYS H 18 37.07 -12.94 12.49
C LYS H 18 37.04 -13.69 11.13
N ARG H 19 36.09 -13.40 10.26
CA ARG H 19 36.14 -14.04 8.96
C ARG H 19 36.91 -13.14 8.02
N GLU H 20 38.08 -13.61 7.55
CA GLU H 20 38.96 -12.96 6.53
C GLU H 20 39.38 -11.53 6.86
N PRO H 21 40.54 -11.37 7.51
CA PRO H 21 41.02 -10.08 7.94
C PRO H 21 41.05 -9.04 6.83
N GLU H 22 41.01 -9.46 5.57
CA GLU H 22 40.83 -8.50 4.47
C GLU H 22 39.39 -8.55 3.85
N VAL H 23 38.37 -8.20 4.67
CA VAL H 23 36.96 -7.98 4.24
C VAL H 23 36.43 -6.66 4.85
N TYR H 24 36.33 -6.61 6.20
CA TYR H 24 35.85 -5.43 6.96
C TYR H 24 36.87 -4.86 7.99
N GLY H 25 38.14 -5.27 7.87
CA GLY H 25 39.20 -4.87 8.81
C GLY H 25 39.56 -5.95 9.81
N HIS H 26 40.62 -5.70 10.58
CA HIS H 26 41.05 -6.62 11.64
C HIS H 26 40.40 -6.28 12.98
N LEU H 27 39.38 -5.42 12.99
CA LEU H 27 38.84 -4.86 14.22
C LEU H 27 37.87 -5.86 14.88
N THR H 28 38.14 -6.20 16.14
CA THR H 28 37.37 -7.19 16.90
C THR H 28 36.44 -6.51 17.89
N LEU H 29 35.47 -7.26 18.40
CA LEU H 29 34.54 -6.74 19.40
C LEU H 29 35.30 -6.34 20.66
N ASP H 30 36.37 -7.06 21.00
CA ASP H 30 37.27 -6.65 22.08
C ASP H 30 38.01 -5.35 21.82
N ASN H 31 38.49 -5.17 20.61
CA ASN H 31 39.18 -3.93 20.32
C ASN H 31 38.29 -2.77 20.64
N ILE H 32 37.07 -2.81 20.09
CA ILE H 32 36.03 -1.81 20.37
C ILE H 32 35.87 -1.57 21.88
N ASN H 33 35.52 -2.62 22.62
CA ASN H 33 35.33 -2.56 24.07
C ASN H 33 36.50 -1.94 24.86
N ARG H 34 37.73 -2.23 24.45
CA ARG H 34 38.93 -1.72 25.14
C ARG H 34 39.02 -0.22 25.00
N GLN H 35 38.86 0.26 23.77
CA GLN H 35 38.84 1.67 23.49
C GLN H 35 37.80 2.36 24.39
N LEU H 36 36.58 1.80 24.43
CA LEU H 36 35.49 2.40 25.19
C LEU H 36 35.80 2.38 26.68
N ILE H 37 36.45 1.32 27.14
CA ILE H 37 36.78 1.19 28.56
C ILE H 37 37.87 2.17 28.98
N ALA H 38 38.91 2.31 28.15
CA ALA H 38 39.98 3.31 28.40
C ALA H 38 39.38 4.72 28.42
N GLN H 39 38.59 5.04 27.38
CA GLN H 39 37.94 6.35 27.24
C GLN H 39 37.09 6.75 28.44
N ALA H 40 36.44 5.76 29.06
CA ALA H 40 35.57 5.96 30.22
C ALA H 40 36.37 6.00 31.52
N GLU H 41 37.45 5.22 31.59
CA GLU H 41 38.42 5.34 32.69
C GLU H 41 38.97 6.77 32.77
N GLN H 42 39.39 7.32 31.63
CA GLN H 42 39.89 8.70 31.57
C GLN H 42 38.95 9.76 32.12
N ALA H 43 37.64 9.53 32.07
CA ALA H 43 36.64 10.43 32.70
C ALA H 43 36.08 10.02 34.10
N SER H 44 36.60 8.95 34.71
CA SER H 44 36.17 8.47 36.05
C SER H 44 34.72 7.94 36.11
N ILE H 45 34.37 7.24 35.02
CA ILE H 45 33.11 6.52 34.82
C ILE H 45 33.51 5.05 34.68
N THR H 46 32.80 4.15 35.35
CA THR H 46 32.95 2.73 35.07
C THR H 46 32.04 2.40 33.91
N LEU H 47 32.56 1.60 32.99
CA LEU H 47 31.82 1.16 31.84
C LEU H 47 31.71 -0.35 31.83
N ASP H 48 30.46 -0.82 31.78
CA ASP H 48 30.16 -2.24 31.55
C ASP H 48 30.06 -2.53 30.03
N THR H 49 30.16 -3.80 29.64
CA THR H 49 29.93 -4.22 28.24
C THR H 49 29.26 -5.61 28.24
N PHE H 50 28.48 -5.92 27.20
CA PHE H 50 27.73 -7.19 27.13
C PHE H 50 27.34 -7.51 25.66
N GLN H 51 27.46 -8.76 25.24
CA GLN H 51 27.08 -9.19 23.89
C GLN H 51 26.44 -10.55 23.92
N SER H 52 25.35 -10.72 23.21
CA SER H 52 24.70 -12.00 23.14
C SER H 52 23.98 -12.17 21.81
N ASN H 53 23.87 -13.42 21.38
CA ASN H 53 23.09 -13.79 20.22
C ASN H 53 21.66 -14.18 20.58
N TRP H 54 21.23 -13.93 21.82
CA TRP H 54 19.93 -14.41 22.29
C TRP H 54 19.12 -13.22 22.73
N GLU H 55 17.93 -13.08 22.21
CA GLU H 55 17.08 -11.93 22.49
C GLU H 55 16.82 -11.81 24.00
N GLY H 56 16.54 -12.90 24.70
CA GLY H 56 16.25 -12.88 26.15
C GLY H 56 17.40 -12.57 27.10
N ALA H 57 18.63 -12.92 26.72
CA ALA H 57 19.82 -12.60 27.52
C ALA H 57 19.94 -11.10 27.60
N ILE H 58 19.72 -10.49 26.45
CA ILE H 58 19.72 -9.04 26.34
C ILE H 58 18.60 -8.44 27.16
N VAL H 59 17.39 -8.98 27.10
CA VAL H 59 16.29 -8.43 27.90
C VAL H 59 16.59 -8.54 29.39
N ASP H 60 17.05 -9.71 29.83
CA ASP H 60 17.54 -9.89 31.19
C ASP H 60 18.63 -8.87 31.51
N ARG H 61 19.59 -8.69 30.61
CA ARG H 61 20.70 -7.80 30.94
C ARG H 61 20.20 -6.37 31.22
N ILE H 62 19.23 -5.95 30.41
CA ILE H 62 18.61 -4.64 30.56
C ILE H 62 17.81 -4.52 31.87
N HIS H 63 17.08 -5.58 32.25
CA HIS H 63 16.39 -5.61 33.56
C HIS H 63 17.39 -5.54 34.71
N GLN H 64 18.51 -6.25 34.59
CA GLN H 64 19.59 -6.15 35.58
C GLN H 64 20.08 -4.72 35.73
N ALA H 65 20.29 -4.04 34.60
CA ALA H 65 20.84 -2.68 34.56
C ALA H 65 20.01 -1.68 35.35
N GLN H 66 18.71 -1.91 35.41
CA GLN H 66 17.83 -1.08 36.24
C GLN H 66 18.24 -1.07 37.71
N THR H 67 18.60 -2.24 38.24
CA THR H 67 18.90 -2.42 39.67
C THR H 67 20.36 -2.15 40.03
N GLU H 68 21.24 -1.97 39.05
CA GLU H 68 22.62 -1.54 39.28
C GLU H 68 22.82 -0.02 39.12
N GLY H 69 21.73 0.76 39.03
CA GLY H 69 21.83 2.22 38.88
C GLY H 69 22.64 2.69 37.66
N VAL H 70 22.25 2.14 36.50
CA VAL H 70 22.79 2.49 35.18
C VAL H 70 22.02 3.69 34.66
N LYS H 71 22.72 4.76 34.28
CA LYS H 71 22.08 6.01 33.86
C LYS H 71 21.89 6.10 32.35
N LEU H 72 22.67 5.35 31.56
CA LEU H 72 22.57 5.36 30.10
C LEU H 72 23.10 4.09 29.46
N ILE H 73 22.44 3.67 28.38
CA ILE H 73 22.81 2.50 27.59
C ILE H 73 23.23 2.98 26.21
N ILE H 74 24.34 2.45 25.72
CA ILE H 74 24.77 2.59 24.34
C ILE H 74 24.53 1.23 23.78
N ILE H 75 23.72 1.14 22.74
CA ILE H 75 23.33 -0.17 22.21
C ILE H 75 23.38 -0.28 20.70
N ASN H 76 24.00 -1.35 20.23
CA ASN H 76 23.98 -1.72 18.83
C ASN H 76 23.20 -3.00 18.78
N PRO H 77 21.91 -2.89 18.52
CA PRO H 77 21.07 -4.06 18.52
C PRO H 77 21.30 -4.94 17.31
N ALA H 78 22.05 -4.43 16.33
CA ALA H 78 22.32 -5.15 15.10
C ALA H 78 20.98 -5.58 14.45
N ALA H 79 20.80 -6.86 14.11
CA ALA H 79 19.60 -7.33 13.37
C ALA H 79 18.28 -7.12 14.13
N LEU H 80 18.38 -7.10 15.46
CA LEU H 80 17.22 -6.94 16.35
C LEU H 80 16.55 -5.58 16.31
N THR H 81 17.20 -4.59 15.72
CA THR H 81 16.61 -3.28 15.61
C THR H 81 15.36 -3.37 14.75
N HIS H 82 15.34 -4.33 13.82
CA HIS H 82 14.26 -4.47 12.83
C HIS H 82 13.17 -5.45 13.24
N THR H 83 13.45 -6.29 14.23
CA THR H 83 12.51 -7.34 14.65
C THR H 83 11.98 -7.27 16.10
N SER H 84 12.71 -6.69 17.06
CA SER H 84 12.36 -6.91 18.49
C SER H 84 11.60 -5.79 19.23
N VAL H 85 10.28 -5.93 19.31
CA VAL H 85 9.44 -5.11 20.19
C VAL H 85 9.80 -5.40 21.64
N ALA H 86 10.05 -6.67 21.95
CA ALA H 86 10.49 -7.03 23.31
C ALA H 86 11.65 -6.17 23.78
N LEU H 87 12.60 -5.91 22.91
CA LEU H 87 13.80 -5.18 23.30
C LEU H 87 13.43 -3.73 23.53
N ARG H 88 12.48 -3.24 22.73
CA ARG H 88 11.98 -1.87 22.88
C ARG H 88 11.32 -1.70 24.22
N ASP H 89 10.45 -2.66 24.53
CA ASP H 89 9.68 -2.62 25.76
C ASP H 89 10.51 -2.82 27.01
N ALA H 90 11.64 -3.51 26.91
CA ALA H 90 12.60 -3.53 28.01
C ALA H 90 13.19 -2.16 28.26
N LEU H 91 13.75 -1.55 27.23
CA LEU H 91 14.40 -0.25 27.37
C LEU H 91 13.46 0.82 27.98
N LEU H 92 12.22 0.87 27.49
CA LEU H 92 11.18 1.75 27.98
C LEU H 92 10.72 1.37 29.40
N GLY H 93 10.56 0.08 29.63
CA GLY H 93 10.25 -0.47 30.93
C GLY H 93 11.13 0.06 32.04
N VAL H 94 12.44 -0.15 31.89
CA VAL H 94 13.38 0.32 32.90
C VAL H 94 13.66 1.81 32.82
N ALA H 95 13.24 2.48 31.74
CA ALA H 95 13.37 3.92 31.61
C ALA H 95 14.82 4.43 31.75
N ILE H 96 15.78 3.67 31.24
CA ILE H 96 17.17 4.13 31.10
C ILE H 96 17.32 4.69 29.67
N PRO H 97 17.71 5.96 29.53
CA PRO H 97 17.93 6.49 28.18
C PRO H 97 18.99 5.69 27.41
N PHE H 98 18.89 5.67 26.07
CA PHE H 98 19.83 4.94 25.22
C PHE H 98 20.14 5.64 23.91
N ILE H 99 21.35 5.38 23.41
CA ILE H 99 21.79 5.83 22.10
C ILE H 99 21.93 4.57 21.25
N GLU H 100 21.32 4.60 20.07
CA GLU H 100 21.47 3.50 19.11
C GLU H 100 22.70 3.73 18.21
N VAL H 101 23.50 2.69 18.05
CA VAL H 101 24.71 2.74 17.19
C VAL H 101 24.71 1.57 16.21
N HIS H 102 25.15 1.83 14.98
CA HIS H 102 25.45 0.80 14.00
C HIS H 102 26.76 1.14 13.29
N LEU H 103 27.58 0.11 13.07
CA LEU H 103 28.86 0.24 12.38
C LEU H 103 28.65 0.67 10.92
N SER H 104 27.70 0.02 10.25
CA SER H 104 27.46 0.24 8.84
C SER H 104 26.28 1.17 8.57
N ASN H 105 26.28 1.80 7.40
CA ASN H 105 25.14 2.62 7.00
C ASN H 105 24.00 1.66 6.75
N VAL H 106 23.18 1.51 7.75
CA VAL H 106 22.00 0.67 7.66
C VAL H 106 21.07 1.15 6.52
N HIS H 107 21.03 2.47 6.27
CA HIS H 107 20.20 3.07 5.20
C HIS H 107 20.64 2.74 3.77
N ALA H 108 21.88 2.26 3.60
CA ALA H 108 22.45 1.95 2.28
C ALA H 108 22.24 0.51 1.87
N ARG H 109 21.46 -0.25 2.63
CA ARG H 109 21.39 -1.68 2.42
C ARG H 109 19.94 -1.96 2.05
N GLU H 110 19.45 -3.18 2.27
CA GLU H 110 18.08 -3.58 1.89
C GLU H 110 17.00 -2.70 2.55
N ALA H 111 15.82 -2.70 1.92
CA ALA H 111 14.68 -1.88 2.34
C ALA H 111 14.16 -2.21 3.74
N PHE H 112 14.18 -3.49 4.09
CA PHE H 112 13.67 -3.90 5.39
C PHE H 112 14.48 -3.32 6.53
N ARG H 113 15.76 -3.02 6.28
CA ARG H 113 16.65 -2.46 7.28
C ARG H 113 16.41 -0.96 7.59
N HIS H 114 15.54 -0.28 6.85
CA HIS H 114 15.24 1.14 7.20
C HIS H 114 14.34 1.30 8.45
N HIS H 115 13.39 0.38 8.62
CA HIS H 115 12.49 0.33 9.78
C HIS H 115 13.22 -0.24 11.02
N SER H 116 12.97 0.41 12.16
CA SER H 116 13.56 0.06 13.46
C SER H 116 12.50 0.20 14.58
N TYR H 117 12.47 -0.75 15.52
CA TYR H 117 11.61 -0.64 16.67
C TYR H 117 12.29 0.09 17.83
N LEU H 118 13.49 0.64 17.59
CA LEU H 118 14.22 1.41 18.60
C LEU H 118 14.49 2.88 18.34
N SER H 119 14.84 3.25 17.11
CA SER H 119 15.31 4.61 16.78
C SER H 119 14.42 5.73 17.28
N ASP H 120 13.10 5.53 17.19
CA ASP H 120 12.14 6.56 17.57
C ASP H 120 12.10 6.84 19.07
N LYS H 121 12.63 5.92 19.88
CA LYS H 121 12.78 6.10 21.35
C LYS H 121 14.19 6.42 21.86
N ALA H 122 15.20 6.34 21.00
CA ALA H 122 16.57 6.63 21.40
C ALA H 122 16.74 8.11 21.61
N ILE H 123 17.79 8.53 22.29
CA ILE H 123 18.11 9.97 22.35
C ILE H 123 18.51 10.41 20.96
N GLY H 124 19.32 9.56 20.35
CA GLY H 124 19.82 9.74 19.00
C GLY H 124 20.40 8.45 18.49
N VAL H 125 20.85 8.50 17.24
CA VAL H 125 21.24 7.34 16.46
C VAL H 125 22.50 7.69 15.69
N ILE H 126 23.44 6.76 15.57
CA ILE H 126 24.63 6.92 14.70
C ILE H 126 24.89 5.68 13.87
N CYS H 127 24.82 5.79 12.55
CA CYS H 127 25.19 4.64 11.70
C CYS H 127 26.22 4.96 10.60
N GLY H 128 26.98 3.95 10.22
CA GLY H 128 27.94 4.09 9.15
C GLY H 128 29.30 4.68 9.48
N LEU H 129 29.56 5.05 10.74
CA LEU H 129 30.86 5.64 11.10
C LEU H 129 31.85 4.65 11.72
N GLY H 130 31.57 3.36 11.59
CA GLY H 130 32.43 2.32 12.14
C GLY H 130 32.47 2.33 13.66
N ALA H 131 33.59 1.86 14.19
CA ALA H 131 33.79 1.75 15.62
C ALA H 131 33.88 3.08 16.38
N LYS H 132 34.23 4.15 15.69
CA LYS H 132 34.15 5.49 16.29
C LYS H 132 32.70 5.90 16.71
N GLY H 133 31.66 5.38 16.03
CA GLY H 133 30.26 5.57 16.45
C GLY H 133 30.02 5.33 17.94
N TYR H 134 30.57 4.23 18.42
CA TYR H 134 30.60 3.95 19.85
C TYR H 134 31.29 5.08 20.66
N SER H 135 32.50 5.45 20.27
CA SER H 135 33.22 6.54 20.95
C SER H 135 32.44 7.82 20.97
N PHE H 136 31.76 8.12 19.87
CA PHE H 136 31.00 9.35 19.76
C PHE H 136 29.79 9.32 20.70
N ALA H 137 29.16 8.16 20.78
CA ALA H 137 28.03 7.94 21.67
C ALA H 137 28.45 8.04 23.13
N LEU H 138 29.63 7.52 23.45
CA LEU H 138 30.11 7.58 24.81
C LEU H 138 30.50 9.00 25.19
N ASP H 139 31.20 9.66 24.30
CA ASP H 139 31.56 11.04 24.46
C ASP H 139 30.32 11.84 24.84
N TYR H 140 29.24 11.75 24.04
CA TYR H 140 27.99 12.47 24.30
C TYR H 140 27.42 12.13 25.66
N ALA H 141 27.43 10.83 25.98
CA ALA H 141 26.87 10.29 27.24
C ALA H 141 27.56 10.84 28.47
N ILE H 142 28.87 10.98 28.39
CA ILE H 142 29.67 11.49 29.48
C ILE H 142 29.30 12.94 29.79
N GLU H 143 29.24 13.79 28.76
CA GLU H 143 28.78 15.18 28.97
C GLU H 143 27.29 15.31 29.39
N LYS H 144 26.50 14.26 29.23
CA LYS H 144 25.12 14.24 29.71
C LYS H 144 25.06 13.86 31.19
N ILE H 145 25.99 13.03 31.65
CA ILE H 145 26.06 12.57 33.02
C ILE H 145 26.96 13.47 33.86
N GLN H 146 28.07 13.91 33.32
CA GLN H 146 28.91 14.80 34.09
C GLN H 146 29.27 16.01 33.31
N PRO H 147 28.33 16.93 33.24
CA PRO H 147 28.49 18.18 32.52
C PRO H 147 29.64 18.96 33.05
N SER I 3 0.92 -45.61 -16.12
CA SER I 3 1.33 -44.40 -15.31
C SER I 3 2.24 -43.46 -16.11
N THR I 4 1.67 -42.35 -16.62
CA THR I 4 2.42 -41.37 -17.42
C THR I 4 2.63 -40.05 -16.61
N ILE I 5 3.85 -39.51 -16.72
CA ILE I 5 4.27 -38.23 -16.18
C ILE I 5 4.52 -37.31 -17.38
N LEU I 6 4.20 -36.03 -17.24
CA LEU I 6 4.42 -35.05 -18.29
C LEU I 6 5.27 -33.89 -17.79
N VAL I 7 6.41 -33.62 -18.42
CA VAL I 7 7.22 -32.44 -18.09
C VAL I 7 6.87 -31.33 -19.10
N ILE I 8 6.36 -30.20 -18.62
CA ILE I 8 6.11 -29.06 -19.47
C ILE I 8 7.18 -28.03 -19.20
N HIS I 9 7.95 -27.66 -20.22
CA HIS I 9 8.84 -26.49 -20.14
C HIS I 9 8.20 -25.23 -20.74
N GLY I 10 8.28 -24.10 -20.03
CA GLY I 10 7.72 -22.85 -20.51
C GLY I 10 8.61 -22.09 -21.49
N PRO I 11 8.19 -20.86 -21.84
CA PRO I 11 8.85 -20.00 -22.83
C PRO I 11 10.29 -19.61 -22.49
N ASN I 12 11.11 -19.48 -23.53
CA ASN I 12 12.56 -19.15 -23.44
C ASN I 12 13.47 -20.24 -22.94
N LEU I 13 12.95 -21.38 -22.52
CA LEU I 13 13.83 -22.43 -22.00
C LEU I 13 14.57 -23.15 -23.12
N ASN I 14 13.95 -23.29 -24.27
CA ASN I 14 14.66 -23.69 -25.49
C ASN I 14 16.01 -22.99 -25.69
N LEU I 15 16.16 -21.76 -25.17
CA LEU I 15 17.44 -20.98 -25.24
C LEU I 15 18.58 -21.45 -24.33
N LEU I 16 18.31 -22.38 -23.43
CA LEU I 16 19.37 -22.89 -22.56
C LEU I 16 20.59 -23.35 -23.33
N GLY I 17 21.76 -22.78 -23.01
CA GLY I 17 23.02 -23.15 -23.63
C GLY I 17 23.49 -22.28 -24.78
N LYS I 18 22.57 -21.73 -25.59
CA LYS I 18 22.94 -20.98 -26.84
C LYS I 18 23.96 -19.84 -26.63
N ARG I 19 23.54 -18.78 -25.95
CA ARG I 19 24.40 -17.61 -25.75
C ARG I 19 25.92 -17.89 -25.66
N GLU I 20 26.42 -17.97 -24.46
CA GLU I 20 27.82 -18.20 -24.31
C GLU I 20 27.87 -19.31 -23.33
N PRO I 21 28.38 -20.45 -23.76
CA PRO I 21 28.44 -21.57 -22.87
C PRO I 21 29.34 -21.28 -21.71
N GLU I 22 30.47 -20.61 -21.93
CA GLU I 22 31.35 -20.32 -20.82
C GLU I 22 30.76 -19.43 -19.74
N VAL I 23 30.13 -18.32 -20.09
CA VAL I 23 29.53 -17.50 -19.03
C VAL I 23 28.35 -18.24 -18.41
N TYR I 24 27.46 -18.78 -19.24
CA TYR I 24 26.20 -19.34 -18.74
C TYR I 24 25.94 -20.81 -18.56
N GLY I 25 26.94 -21.64 -18.74
CA GLY I 25 26.71 -23.06 -18.61
C GLY I 25 26.56 -23.66 -19.98
N HIS I 26 26.81 -24.94 -20.04
CA HIS I 26 26.76 -25.62 -21.30
C HIS I 26 25.52 -26.45 -21.39
N LEU I 27 24.69 -26.40 -20.36
CA LEU I 27 23.54 -27.29 -20.30
C LEU I 27 22.33 -26.84 -21.16
N THR I 28 21.87 -27.74 -22.05
CA THR I 28 20.74 -27.50 -22.96
C THR I 28 19.41 -28.05 -22.47
N LEU I 29 18.35 -27.62 -23.14
CA LEU I 29 17.04 -28.19 -22.90
C LEU I 29 16.97 -29.68 -23.22
N ASP I 30 17.70 -30.15 -24.23
CA ASP I 30 17.67 -31.61 -24.55
C ASP I 30 18.44 -32.45 -23.53
N ASN I 31 19.65 -32.01 -23.18
CA ASN I 31 20.39 -32.61 -22.05
C ASN I 31 19.45 -32.98 -20.90
N ILE I 32 18.72 -31.98 -20.41
CA ILE I 32 17.76 -32.12 -19.30
C ILE I 32 16.71 -33.18 -19.60
N ASN I 33 16.14 -33.12 -20.81
CA ASN I 33 15.15 -34.11 -21.23
C ASN I 33 15.74 -35.52 -21.26
N ARG I 34 16.92 -35.69 -21.86
CA ARG I 34 17.53 -37.02 -21.96
C ARG I 34 17.77 -37.57 -20.56
N GLN I 35 18.26 -36.71 -19.67
CA GLN I 35 18.45 -37.06 -18.27
C GLN I 35 17.17 -37.67 -17.65
N LEU I 36 16.03 -36.98 -17.79
CA LEU I 36 14.79 -37.41 -17.16
C LEU I 36 14.15 -38.59 -17.86
N ILE I 37 14.36 -38.73 -19.16
CA ILE I 37 13.80 -39.87 -19.93
C ILE I 37 14.48 -41.16 -19.43
N ALA I 38 15.83 -41.11 -19.36
CA ALA I 38 16.64 -42.19 -18.80
C ALA I 38 16.23 -42.62 -17.38
N GLN I 39 16.13 -41.62 -16.49
CA GLN I 39 15.67 -41.81 -15.12
C GLN I 39 14.30 -42.49 -15.03
N ALA I 40 13.41 -42.15 -15.97
CA ALA I 40 12.04 -42.68 -15.96
C ALA I 40 11.94 -44.10 -16.57
N GLU I 41 12.81 -44.41 -17.54
CA GLU I 41 12.92 -45.80 -18.05
C GLU I 41 13.48 -46.72 -16.93
N GLN I 42 14.52 -46.25 -16.23
CA GLN I 42 15.11 -46.97 -15.11
C GLN I 42 14.00 -47.47 -14.20
N ALA I 43 13.10 -46.59 -13.76
CA ALA I 43 11.96 -47.01 -12.91
C ALA I 43 10.66 -47.41 -13.66
N SER I 44 10.77 -47.76 -14.94
CA SER I 44 9.62 -48.21 -15.74
C SER I 44 8.39 -47.32 -15.65
N ILE I 45 8.58 -46.02 -15.87
CA ILE I 45 7.51 -45.03 -15.98
C ILE I 45 7.51 -44.47 -17.40
N THR I 46 6.32 -44.34 -17.99
CA THR I 46 6.17 -43.66 -19.26
C THR I 46 6.25 -42.15 -19.00
N LEU I 47 7.23 -41.47 -19.60
CA LEU I 47 7.42 -40.03 -19.41
C LEU I 47 7.47 -39.32 -20.73
N ASP I 48 6.74 -38.20 -20.77
CA ASP I 48 6.48 -37.39 -21.95
C ASP I 48 6.91 -35.98 -21.63
N THR I 49 7.30 -35.19 -22.63
CA THR I 49 7.81 -33.81 -22.39
C THR I 49 7.39 -32.81 -23.46
N PHE I 50 7.34 -31.53 -23.10
CA PHE I 50 6.78 -30.47 -23.97
C PHE I 50 7.37 -29.12 -23.64
N GLN I 51 7.64 -28.33 -24.67
CA GLN I 51 8.08 -26.93 -24.53
C GLN I 51 7.42 -26.05 -25.60
N SER I 52 7.21 -24.80 -25.24
CA SER I 52 6.61 -23.81 -26.14
C SER I 52 6.81 -22.42 -25.56
N ASN I 53 6.87 -21.44 -26.45
CA ASN I 53 6.81 -20.03 -26.07
C ASN I 53 5.40 -19.42 -26.13
N TRP I 54 4.38 -20.25 -26.37
CA TRP I 54 3.01 -19.79 -26.56
C TRP I 54 2.16 -20.33 -25.41
N GLU I 55 1.55 -19.43 -24.64
CA GLU I 55 0.68 -19.78 -23.51
C GLU I 55 -0.40 -20.77 -23.96
N GLY I 56 -1.05 -20.49 -25.10
CA GLY I 56 -2.15 -21.31 -25.64
C GLY I 56 -1.76 -22.73 -25.95
N ALA I 57 -0.56 -22.91 -26.47
CA ALA I 57 -0.04 -24.25 -26.79
C ALA I 57 0.04 -25.11 -25.51
N ILE I 58 0.59 -24.51 -24.45
CA ILE I 58 0.72 -25.13 -23.15
C ILE I 58 -0.66 -25.47 -22.55
N VAL I 59 -1.61 -24.58 -22.71
CA VAL I 59 -2.94 -24.88 -22.18
C VAL I 59 -3.54 -26.03 -22.97
N ASP I 60 -3.40 -26.02 -24.29
CA ASP I 60 -3.91 -27.13 -25.09
C ASP I 60 -3.18 -28.42 -24.66
N ARG I 61 -1.87 -28.33 -24.36
CA ARG I 61 -1.09 -29.49 -23.86
C ARG I 61 -1.54 -30.07 -22.50
N ILE I 62 -1.91 -29.21 -21.55
CA ILE I 62 -2.43 -29.66 -20.25
C ILE I 62 -3.79 -30.36 -20.45
N HIS I 63 -4.61 -29.84 -21.36
CA HIS I 63 -5.91 -30.45 -21.65
C HIS I 63 -5.77 -31.85 -22.24
N GLN I 64 -4.89 -31.98 -23.23
CA GLN I 64 -4.63 -33.26 -23.86
C GLN I 64 -4.18 -34.27 -22.79
N ALA I 65 -3.34 -33.82 -21.87
CA ALA I 65 -2.94 -34.62 -20.71
C ALA I 65 -4.08 -35.29 -19.91
N GLN I 66 -5.27 -34.70 -19.85
CA GLN I 66 -6.41 -35.32 -19.15
C GLN I 66 -6.92 -36.54 -19.92
N THR I 67 -7.15 -36.37 -21.21
CA THR I 67 -7.54 -37.48 -22.09
C THR I 67 -6.48 -38.60 -22.16
N GLU I 68 -5.18 -38.30 -21.99
CA GLU I 68 -4.07 -39.28 -22.07
C GLU I 68 -3.86 -40.08 -20.78
N GLY I 69 -4.60 -39.73 -19.73
CA GLY I 69 -4.42 -40.36 -18.43
C GLY I 69 -3.07 -40.07 -17.79
N VAL I 70 -2.67 -38.80 -17.77
CA VAL I 70 -1.48 -38.36 -17.04
C VAL I 70 -1.89 -38.25 -15.58
N LYS I 71 -0.96 -38.61 -14.68
CA LYS I 71 -1.21 -38.57 -13.24
C LYS I 71 -0.31 -37.62 -12.45
N LEU I 72 0.74 -37.10 -13.07
CA LEU I 72 1.44 -35.92 -12.52
C LEU I 72 2.18 -35.12 -13.57
N ILE I 73 2.12 -33.79 -13.47
CA ILE I 73 2.83 -32.87 -14.35
C ILE I 73 3.93 -32.21 -13.55
N ILE I 74 5.13 -32.22 -14.09
CA ILE I 74 6.26 -31.52 -13.53
C ILE I 74 6.42 -30.32 -14.43
N ILE I 75 6.20 -29.10 -13.94
CA ILE I 75 6.14 -27.94 -14.82
C ILE I 75 7.06 -26.83 -14.40
N ASN I 76 7.91 -26.40 -15.33
CA ASN I 76 8.68 -25.18 -15.17
C ASN I 76 8.06 -24.14 -16.12
N PRO I 77 7.15 -23.30 -15.59
CA PRO I 77 6.45 -22.35 -16.45
C PRO I 77 7.26 -21.12 -16.83
N ALA I 78 8.53 -21.04 -16.40
CA ALA I 78 9.38 -19.90 -16.66
C ALA I 78 8.61 -18.63 -16.28
N ALA I 79 8.69 -17.58 -17.10
CA ALA I 79 7.95 -16.31 -16.90
C ALA I 79 6.41 -16.39 -16.75
N LEU I 80 5.80 -17.48 -17.19
CA LEU I 80 4.35 -17.61 -17.08
C LEU I 80 3.96 -17.86 -15.64
N THR I 81 4.93 -18.18 -14.79
CA THR I 81 4.61 -18.34 -13.38
C THR I 81 4.01 -17.06 -12.80
N HIS I 82 4.53 -15.91 -13.26
CA HIS I 82 4.16 -14.60 -12.71
C HIS I 82 2.91 -13.96 -13.36
N THR I 83 2.46 -14.46 -14.51
CA THR I 83 1.43 -13.78 -15.29
C THR I 83 0.15 -14.56 -15.65
N SER I 84 0.23 -15.89 -15.72
CA SER I 84 -0.87 -16.64 -16.30
C SER I 84 -1.89 -17.19 -15.34
N VAL I 85 -3.02 -16.55 -15.25
CA VAL I 85 -4.12 -17.18 -14.58
C VAL I 85 -4.60 -18.33 -15.47
N ALA I 86 -4.62 -18.18 -16.79
CA ALA I 86 -5.06 -19.26 -17.71
C ALA I 86 -4.33 -20.62 -17.52
N LEU I 87 -3.08 -20.58 -17.08
CA LEU I 87 -2.28 -21.77 -16.79
C LEU I 87 -2.72 -22.41 -15.50
N ARG I 88 -2.96 -21.59 -14.48
CA ARG I 88 -3.53 -22.09 -13.22
C ARG I 88 -4.88 -22.77 -13.42
N ASP I 89 -5.77 -22.10 -14.15
CA ASP I 89 -7.12 -22.60 -14.35
C ASP I 89 -7.20 -23.84 -15.26
N ALA I 90 -6.17 -24.06 -16.08
CA ALA I 90 -6.00 -25.30 -16.79
C ALA I 90 -5.63 -26.42 -15.83
N LEU I 91 -4.56 -26.22 -15.07
CA LEU I 91 -4.08 -27.24 -14.13
C LEU I 91 -5.16 -27.61 -13.09
N LEU I 92 -5.90 -26.63 -12.58
CA LEU I 92 -7.03 -26.90 -11.68
C LEU I 92 -8.23 -27.52 -12.40
N GLY I 93 -8.52 -27.05 -13.61
CA GLY I 93 -9.64 -27.56 -14.42
C GLY I 93 -9.56 -29.05 -14.72
N VAL I 94 -8.39 -29.53 -15.12
CA VAL I 94 -8.10 -30.96 -15.34
C VAL I 94 -7.74 -31.73 -14.05
N ALA I 95 -7.26 -31.03 -13.02
CA ALA I 95 -7.03 -31.61 -11.69
C ALA I 95 -5.97 -32.72 -11.64
N ILE I 96 -4.93 -32.57 -12.46
CA ILE I 96 -3.71 -33.38 -12.38
C ILE I 96 -2.80 -32.64 -11.39
N PRO I 97 -2.33 -33.32 -10.32
CA PRO I 97 -1.44 -32.60 -9.42
C PRO I 97 -0.14 -32.23 -10.11
N PHE I 98 0.47 -31.15 -9.61
CA PHE I 98 1.73 -30.66 -10.21
C PHE I 98 2.81 -30.22 -9.23
N ILE I 99 4.03 -30.18 -9.74
CA ILE I 99 5.19 -29.65 -9.01
C ILE I 99 5.82 -28.58 -9.88
N GLU I 100 6.08 -27.43 -9.26
CA GLU I 100 6.62 -26.25 -9.93
C GLU I 100 8.13 -26.34 -9.74
N VAL I 101 8.86 -26.09 -10.82
CA VAL I 101 10.31 -26.18 -10.80
C VAL I 101 10.89 -24.94 -11.49
N HIS I 102 11.95 -24.39 -10.92
CA HIS I 102 12.75 -23.42 -11.63
C HIS I 102 14.22 -23.68 -11.44
N LEU I 103 15.00 -23.47 -12.48
CA LEU I 103 16.47 -23.68 -12.44
C LEU I 103 17.17 -22.73 -11.48
N SER I 104 16.78 -21.47 -11.58
CA SER I 104 17.36 -20.35 -10.87
C SER I 104 16.50 -20.02 -9.66
N ASN I 105 17.11 -19.32 -8.72
CA ASN I 105 16.44 -18.88 -7.52
C ASN I 105 15.60 -17.65 -7.85
N VAL I 106 14.30 -17.86 -8.09
CA VAL I 106 13.40 -16.74 -8.41
C VAL I 106 13.28 -15.71 -7.28
N HIS I 107 13.39 -16.16 -6.02
CA HIS I 107 13.35 -15.27 -4.83
C HIS I 107 14.54 -14.30 -4.73
N ALA I 108 15.62 -14.54 -5.46
CA ALA I 108 16.83 -13.71 -5.43
C ALA I 108 16.93 -12.67 -6.56
N ARG I 109 15.83 -12.39 -7.23
CA ARG I 109 15.84 -11.60 -8.44
C ARG I 109 14.86 -10.44 -8.29
N GLU I 110 14.35 -9.87 -9.38
CA GLU I 110 13.47 -8.71 -9.23
C GLU I 110 12.24 -9.05 -8.35
N ALA I 111 11.73 -8.06 -7.61
CA ALA I 111 10.61 -8.28 -6.69
C ALA I 111 9.38 -8.92 -7.34
N PHE I 112 9.03 -8.46 -8.55
CA PHE I 112 7.91 -9.03 -9.34
C PHE I 112 8.00 -10.54 -9.59
N ARG I 113 9.22 -11.09 -9.65
CA ARG I 113 9.42 -12.56 -9.72
C ARG I 113 9.14 -13.31 -8.41
N HIS I 114 8.73 -12.62 -7.35
CA HIS I 114 8.39 -13.26 -6.07
C HIS I 114 6.93 -13.71 -5.97
N HIS I 115 6.08 -13.23 -6.86
CA HIS I 115 4.66 -13.60 -6.91
C HIS I 115 4.48 -14.71 -7.98
N SER I 116 3.63 -15.71 -7.68
CA SER I 116 3.25 -16.79 -8.60
C SER I 116 1.76 -17.09 -8.58
N TYR I 117 1.22 -17.40 -9.76
CA TYR I 117 -0.16 -17.87 -9.87
C TYR I 117 -0.24 -19.37 -9.87
N LEU I 118 0.89 -20.02 -9.62
CA LEU I 118 0.96 -21.49 -9.55
C LEU I 118 1.35 -22.07 -8.19
N SER I 119 2.36 -21.50 -7.52
CA SER I 119 2.95 -22.09 -6.29
C SER I 119 1.95 -22.56 -5.23
N ASP I 120 0.95 -21.73 -4.95
CA ASP I 120 -0.06 -22.05 -3.92
C ASP I 120 -0.91 -23.28 -4.21
N LYS I 121 -0.95 -23.72 -5.46
CA LYS I 121 -1.73 -24.90 -5.83
C LYS I 121 -0.90 -26.12 -6.23
N ALA I 122 0.43 -25.99 -6.25
CA ALA I 122 1.32 -27.17 -6.43
C ALA I 122 1.38 -28.02 -5.18
N ILE I 123 1.81 -29.27 -5.38
CA ILE I 123 2.21 -30.13 -4.26
C ILE I 123 3.38 -29.43 -3.56
N GLY I 124 4.32 -28.94 -4.36
CA GLY I 124 5.54 -28.37 -3.86
C GLY I 124 6.34 -27.71 -4.94
N VAL I 125 7.45 -27.12 -4.54
CA VAL I 125 8.16 -26.22 -5.40
C VAL I 125 9.63 -26.40 -5.14
N ILE I 126 10.42 -26.58 -6.19
CA ILE I 126 11.89 -26.61 -6.08
C ILE I 126 12.44 -25.51 -6.98
N CYS I 127 13.26 -24.63 -6.43
CA CYS I 127 13.86 -23.61 -7.27
C CYS I 127 15.31 -23.28 -6.91
N GLY I 128 16.10 -22.97 -7.93
CA GLY I 128 17.50 -22.54 -7.73
C GLY I 128 18.52 -23.64 -7.64
N LEU I 129 18.09 -24.89 -7.78
CA LEU I 129 18.99 -26.05 -7.75
C LEU I 129 19.39 -26.57 -9.16
N GLY I 130 19.24 -25.75 -10.19
CA GLY I 130 19.67 -26.18 -11.52
C GLY I 130 18.87 -27.36 -12.03
N ALA I 131 19.46 -28.14 -12.92
CA ALA I 131 18.70 -29.17 -13.59
C ALA I 131 18.33 -30.35 -12.66
N LYS I 132 19.10 -30.58 -11.60
CA LYS I 132 18.77 -31.66 -10.68
C LYS I 132 17.38 -31.49 -10.03
N GLY I 133 16.88 -30.26 -9.96
CA GLY I 133 15.56 -29.97 -9.43
C GLY I 133 14.44 -30.67 -10.15
N TYR I 134 14.56 -30.78 -11.47
CA TYR I 134 13.63 -31.58 -12.26
C TYR I 134 13.72 -33.04 -11.83
N SER I 135 14.94 -33.55 -11.72
CA SER I 135 15.16 -34.92 -11.25
C SER I 135 14.52 -35.23 -9.88
N PHE I 136 14.61 -34.27 -8.97
CA PHE I 136 14.03 -34.42 -7.63
C PHE I 136 12.52 -34.48 -7.70
N ALA I 137 11.95 -33.71 -8.62
CA ALA I 137 10.52 -33.70 -8.80
C ALA I 137 10.06 -35.07 -9.30
N LEU I 138 10.75 -35.60 -10.32
CA LEU I 138 10.44 -36.92 -10.86
C LEU I 138 10.63 -38.01 -9.79
N ASP I 139 11.68 -37.91 -8.96
CA ASP I 139 11.87 -38.85 -7.85
C ASP I 139 10.68 -38.83 -6.91
N TYR I 140 10.19 -37.64 -6.57
CA TYR I 140 8.97 -37.51 -5.76
C TYR I 140 7.81 -38.14 -6.50
N ALA I 141 7.73 -37.88 -7.80
CA ALA I 141 6.63 -38.38 -8.62
C ALA I 141 6.61 -39.91 -8.79
N ILE I 142 7.77 -40.51 -9.10
CA ILE I 142 7.90 -41.99 -9.20
C ILE I 142 7.43 -42.65 -7.91
N GLU I 143 7.91 -42.16 -6.76
CA GLU I 143 7.57 -42.74 -5.46
C GLU I 143 6.12 -42.48 -5.01
N LYS I 144 5.51 -41.39 -5.47
CA LYS I 144 4.12 -41.12 -5.15
C LYS I 144 3.18 -42.01 -5.98
N ILE I 145 3.58 -42.26 -7.23
CA ILE I 145 2.76 -42.95 -8.24
C ILE I 145 2.81 -44.49 -8.16
N GLN I 146 3.98 -45.05 -7.85
CA GLN I 146 4.16 -46.49 -7.63
C GLN I 146 5.20 -46.77 -6.54
N PRO I 147 4.72 -46.88 -5.28
CA PRO I 147 5.60 -47.39 -4.21
C PRO I 147 5.75 -48.91 -4.29
N SER J 3 24.49 -5.61 -41.53
CA SER J 3 23.80 -5.44 -40.19
C SER J 3 22.28 -5.23 -40.33
N THR J 4 21.53 -5.94 -39.47
CA THR J 4 20.09 -5.94 -39.50
C THR J 4 19.60 -5.26 -38.19
N ILE J 5 18.61 -4.39 -38.39
CA ILE J 5 17.74 -3.91 -37.37
C ILE J 5 16.43 -4.64 -37.61
N LEU J 6 15.84 -5.15 -36.55
CA LEU J 6 14.48 -5.63 -36.58
C LEU J 6 13.52 -4.64 -35.85
N VAL J 7 12.38 -4.35 -36.47
CA VAL J 7 11.33 -3.52 -35.91
C VAL J 7 10.15 -4.44 -35.64
N ILE J 8 9.67 -4.46 -34.40
CA ILE J 8 8.59 -5.35 -33.98
C ILE J 8 7.37 -4.55 -33.50
N HIS J 9 6.19 -4.84 -34.03
CA HIS J 9 4.96 -4.22 -33.58
C HIS J 9 4.13 -5.20 -32.79
N GLY J 10 3.72 -4.84 -31.60
CA GLY J 10 2.91 -5.72 -30.80
C GLY J 10 1.45 -5.73 -31.21
N PRO J 11 0.61 -6.35 -30.36
CA PRO J 11 -0.80 -6.54 -30.70
C PRO J 11 -1.58 -5.25 -30.95
N ASN J 12 -2.58 -5.35 -31.84
CA ASN J 12 -3.51 -4.30 -32.24
C ASN J 12 -2.93 -3.19 -33.15
N LEU J 13 -1.61 -3.13 -33.32
CA LEU J 13 -1.01 -2.04 -34.09
C LEU J 13 -1.34 -2.14 -35.59
N ASN J 14 -1.73 -3.33 -36.04
CA ASN J 14 -2.33 -3.59 -37.37
C ASN J 14 -3.65 -2.87 -37.60
N LEU J 15 -4.31 -2.42 -36.55
CA LEU J 15 -5.49 -1.57 -36.74
C LEU J 15 -5.18 -0.13 -37.15
N LEU J 16 -3.92 0.30 -37.02
CA LEU J 16 -3.56 1.70 -37.26
C LEU J 16 -4.13 2.18 -38.56
N GLY J 17 -4.84 3.30 -38.50
CA GLY J 17 -5.49 3.84 -39.68
C GLY J 17 -6.91 3.31 -39.86
N LYS J 18 -7.09 1.99 -39.84
CA LYS J 18 -8.36 1.37 -40.25
C LYS J 18 -9.58 1.82 -39.43
N ARG J 19 -9.47 1.79 -38.10
CA ARG J 19 -10.61 2.20 -37.27
C ARG J 19 -10.61 3.71 -37.06
N GLU J 20 -11.59 4.38 -37.68
CA GLU J 20 -11.81 5.83 -37.55
C GLU J 20 -10.56 6.69 -37.93
N PRO J 21 -10.50 7.20 -39.18
CA PRO J 21 -9.40 8.08 -39.60
C PRO J 21 -9.31 9.25 -38.63
N GLU J 22 -10.48 9.75 -38.27
CA GLU J 22 -10.64 10.85 -37.31
C GLU J 22 -9.98 10.63 -35.94
N VAL J 23 -10.09 9.43 -35.41
CA VAL J 23 -9.57 9.13 -34.05
C VAL J 23 -8.06 9.32 -33.93
N TYR J 24 -7.30 8.84 -34.91
CA TYR J 24 -5.83 8.91 -34.82
C TYR J 24 -5.08 9.12 -36.13
N GLY J 25 -3.79 9.45 -35.97
CA GLY J 25 -2.91 9.76 -37.08
C GLY J 25 -3.18 8.88 -38.27
N HIS J 26 -3.44 9.50 -39.41
CA HIS J 26 -3.79 8.78 -40.65
C HIS J 26 -2.84 7.66 -41.07
N LEU J 27 -1.59 7.71 -40.61
CA LEU J 27 -0.65 6.68 -40.95
C LEU J 27 -1.11 5.30 -40.51
N THR J 28 -0.85 4.34 -41.39
CA THR J 28 -1.10 2.91 -41.21
C THR J 28 0.20 2.18 -40.92
N LEU J 29 0.09 0.94 -40.47
CA LEU J 29 1.27 0.17 -40.16
C LEU J 29 2.19 -0.03 -41.37
N ASP J 30 1.63 -0.29 -42.54
CA ASP J 30 2.43 -0.43 -43.79
C ASP J 30 3.15 0.85 -44.21
N ASN J 31 2.43 1.98 -44.12
CA ASN J 31 3.07 3.29 -44.29
C ASN J 31 4.29 3.43 -43.38
N ILE J 32 4.14 3.10 -42.09
CA ILE J 32 5.23 3.24 -41.14
C ILE J 32 6.41 2.40 -41.58
N ASN J 33 6.16 1.15 -41.96
CA ASN J 33 7.23 0.23 -42.39
C ASN J 33 7.92 0.63 -43.70
N ARG J 34 7.18 1.27 -44.63
CA ARG J 34 7.76 1.70 -45.93
C ARG J 34 8.85 2.72 -45.65
N GLN J 35 8.44 3.80 -44.98
CA GLN J 35 9.27 4.91 -44.56
C GLN J 35 10.56 4.42 -43.85
N LEU J 36 10.39 3.52 -42.88
CA LEU J 36 11.51 2.95 -42.12
C LEU J 36 12.52 2.18 -42.96
N ILE J 37 12.03 1.46 -43.97
CA ILE J 37 12.89 0.68 -44.85
C ILE J 37 13.74 1.63 -45.68
N ALA J 38 13.05 2.57 -46.31
CA ALA J 38 13.65 3.64 -47.11
C ALA J 38 14.76 4.36 -46.37
N GLN J 39 14.50 4.66 -45.09
CA GLN J 39 15.46 5.36 -44.25
C GLN J 39 16.72 4.53 -43.98
N ALA J 40 16.58 3.22 -43.92
CA ALA J 40 17.70 2.34 -43.61
C ALA J 40 18.39 1.89 -44.88
N GLU J 41 17.71 1.98 -46.02
CA GLU J 41 18.35 1.79 -47.32
C GLU J 41 19.24 2.98 -47.62
N GLN J 42 18.74 4.17 -47.31
CA GLN J 42 19.51 5.40 -47.44
C GLN J 42 20.79 5.42 -46.61
N ALA J 43 20.95 4.51 -45.64
CA ALA J 43 22.18 4.33 -44.86
C ALA J 43 22.78 2.94 -44.99
N SER J 44 22.32 2.17 -45.98
CA SER J 44 22.84 0.83 -46.32
C SER J 44 22.79 -0.21 -45.18
N ILE J 45 21.62 -0.32 -44.56
CA ILE J 45 21.36 -1.24 -43.43
C ILE J 45 20.12 -2.07 -43.77
N THR J 46 20.23 -3.39 -43.58
CA THR J 46 19.11 -4.32 -43.80
C THR J 46 18.10 -4.13 -42.68
N LEU J 47 16.82 -3.98 -43.04
CA LEU J 47 15.76 -3.73 -42.05
C LEU J 47 14.55 -4.61 -42.27
N ASP J 48 14.37 -5.60 -41.38
CA ASP J 48 13.20 -6.46 -41.41
C ASP J 48 12.12 -5.94 -40.44
N THR J 49 10.87 -6.30 -40.70
CA THR J 49 9.74 -5.92 -39.85
C THR J 49 8.77 -7.08 -39.53
N PHE J 50 7.94 -6.88 -38.50
CA PHE J 50 7.12 -7.95 -37.94
C PHE J 50 6.07 -7.42 -37.02
N GLN J 51 4.85 -7.92 -37.19
CA GLN J 51 3.75 -7.60 -36.31
C GLN J 51 3.01 -8.88 -36.02
N SER J 52 2.56 -9.03 -34.80
CA SER J 52 1.68 -10.11 -34.43
C SER J 52 0.85 -9.71 -33.21
N ASN J 53 -0.34 -10.31 -33.15
CA ASN J 53 -1.23 -10.22 -32.00
C ASN J 53 -1.02 -11.34 -30.98
N TRP J 54 0.03 -12.14 -31.13
CA TRP J 54 0.22 -13.30 -30.32
C TRP J 54 1.58 -13.23 -29.71
N GLU J 55 1.65 -13.37 -28.39
CA GLU J 55 2.88 -13.25 -27.60
C GLU J 55 3.95 -14.20 -28.09
N GLY J 56 3.58 -15.47 -28.17
CA GLY J 56 4.48 -16.54 -28.60
C GLY J 56 5.12 -16.36 -29.99
N ALA J 57 4.39 -15.70 -30.88
CA ALA J 57 4.86 -15.37 -32.22
C ALA J 57 6.01 -14.35 -32.14
N ILE J 58 5.86 -13.40 -31.21
CA ILE J 58 6.86 -12.37 -30.98
C ILE J 58 8.07 -12.98 -30.28
N VAL J 59 7.81 -13.86 -29.31
CA VAL J 59 8.90 -14.48 -28.60
C VAL J 59 9.73 -15.34 -29.55
N ASP J 60 9.07 -15.99 -30.50
CA ASP J 60 9.77 -16.82 -31.47
C ASP J 60 10.58 -15.92 -32.37
N ARG J 61 9.98 -14.83 -32.84
CA ARG J 61 10.72 -13.91 -33.72
C ARG J 61 12.03 -13.40 -33.12
N ILE J 62 12.00 -13.10 -31.83
CA ILE J 62 13.19 -12.61 -31.13
C ILE J 62 14.27 -13.70 -31.09
N HIS J 63 13.86 -14.95 -30.91
CA HIS J 63 14.83 -16.05 -30.86
C HIS J 63 15.47 -16.19 -32.21
N GLN J 64 14.67 -16.16 -33.28
CA GLN J 64 15.23 -16.16 -34.62
C GLN J 64 16.20 -14.98 -34.86
N ALA J 65 15.88 -13.81 -34.32
CA ALA J 65 16.69 -12.63 -34.59
C ALA J 65 18.13 -12.87 -34.21
N GLN J 66 18.36 -13.64 -33.13
CA GLN J 66 19.71 -14.06 -32.70
C GLN J 66 20.46 -14.89 -33.74
N THR J 67 19.73 -15.87 -34.28
CA THR J 67 20.16 -16.73 -35.40
C THR J 67 20.51 -15.87 -36.60
N GLU J 68 19.68 -14.89 -36.92
CA GLU J 68 19.88 -14.05 -38.12
C GLU J 68 21.01 -13.01 -37.96
N GLY J 69 21.60 -12.87 -36.76
CA GLY J 69 22.61 -11.84 -36.48
C GLY J 69 22.09 -10.40 -36.43
N VAL J 70 20.92 -10.20 -35.82
CA VAL J 70 20.30 -8.85 -35.70
C VAL J 70 21.00 -8.10 -34.58
N LYS J 71 21.36 -6.85 -34.81
CA LYS J 71 22.21 -6.10 -33.87
C LYS J 71 21.42 -5.26 -32.87
N LEU J 72 20.21 -4.84 -33.25
CA LEU J 72 19.35 -4.01 -32.41
C LEU J 72 17.86 -4.19 -32.78
N ILE J 73 17.02 -4.30 -31.76
CA ILE J 73 15.55 -4.42 -31.93
C ILE J 73 14.86 -3.10 -31.58
N ILE J 74 14.10 -2.53 -32.51
CA ILE J 74 13.21 -1.41 -32.21
C ILE J 74 11.84 -2.04 -32.01
N ILE J 75 11.24 -1.87 -30.84
CA ILE J 75 10.00 -2.61 -30.50
C ILE J 75 8.97 -1.74 -29.84
N ASN J 76 7.79 -1.73 -30.45
CA ASN J 76 6.59 -1.22 -29.84
C ASN J 76 5.74 -2.39 -29.35
N PRO J 77 5.82 -2.72 -28.05
CA PRO J 77 5.06 -3.85 -27.54
C PRO J 77 3.57 -3.65 -27.38
N ALA J 78 3.09 -2.42 -27.56
CA ALA J 78 1.67 -2.10 -27.34
C ALA J 78 1.26 -2.65 -25.96
N ALA J 79 0.10 -3.30 -25.83
CA ALA J 79 -0.36 -3.82 -24.52
C ALA J 79 0.66 -4.73 -23.75
N LEU J 80 1.48 -5.48 -24.50
CA LEU J 80 2.38 -6.42 -23.89
C LEU J 80 3.46 -5.79 -23.03
N THR J 81 3.67 -4.49 -23.15
CA THR J 81 4.59 -3.82 -22.28
C THR J 81 4.17 -3.90 -20.83
N HIS J 82 2.85 -3.96 -20.57
CA HIS J 82 2.34 -3.84 -19.20
C HIS J 82 2.26 -5.19 -18.52
N THR J 83 2.40 -6.27 -19.28
CA THR J 83 2.00 -7.62 -18.86
C THR J 83 2.94 -8.77 -19.20
N SER J 84 3.83 -8.63 -20.21
CA SER J 84 4.60 -9.76 -20.71
C SER J 84 5.98 -9.82 -20.14
N VAL J 85 6.16 -10.73 -19.20
CA VAL J 85 7.49 -11.07 -18.70
C VAL J 85 8.17 -12.02 -19.71
N ALA J 86 7.40 -12.88 -20.38
CA ALA J 86 7.95 -13.71 -21.46
C ALA J 86 8.79 -12.89 -22.46
N LEU J 87 8.21 -11.78 -22.90
CA LEU J 87 8.84 -10.92 -23.89
C LEU J 87 10.19 -10.37 -23.37
N ARG J 88 10.19 -10.01 -22.07
CA ARG J 88 11.36 -9.46 -21.39
C ARG J 88 12.49 -10.46 -21.41
N ASP J 89 12.18 -11.69 -20.99
CA ASP J 89 13.18 -12.77 -20.92
C ASP J 89 13.66 -13.23 -22.30
N ALA J 90 12.85 -13.04 -23.33
CA ALA J 90 13.31 -13.31 -24.69
C ALA J 90 14.35 -12.28 -25.11
N LEU J 91 14.07 -10.99 -24.87
CA LEU J 91 15.06 -9.95 -25.19
C LEU J 91 16.34 -10.08 -24.36
N LEU J 92 16.18 -10.27 -23.05
CA LEU J 92 17.33 -10.49 -22.18
C LEU J 92 18.13 -11.73 -22.55
N GLY J 93 17.45 -12.88 -22.66
CA GLY J 93 18.04 -14.17 -23.13
C GLY J 93 18.89 -14.17 -24.42
N VAL J 94 18.42 -13.54 -25.49
CA VAL J 94 19.20 -13.43 -26.76
C VAL J 94 20.22 -12.29 -26.73
N ALA J 95 20.12 -11.41 -25.74
CA ALA J 95 21.05 -10.29 -25.46
C ALA J 95 21.21 -9.27 -26.58
N ILE J 96 20.11 -9.01 -27.25
CA ILE J 96 20.09 -8.03 -28.30
C ILE J 96 19.53 -6.75 -27.68
N PRO J 97 20.26 -5.61 -27.79
CA PRO J 97 19.78 -4.32 -27.24
C PRO J 97 18.53 -3.86 -27.92
N PHE J 98 17.70 -3.10 -27.21
CA PHE J 98 16.44 -2.66 -27.82
C PHE J 98 16.03 -1.24 -27.40
N ILE J 99 15.21 -0.61 -28.24
CA ILE J 99 14.58 0.66 -27.94
C ILE J 99 13.06 0.44 -27.99
N GLU J 100 12.41 0.83 -26.90
CA GLU J 100 10.97 0.77 -26.77
C GLU J 100 10.30 2.03 -27.35
N VAL J 101 9.29 1.84 -28.20
CA VAL J 101 8.56 2.96 -28.79
C VAL J 101 7.05 2.79 -28.54
N HIS J 102 6.38 3.92 -28.31
CA HIS J 102 4.89 4.00 -28.36
C HIS J 102 4.44 5.28 -29.08
N LEU J 103 3.41 5.17 -29.90
CA LEU J 103 2.84 6.32 -30.63
C LEU J 103 2.22 7.34 -29.70
N SER J 104 1.54 6.84 -28.68
CA SER J 104 0.86 7.68 -27.70
C SER J 104 1.65 7.82 -26.39
N ASN J 105 1.27 8.81 -25.61
CA ASN J 105 1.89 9.03 -24.32
C ASN J 105 1.20 8.16 -23.28
N VAL J 106 1.86 7.07 -22.90
CA VAL J 106 1.30 6.12 -21.92
C VAL J 106 1.07 6.76 -20.55
N HIS J 107 1.89 7.74 -20.17
CA HIS J 107 1.78 8.39 -18.84
C HIS J 107 0.55 9.28 -18.69
N ALA J 108 0.00 9.67 -19.83
CA ALA J 108 -1.27 10.39 -19.88
C ALA J 108 -2.53 9.50 -19.78
N ARG J 109 -2.38 8.18 -19.87
CA ARG J 109 -3.53 7.30 -19.94
C ARG J 109 -3.76 6.67 -18.56
N GLU J 110 -4.49 5.56 -18.46
CA GLU J 110 -4.89 5.02 -17.14
C GLU J 110 -3.65 4.69 -16.29
N ALA J 111 -3.81 4.66 -14.96
CA ALA J 111 -2.70 4.35 -14.03
C ALA J 111 -1.90 3.05 -14.31
N PHE J 112 -2.56 1.99 -14.74
CA PHE J 112 -1.84 0.76 -15.09
C PHE J 112 -0.86 0.85 -16.24
N ARG J 113 -0.98 1.84 -17.12
CA ARG J 113 -0.08 1.92 -18.26
C ARG J 113 1.28 2.59 -17.94
N HIS J 114 1.49 2.99 -16.69
CA HIS J 114 2.73 3.64 -16.24
C HIS J 114 3.83 2.64 -15.88
N HIS J 115 3.48 1.37 -15.72
CA HIS J 115 4.40 0.30 -15.34
C HIS J 115 4.77 -0.54 -16.59
N SER J 116 6.05 -0.86 -16.76
CA SER J 116 6.51 -1.66 -17.87
C SER J 116 7.32 -2.86 -17.37
N TYR J 117 7.33 -3.97 -18.10
CA TYR J 117 8.29 -5.07 -17.89
C TYR J 117 9.46 -5.00 -18.88
N LEU J 118 9.47 -3.97 -19.72
CA LEU J 118 10.56 -3.79 -20.68
C LEU J 118 11.42 -2.53 -20.46
N SER J 119 10.80 -1.41 -20.11
CA SER J 119 11.44 -0.09 -20.09
C SER J 119 12.76 -0.05 -19.37
N ASP J 120 12.85 -0.73 -18.23
CA ASP J 120 14.06 -0.67 -17.39
C ASP J 120 15.27 -1.42 -17.93
N LYS J 121 15.08 -2.23 -18.97
CA LYS J 121 16.17 -2.95 -19.61
C LYS J 121 16.40 -2.52 -21.04
N ALA J 122 15.62 -1.55 -21.52
CA ALA J 122 15.84 -0.94 -22.80
C ALA J 122 17.04 0.00 -22.71
N ILE J 123 17.52 0.45 -23.86
CA ILE J 123 18.52 1.50 -23.93
C ILE J 123 17.83 2.82 -23.58
N GLY J 124 16.70 3.06 -24.24
CA GLY J 124 15.82 4.17 -23.90
C GLY J 124 14.39 3.92 -24.36
N VAL J 125 13.56 4.93 -24.23
CA VAL J 125 12.16 4.80 -24.54
C VAL J 125 11.72 6.09 -25.21
N ILE J 126 10.74 6.00 -26.09
CA ILE J 126 10.18 7.16 -26.81
C ILE J 126 8.69 6.96 -26.76
N CYS J 127 7.95 7.81 -26.08
CA CYS J 127 6.49 7.71 -26.15
C CYS J 127 5.88 9.07 -26.52
N GLY J 128 4.74 9.00 -27.23
CA GLY J 128 3.87 10.16 -27.49
C GLY J 128 4.15 11.05 -28.71
N LEU J 129 5.18 10.72 -29.49
CA LEU J 129 5.57 11.52 -30.65
C LEU J 129 5.12 10.89 -31.97
N GLY J 130 4.14 9.99 -31.92
CA GLY J 130 3.59 9.38 -33.14
C GLY J 130 4.58 8.49 -33.90
N ALA J 131 4.38 8.39 -35.22
CA ALA J 131 5.16 7.46 -36.03
C ALA J 131 6.62 7.84 -36.13
N LYS J 132 6.93 9.13 -35.96
CA LYS J 132 8.33 9.60 -35.96
C LYS J 132 9.16 8.99 -34.86
N GLY J 133 8.51 8.54 -33.78
CA GLY J 133 9.16 7.74 -32.75
C GLY J 133 9.97 6.57 -33.30
N TYR J 134 9.38 5.87 -34.27
CA TYR J 134 10.09 4.80 -34.96
C TYR J 134 11.36 5.31 -35.72
N SER J 135 11.22 6.38 -36.52
CA SER J 135 12.33 7.05 -37.25
C SER J 135 13.47 7.51 -36.32
N PHE J 136 13.11 8.08 -35.16
CA PHE J 136 14.10 8.55 -34.19
C PHE J 136 14.86 7.36 -33.64
N ALA J 137 14.11 6.34 -33.23
CA ALA J 137 14.72 5.12 -32.74
C ALA J 137 15.72 4.62 -33.80
N LEU J 138 15.27 4.55 -35.04
CA LEU J 138 16.09 4.03 -36.14
C LEU J 138 17.27 4.94 -36.41
N ASP J 139 17.04 6.24 -36.37
CA ASP J 139 18.13 7.21 -36.42
C ASP J 139 19.17 6.88 -35.37
N TYR J 140 18.72 6.65 -34.13
CA TYR J 140 19.65 6.38 -33.05
C TYR J 140 20.38 5.07 -33.31
N ALA J 141 19.68 4.07 -33.86
CA ALA J 141 20.26 2.74 -34.09
C ALA J 141 21.35 2.76 -35.17
N ILE J 142 21.07 3.38 -36.32
CA ILE J 142 22.08 3.60 -37.36
C ILE J 142 23.37 4.19 -36.78
N GLU J 143 23.25 5.27 -35.99
CA GLU J 143 24.44 5.99 -35.45
C GLU J 143 25.22 5.17 -34.39
N LYS J 144 24.55 4.22 -33.73
CA LYS J 144 25.21 3.29 -32.82
C LYS J 144 26.04 2.24 -33.57
N ILE J 145 25.45 1.64 -34.59
CA ILE J 145 26.06 0.56 -35.36
C ILE J 145 27.23 0.98 -36.27
N GLN J 146 27.03 2.04 -37.06
CA GLN J 146 28.02 2.60 -37.98
C GLN J 146 28.21 4.11 -37.72
N PRO J 147 29.02 4.47 -36.70
CA PRO J 147 29.32 5.89 -36.42
C PRO J 147 30.16 6.57 -37.51
N MET K 1 -18.51 -14.38 -42.36
CA MET K 1 -19.62 -13.90 -43.24
C MET K 1 -20.07 -12.56 -42.70
N SER K 2 -21.02 -12.62 -41.78
CA SER K 2 -21.61 -11.45 -41.21
C SER K 2 -22.56 -11.93 -40.15
N SER K 3 -22.55 -11.28 -39.01
CA SER K 3 -23.36 -11.73 -37.90
C SER K 3 -23.42 -10.59 -36.96
N THR K 4 -24.63 -10.32 -36.48
CA THR K 4 -24.93 -9.13 -35.71
C THR K 4 -24.34 -9.19 -34.26
N ILE K 5 -24.61 -10.29 -33.54
CA ILE K 5 -23.95 -10.59 -32.24
C ILE K 5 -22.78 -11.53 -32.48
N LEU K 6 -21.75 -11.41 -31.64
CA LEU K 6 -20.64 -12.34 -31.59
C LEU K 6 -20.44 -12.77 -30.15
N VAL K 7 -20.63 -14.06 -29.85
CA VAL K 7 -20.26 -14.59 -28.52
C VAL K 7 -18.83 -15.12 -28.50
N ILE K 8 -17.99 -14.61 -27.59
CA ILE K 8 -16.61 -15.12 -27.37
C ILE K 8 -16.42 -15.83 -26.03
N HIS K 9 -15.69 -16.94 -26.04
CA HIS K 9 -15.36 -17.68 -24.83
C HIS K 9 -13.85 -17.81 -24.69
N GLY K 10 -13.32 -17.36 -23.57
CA GLY K 10 -11.91 -17.42 -23.31
C GLY K 10 -11.42 -18.82 -23.01
N PRO K 11 -10.17 -18.93 -22.53
CA PRO K 11 -9.49 -20.18 -22.24
C PRO K 11 -10.18 -21.02 -21.21
N ASN K 12 -10.00 -22.33 -21.34
CA ASN K 12 -10.49 -23.36 -20.42
C ASN K 12 -11.99 -23.62 -20.41
N LEU K 13 -12.81 -22.81 -21.03
CA LEU K 13 -14.26 -23.04 -20.98
C LEU K 13 -14.75 -24.20 -21.86
N ASN K 14 -13.91 -24.62 -22.81
CA ASN K 14 -14.07 -25.92 -23.53
C ASN K 14 -14.17 -27.12 -22.59
N LEU K 15 -13.63 -27.00 -21.39
CA LEU K 15 -13.73 -28.03 -20.35
C LEU K 15 -15.06 -28.07 -19.57
N LEU K 16 -16.03 -27.18 -19.84
CA LEU K 16 -17.32 -27.29 -19.13
C LEU K 16 -17.95 -28.70 -19.26
N GLY K 17 -18.29 -29.29 -18.12
CA GLY K 17 -18.92 -30.62 -18.08
C GLY K 17 -18.06 -31.84 -18.42
N LYS K 18 -16.76 -31.67 -18.62
CA LYS K 18 -15.89 -32.76 -19.08
C LYS K 18 -15.14 -33.45 -17.94
N ARG K 19 -14.96 -32.80 -16.79
CA ARG K 19 -14.38 -33.53 -15.63
C ARG K 19 -15.42 -34.54 -15.12
N GLU K 20 -15.29 -35.00 -13.86
CA GLU K 20 -16.33 -35.77 -13.21
C GLU K 20 -17.58 -34.90 -13.28
N PRO K 21 -18.65 -35.34 -13.96
CA PRO K 21 -19.82 -34.48 -14.14
C PRO K 21 -20.41 -34.09 -12.81
N GLU K 22 -20.34 -34.99 -11.84
CA GLU K 22 -20.73 -34.64 -10.47
C GLU K 22 -19.98 -33.45 -9.78
N VAL K 23 -19.14 -32.70 -10.51
CA VAL K 23 -18.35 -31.55 -9.96
C VAL K 23 -18.83 -30.14 -10.43
N TYR K 24 -19.09 -29.97 -11.72
CA TYR K 24 -19.53 -28.67 -12.27
C TYR K 24 -20.72 -28.83 -13.25
N GLY K 25 -21.65 -29.71 -12.88
CA GLY K 25 -22.84 -29.99 -13.69
C GLY K 25 -22.53 -30.81 -14.93
N HIS K 26 -23.56 -31.00 -15.77
CA HIS K 26 -23.42 -31.63 -17.09
C HIS K 26 -23.46 -30.63 -18.24
N LEU K 27 -23.57 -29.32 -17.93
CA LEU K 27 -23.71 -28.30 -18.97
C LEU K 27 -22.36 -27.96 -19.60
N THR K 28 -22.28 -28.18 -20.92
CA THR K 28 -21.09 -28.00 -21.75
C THR K 28 -21.14 -26.66 -22.48
N LEU K 29 -20.02 -26.26 -23.04
CA LEU K 29 -19.97 -25.08 -23.89
C LEU K 29 -20.90 -25.22 -25.11
N ASP K 30 -20.92 -26.41 -25.74
CA ASP K 30 -21.82 -26.60 -26.88
C ASP K 30 -23.29 -26.51 -26.44
N ASN K 31 -23.61 -27.01 -25.24
CA ASN K 31 -24.98 -26.82 -24.68
C ASN K 31 -25.33 -25.34 -24.61
N ILE K 32 -24.39 -24.53 -24.10
CA ILE K 32 -24.57 -23.06 -24.00
C ILE K 32 -24.71 -22.42 -25.39
N ASN K 33 -23.89 -22.87 -26.35
CA ASN K 33 -23.92 -22.31 -27.71
C ASN K 33 -25.24 -22.56 -28.42
N ARG K 34 -25.70 -23.81 -28.38
CA ARG K 34 -27.02 -24.21 -28.91
C ARG K 34 -28.10 -23.30 -28.40
N GLN K 35 -28.09 -23.12 -27.09
CA GLN K 35 -29.10 -22.34 -26.40
C GLN K 35 -29.11 -20.89 -26.92
N LEU K 36 -27.92 -20.29 -27.04
CA LEU K 36 -27.77 -18.92 -27.54
C LEU K 36 -28.12 -18.82 -29.01
N ILE K 37 -27.78 -19.85 -29.79
CA ILE K 37 -28.11 -19.86 -31.22
C ILE K 37 -29.64 -19.92 -31.41
N ALA K 38 -30.30 -20.83 -30.68
CA ALA K 38 -31.78 -20.90 -30.67
C ALA K 38 -32.44 -19.55 -30.35
N GLN K 39 -32.07 -18.98 -29.20
CA GLN K 39 -32.61 -17.69 -28.73
C GLN K 39 -32.49 -16.55 -29.75
N ALA K 40 -31.32 -16.45 -30.36
CA ALA K 40 -31.03 -15.44 -31.38
C ALA K 40 -31.86 -15.67 -32.63
N GLU K 41 -32.03 -16.94 -33.00
CA GLU K 41 -32.81 -17.28 -34.17
C GLU K 41 -34.28 -17.00 -33.94
N GLN K 42 -34.79 -17.29 -32.75
CA GLN K 42 -36.19 -16.95 -32.44
C GLN K 42 -36.47 -15.44 -32.57
N ALA K 43 -35.42 -14.60 -32.43
CA ALA K 43 -35.55 -13.15 -32.63
C ALA K 43 -35.16 -12.68 -34.03
N SER K 44 -34.80 -13.62 -34.92
CA SER K 44 -34.29 -13.31 -36.28
C SER K 44 -33.01 -12.43 -36.27
N ILE K 45 -32.07 -12.77 -35.38
CA ILE K 45 -30.79 -12.09 -35.21
C ILE K 45 -29.71 -13.10 -35.54
N THR K 46 -28.77 -12.69 -36.37
CA THR K 46 -27.62 -13.53 -36.69
C THR K 46 -26.64 -13.52 -35.52
N LEU K 47 -26.11 -14.68 -35.16
CA LEU K 47 -25.21 -14.85 -34.01
C LEU K 47 -24.15 -15.90 -34.32
N ASP K 48 -22.97 -15.72 -33.74
CA ASP K 48 -21.77 -16.50 -34.08
C ASP K 48 -20.92 -16.66 -32.84
N THR K 49 -20.24 -17.79 -32.73
CA THR K 49 -19.49 -18.06 -31.53
C THR K 49 -18.05 -18.39 -31.84
N PHE K 50 -17.21 -18.27 -30.82
CA PHE K 50 -15.80 -18.60 -30.92
C PHE K 50 -15.26 -18.91 -29.55
N GLN K 51 -14.40 -19.91 -29.50
CA GLN K 51 -13.69 -20.22 -28.26
C GLN K 51 -12.29 -20.60 -28.64
N SER K 52 -11.35 -20.23 -27.76
CA SER K 52 -9.94 -20.57 -27.91
C SER K 52 -9.20 -20.43 -26.56
N ASN K 53 -8.16 -21.24 -26.42
CA ASN K 53 -7.23 -21.09 -25.30
C ASN K 53 -6.04 -20.16 -25.60
N TRP K 54 -6.00 -19.53 -26.78
CA TRP K 54 -4.88 -18.71 -27.24
C TRP K 54 -5.28 -17.23 -27.37
N GLU K 55 -4.56 -16.36 -26.69
CA GLU K 55 -4.99 -14.98 -26.56
C GLU K 55 -5.09 -14.26 -27.94
N GLY K 56 -4.06 -14.42 -28.78
CA GLY K 56 -4.00 -13.82 -30.13
C GLY K 56 -5.06 -14.35 -31.11
N ALA K 57 -5.48 -15.59 -30.95
CA ALA K 57 -6.65 -16.09 -31.69
C ALA K 57 -7.87 -15.22 -31.38
N ILE K 58 -8.10 -14.95 -30.09
CA ILE K 58 -9.27 -14.17 -29.63
C ILE K 58 -9.14 -12.72 -30.12
N VAL K 59 -7.91 -12.20 -30.03
CA VAL K 59 -7.58 -10.89 -30.53
C VAL K 59 -7.83 -10.82 -32.03
N ASP K 60 -7.42 -11.84 -32.80
CA ASP K 60 -7.73 -11.88 -34.24
C ASP K 60 -9.22 -11.97 -34.50
N ARG K 61 -9.92 -12.75 -33.68
CA ARG K 61 -11.33 -12.90 -33.90
C ARG K 61 -12.06 -11.60 -33.70
N ILE K 62 -11.59 -10.78 -32.76
CA ILE K 62 -12.22 -9.48 -32.50
C ILE K 62 -12.00 -8.49 -33.65
N HIS K 63 -10.81 -8.53 -34.26
CA HIS K 63 -10.48 -7.73 -35.44
C HIS K 63 -11.35 -8.15 -36.64
N GLN K 64 -11.42 -9.46 -36.88
CA GLN K 64 -12.27 -10.02 -37.90
C GLN K 64 -13.74 -9.59 -37.74
N ALA K 65 -14.19 -9.39 -36.50
CA ALA K 65 -15.58 -8.97 -36.23
C ALA K 65 -15.89 -7.61 -36.76
N GLN K 66 -14.90 -6.72 -36.78
CA GLN K 66 -15.08 -5.38 -37.34
C GLN K 66 -15.42 -5.43 -38.81
N THR K 67 -14.76 -6.31 -39.56
CA THR K 67 -14.97 -6.46 -41.00
C THR K 67 -16.31 -7.16 -41.29
N GLU K 68 -16.72 -8.09 -40.41
CA GLU K 68 -17.97 -8.86 -40.52
C GLU K 68 -19.22 -8.11 -40.05
N GLY K 69 -19.06 -6.88 -39.58
CA GLY K 69 -20.18 -5.99 -39.25
C GLY K 69 -20.88 -6.23 -37.92
N VAL K 70 -20.17 -6.84 -36.98
CA VAL K 70 -20.74 -7.13 -35.65
C VAL K 70 -21.07 -5.83 -34.94
N LYS K 71 -22.23 -5.84 -34.28
CA LYS K 71 -22.76 -4.69 -33.52
C LYS K 71 -22.53 -4.76 -32.00
N LEU K 72 -22.48 -5.97 -31.46
CA LEU K 72 -22.24 -6.18 -30.03
C LEU K 72 -21.49 -7.48 -29.82
N ILE K 73 -20.56 -7.51 -28.86
CA ILE K 73 -19.89 -8.76 -28.49
C ILE K 73 -20.29 -9.12 -27.07
N ILE K 74 -20.64 -10.39 -26.85
CA ILE K 74 -20.87 -10.95 -25.50
C ILE K 74 -19.65 -11.81 -25.19
N ILE K 75 -18.83 -11.41 -24.22
CA ILE K 75 -17.56 -12.08 -23.99
C ILE K 75 -17.43 -12.58 -22.58
N ASN K 76 -17.08 -13.86 -22.47
CA ASN K 76 -16.60 -14.43 -21.23
C ASN K 76 -15.13 -14.70 -21.39
N PRO K 77 -14.32 -13.75 -20.93
CA PRO K 77 -12.91 -13.92 -21.17
C PRO K 77 -12.26 -14.95 -20.26
N ALA K 78 -13.05 -15.52 -19.32
CA ALA K 78 -12.54 -16.44 -18.32
C ALA K 78 -11.31 -15.81 -17.63
N ALA K 79 -10.17 -16.50 -17.55
CA ALA K 79 -8.96 -15.96 -16.89
C ALA K 79 -8.30 -14.75 -17.58
N LEU K 80 -8.64 -14.48 -18.82
CA LEU K 80 -8.06 -13.34 -19.50
C LEU K 80 -8.49 -12.00 -18.94
N THR K 81 -9.60 -11.97 -18.20
CA THR K 81 -10.10 -10.73 -17.60
C THR K 81 -9.12 -10.06 -16.62
N HIS K 82 -8.28 -10.86 -15.95
CA HIS K 82 -7.37 -10.37 -14.92
C HIS K 82 -5.99 -10.01 -15.45
N THR K 83 -5.72 -10.39 -16.69
CA THR K 83 -4.36 -10.36 -17.23
C THR K 83 -4.21 -9.68 -18.56
N SER K 84 -5.24 -9.59 -19.39
CA SER K 84 -5.05 -9.22 -20.80
C SER K 84 -5.43 -7.79 -21.18
N VAL K 85 -4.41 -6.95 -21.26
CA VAL K 85 -4.54 -5.58 -21.72
C VAL K 85 -4.73 -5.56 -23.24
N ALA K 86 -4.13 -6.51 -23.96
CA ALA K 86 -4.30 -6.63 -25.42
C ALA K 86 -5.73 -6.85 -25.80
N LEU K 87 -6.39 -7.73 -25.06
CA LEU K 87 -7.81 -8.00 -25.24
C LEU K 87 -8.65 -6.73 -25.14
N ARG K 88 -8.33 -5.89 -24.14
CA ARG K 88 -9.05 -4.64 -23.89
C ARG K 88 -8.79 -3.67 -25.01
N ASP K 89 -7.52 -3.50 -25.39
CA ASP K 89 -7.15 -2.64 -26.53
C ASP K 89 -7.74 -3.08 -27.86
N ALA K 90 -7.90 -4.40 -28.06
CA ALA K 90 -8.60 -4.95 -29.22
C ALA K 90 -10.07 -4.56 -29.26
N LEU K 91 -10.76 -4.74 -28.15
CA LEU K 91 -12.17 -4.33 -28.07
C LEU K 91 -12.38 -2.81 -28.30
N LEU K 92 -11.51 -2.02 -27.67
CA LEU K 92 -11.51 -0.56 -27.77
C LEU K 92 -11.08 -0.11 -29.17
N GLY K 93 -10.02 -0.76 -29.64
CA GLY K 93 -9.48 -0.55 -30.97
C GLY K 93 -10.53 -0.65 -32.08
N VAL K 94 -11.34 -1.71 -32.04
CA VAL K 94 -12.46 -1.87 -32.98
C VAL K 94 -13.79 -1.20 -32.59
N ALA K 95 -13.90 -0.65 -31.38
CA ALA K 95 -15.10 0.10 -30.98
C ALA K 95 -16.40 -0.66 -31.15
N ILE K 96 -16.36 -1.96 -30.88
CA ILE K 96 -17.56 -2.76 -30.80
C ILE K 96 -17.85 -2.89 -29.32
N PRO K 97 -19.00 -2.38 -28.86
CA PRO K 97 -19.27 -2.41 -27.43
C PRO K 97 -19.55 -3.83 -27.00
N PHE K 98 -19.41 -4.12 -25.71
CA PHE K 98 -19.47 -5.49 -25.24
C PHE K 98 -20.08 -5.65 -23.86
N ILE K 99 -20.55 -6.86 -23.60
CA ILE K 99 -21.08 -7.21 -22.29
C ILE K 99 -20.18 -8.32 -21.75
N GLU K 100 -19.66 -8.16 -20.53
CA GLU K 100 -18.79 -9.19 -19.91
C GLU K 100 -19.62 -10.15 -19.08
N VAL K 101 -19.35 -11.44 -19.21
CA VAL K 101 -20.14 -12.48 -18.56
C VAL K 101 -19.23 -13.47 -17.87
N HIS K 102 -19.55 -13.83 -16.65
CA HIS K 102 -18.92 -14.98 -15.98
C HIS K 102 -19.96 -15.92 -15.41
N LEU K 103 -19.76 -17.21 -15.64
CA LEU K 103 -20.63 -18.24 -15.04
C LEU K 103 -20.58 -18.23 -13.50
N SER K 104 -19.37 -18.20 -12.93
CA SER K 104 -19.17 -18.19 -11.49
C SER K 104 -19.12 -16.77 -10.89
N ASN K 105 -19.34 -16.65 -9.58
CA ASN K 105 -19.18 -15.38 -8.91
C ASN K 105 -17.68 -15.13 -8.66
N VAL K 106 -17.09 -14.30 -9.50
CA VAL K 106 -15.68 -13.97 -9.42
C VAL K 106 -15.33 -13.22 -8.14
N HIS K 107 -16.26 -12.51 -7.55
CA HIS K 107 -15.99 -11.83 -6.28
C HIS K 107 -15.92 -12.78 -5.08
N ALA K 108 -16.41 -14.02 -5.24
CA ALA K 108 -16.45 -15.04 -4.17
C ALA K 108 -15.19 -15.89 -4.00
N ARG K 109 -14.18 -15.60 -4.78
CA ARG K 109 -13.05 -16.52 -4.91
C ARG K 109 -11.81 -15.69 -4.58
N GLU K 110 -10.64 -16.03 -5.14
CA GLU K 110 -9.39 -15.41 -4.71
C GLU K 110 -9.42 -13.90 -5.00
N ALA K 111 -8.57 -13.14 -4.30
CA ALA K 111 -8.62 -11.68 -4.36
C ALA K 111 -8.14 -11.12 -5.69
N PHE K 112 -7.13 -11.77 -6.28
CA PHE K 112 -6.68 -11.40 -7.63
C PHE K 112 -7.75 -11.47 -8.73
N ARG K 113 -8.79 -12.28 -8.52
CA ARG K 113 -9.97 -12.33 -9.42
C ARG K 113 -10.97 -11.18 -9.30
N HIS K 114 -10.76 -10.28 -8.34
CA HIS K 114 -11.64 -9.11 -8.21
C HIS K 114 -11.30 -8.03 -9.26
N HIS K 115 -10.08 -8.06 -9.78
CA HIS K 115 -9.53 -7.06 -10.69
C HIS K 115 -9.77 -7.50 -12.13
N SER K 116 -10.29 -6.59 -12.97
CA SER K 116 -10.60 -6.87 -14.37
C SER K 116 -10.06 -5.77 -15.27
N TYR K 117 -9.36 -6.14 -16.35
CA TYR K 117 -8.95 -5.15 -17.39
C TYR K 117 -10.06 -4.82 -18.40
N LEU K 118 -11.28 -5.36 -18.20
CA LEU K 118 -12.38 -5.19 -19.17
C LEU K 118 -13.62 -4.56 -18.59
N SER K 119 -13.89 -4.76 -17.31
CA SER K 119 -15.15 -4.39 -16.69
C SER K 119 -15.52 -2.94 -16.85
N ASP K 120 -14.56 -2.06 -16.56
CA ASP K 120 -14.75 -0.60 -16.67
C ASP K 120 -15.09 -0.10 -18.07
N LYS K 121 -14.80 -0.89 -19.11
CA LYS K 121 -15.20 -0.57 -20.48
C LYS K 121 -16.41 -1.32 -21.07
N ALA K 122 -16.91 -2.32 -20.35
CA ALA K 122 -18.15 -3.02 -20.73
C ALA K 122 -19.38 -2.14 -20.63
N ILE K 123 -20.41 -2.47 -21.39
CA ILE K 123 -21.73 -1.86 -21.19
C ILE K 123 -22.13 -2.20 -19.75
N GLY K 124 -21.97 -3.48 -19.44
CA GLY K 124 -22.22 -3.99 -18.12
C GLY K 124 -21.69 -5.39 -17.97
N VAL K 125 -21.94 -5.96 -16.80
CA VAL K 125 -21.35 -7.22 -16.37
C VAL K 125 -22.36 -8.09 -15.63
N ILE K 126 -22.29 -9.38 -15.90
CA ILE K 126 -23.09 -10.39 -15.25
C ILE K 126 -22.16 -11.52 -14.78
N CYS K 127 -21.94 -11.66 -13.46
CA CYS K 127 -21.16 -12.78 -12.92
C CYS K 127 -22.04 -13.62 -11.98
N GLY K 128 -21.85 -14.94 -12.00
CA GLY K 128 -22.48 -15.83 -11.01
C GLY K 128 -23.83 -16.46 -11.28
N LEU K 129 -24.40 -16.23 -12.46
CA LEU K 129 -25.72 -16.76 -12.78
C LEU K 129 -25.66 -17.96 -13.74
N GLY K 130 -24.49 -18.61 -13.83
CA GLY K 130 -24.30 -19.69 -14.76
C GLY K 130 -24.62 -19.33 -16.21
N ALA K 131 -25.11 -20.33 -16.95
CA ALA K 131 -25.47 -20.21 -18.37
C ALA K 131 -26.44 -19.07 -18.68
N LYS K 132 -27.41 -18.85 -17.79
CA LYS K 132 -28.41 -17.80 -17.96
C LYS K 132 -27.81 -16.37 -18.10
N GLY K 133 -26.59 -16.15 -17.61
CA GLY K 133 -25.89 -14.87 -17.80
C GLY K 133 -25.66 -14.54 -19.26
N TYR K 134 -25.29 -15.55 -20.05
CA TYR K 134 -25.13 -15.35 -21.49
C TYR K 134 -26.46 -15.03 -22.14
N SER K 135 -27.51 -15.74 -21.72
CA SER K 135 -28.88 -15.56 -22.27
C SER K 135 -29.42 -14.17 -21.98
N PHE K 136 -29.10 -13.68 -20.78
CA PHE K 136 -29.48 -12.33 -20.37
C PHE K 136 -28.72 -11.27 -21.15
N ALA K 137 -27.43 -11.51 -21.43
CA ALA K 137 -26.69 -10.57 -22.26
C ALA K 137 -27.32 -10.48 -23.64
N LEU K 138 -27.68 -11.64 -24.18
CA LEU K 138 -28.29 -11.68 -25.48
C LEU K 138 -29.62 -10.93 -25.48
N ASP K 139 -30.45 -11.25 -24.51
CA ASP K 139 -31.74 -10.60 -24.27
C ASP K 139 -31.59 -9.09 -24.37
N TYR K 140 -30.61 -8.59 -23.63
CA TYR K 140 -30.28 -7.18 -23.58
C TYR K 140 -29.80 -6.65 -24.95
N ALA K 141 -28.88 -7.36 -25.60
CA ALA K 141 -28.39 -6.93 -26.94
C ALA K 141 -29.51 -6.84 -28.01
N ILE K 142 -30.35 -7.88 -28.09
CA ILE K 142 -31.50 -7.88 -29.00
C ILE K 142 -32.37 -6.65 -28.78
N GLU K 143 -32.64 -6.29 -27.52
CA GLU K 143 -33.36 -5.04 -27.22
C GLU K 143 -32.60 -3.73 -27.58
N LYS K 144 -31.27 -3.71 -27.53
CA LYS K 144 -30.53 -2.52 -27.97
C LYS K 144 -30.58 -2.38 -29.52
N ILE K 145 -30.48 -3.50 -30.24
CA ILE K 145 -30.32 -3.49 -31.71
C ILE K 145 -31.64 -3.42 -32.48
N GLN K 146 -32.54 -4.37 -32.23
CA GLN K 146 -33.88 -4.40 -32.87
C GLN K 146 -34.98 -4.37 -31.80
N PRO K 147 -35.28 -3.16 -31.29
CA PRO K 147 -36.21 -2.95 -30.17
C PRO K 147 -37.43 -3.89 -30.12
N SER L 3 35.06 -32.74 4.93
CA SER L 3 33.85 -32.01 4.41
C SER L 3 32.61 -32.41 5.19
N THR L 4 32.04 -31.46 5.94
CA THR L 4 30.84 -31.68 6.74
C THR L 4 29.70 -30.85 6.14
N ILE L 5 28.51 -31.45 6.19
CA ILE L 5 27.23 -30.78 5.98
C ILE L 5 26.60 -30.71 7.37
N LEU L 6 26.02 -29.55 7.69
CA LEU L 6 25.18 -29.40 8.90
C LEU L 6 23.72 -29.26 8.50
N VAL L 7 22.86 -30.08 9.07
CA VAL L 7 21.43 -29.91 8.94
C VAL L 7 20.90 -29.18 10.17
N ILE L 8 20.02 -28.20 9.94
CA ILE L 8 19.46 -27.36 11.01
C ILE L 8 17.93 -27.31 10.93
N HIS L 9 17.28 -27.73 12.00
CA HIS L 9 15.81 -27.66 12.09
C HIS L 9 15.42 -26.54 13.08
N GLY L 10 14.48 -25.71 12.67
CA GLY L 10 14.00 -24.61 13.52
C GLY L 10 12.94 -25.00 14.54
N PRO L 11 12.32 -24.00 15.17
CA PRO L 11 11.34 -24.28 16.21
C PRO L 11 10.13 -25.12 15.74
N ASN L 12 9.60 -25.95 16.64
CA ASN L 12 8.35 -26.74 16.47
C ASN L 12 8.47 -28.01 15.68
N LEU L 13 9.61 -28.22 15.03
CA LEU L 13 9.81 -29.41 14.23
C LEU L 13 10.11 -30.63 15.11
N ASN L 14 10.44 -30.42 16.38
CA ASN L 14 10.59 -31.52 17.36
C ASN L 14 9.27 -32.24 17.64
N LEU L 15 8.16 -31.59 17.32
CA LEU L 15 6.86 -32.19 17.47
C LEU L 15 6.47 -33.08 16.32
N LEU L 16 7.33 -33.33 15.34
CA LEU L 16 6.90 -34.15 14.20
C LEU L 16 6.48 -35.54 14.66
N GLY L 17 5.23 -35.91 14.29
CA GLY L 17 4.61 -37.19 14.62
C GLY L 17 4.50 -37.47 16.12
N LYS L 18 4.21 -36.43 16.91
CA LYS L 18 4.09 -36.55 18.39
C LYS L 18 2.65 -36.37 18.90
N ARG L 19 1.68 -36.09 18.01
CA ARG L 19 0.25 -35.99 18.40
C ARG L 19 -0.65 -36.71 17.41
N GLU L 20 -1.31 -37.78 17.87
CA GLU L 20 -2.23 -38.62 17.08
C GLU L 20 -1.56 -39.06 15.77
N PRO L 21 -0.94 -40.28 15.72
CA PRO L 21 -0.22 -40.74 14.49
C PRO L 21 -0.97 -40.57 13.14
N GLU L 22 -2.29 -40.33 13.21
CA GLU L 22 -3.10 -39.78 12.09
C GLU L 22 -3.29 -38.22 12.13
N VAL L 23 -2.19 -37.45 11.98
CA VAL L 23 -2.22 -35.95 11.75
C VAL L 23 -1.19 -35.53 10.68
N TYR L 24 0.09 -35.80 10.95
CA TYR L 24 1.15 -35.68 9.94
C TYR L 24 2.05 -36.93 9.97
N GLY L 25 1.42 -38.08 9.71
CA GLY L 25 2.10 -39.37 9.56
C GLY L 25 2.62 -39.95 10.85
N HIS L 26 3.38 -41.03 10.73
CA HIS L 26 4.16 -41.60 11.86
C HIS L 26 5.58 -40.99 11.94
N LEU L 27 5.99 -40.18 10.94
CA LEU L 27 7.41 -39.78 10.77
C LEU L 27 7.90 -38.68 11.72
N THR L 28 8.93 -39.01 12.49
CA THR L 28 9.49 -38.12 13.51
C THR L 28 10.69 -37.36 13.00
N LEU L 29 11.18 -36.43 13.80
CA LEU L 29 12.37 -35.66 13.47
C LEU L 29 13.59 -36.53 13.55
N ASP L 30 13.64 -37.41 14.53
CA ASP L 30 14.72 -38.41 14.58
C ASP L 30 14.82 -39.28 13.27
N ASN L 31 13.69 -39.81 12.77
CA ASN L 31 13.62 -40.58 11.50
C ASN L 31 14.28 -39.87 10.32
N ILE L 32 13.96 -38.59 10.21
CA ILE L 32 14.54 -37.74 9.18
C ILE L 32 16.06 -37.66 9.38
N ASN L 33 16.52 -37.37 10.59
CA ASN L 33 17.98 -37.28 10.81
C ASN L 33 18.69 -38.59 10.42
N ARG L 34 18.09 -39.72 10.78
CA ARG L 34 18.61 -41.09 10.53
C ARG L 34 18.76 -41.37 9.04
N GLN L 35 17.68 -41.11 8.29
CA GLN L 35 17.70 -41.15 6.83
C GLN L 35 18.90 -40.30 6.33
N LEU L 36 19.00 -39.08 6.85
CA LEU L 36 20.01 -38.13 6.38
C LEU L 36 21.46 -38.47 6.77
N ILE L 37 21.67 -39.09 7.94
CA ILE L 37 23.01 -39.53 8.35
C ILE L 37 23.39 -40.79 7.56
N ALA L 38 22.41 -41.65 7.32
CA ALA L 38 22.59 -42.84 6.48
C ALA L 38 22.96 -42.49 5.04
N GLN L 39 22.17 -41.61 4.44
CA GLN L 39 22.44 -41.14 3.10
C GLN L 39 23.85 -40.55 2.98
N ALA L 40 24.30 -39.85 4.02
CA ALA L 40 25.61 -39.21 4.01
C ALA L 40 26.79 -40.17 4.28
N GLU L 41 26.55 -41.23 5.07
CA GLU L 41 27.51 -42.37 5.22
C GLU L 41 27.81 -43.05 3.89
N GLN L 42 26.75 -43.36 3.14
CA GLN L 42 26.83 -43.84 1.74
C GLN L 42 27.80 -43.09 0.81
N ALA L 43 27.95 -41.78 1.00
CA ALA L 43 28.82 -40.98 0.14
C ALA L 43 30.07 -40.48 0.84
N SER L 44 30.35 -41.00 2.02
CA SER L 44 31.60 -40.71 2.76
C SER L 44 31.69 -39.26 3.25
N ILE L 45 30.53 -38.64 3.39
CA ILE L 45 30.40 -37.28 3.88
C ILE L 45 29.98 -37.35 5.32
N THR L 46 30.67 -36.58 6.15
CA THR L 46 30.37 -36.56 7.57
C THR L 46 29.23 -35.56 7.83
N LEU L 47 28.31 -35.89 8.72
CA LEU L 47 27.08 -35.10 8.85
C LEU L 47 26.60 -34.91 10.28
N ASP L 48 26.25 -33.66 10.58
CA ASP L 48 25.96 -33.15 11.90
C ASP L 48 24.53 -32.63 11.85
N THR L 49 23.75 -32.86 12.89
CA THR L 49 22.36 -32.36 12.91
C THR L 49 22.15 -31.52 14.14
N PHE L 50 21.05 -30.76 14.16
CA PHE L 50 20.75 -29.81 15.22
C PHE L 50 19.31 -29.33 15.14
N GLN L 51 18.61 -29.33 16.27
CA GLN L 51 17.29 -28.70 16.38
C GLN L 51 17.21 -27.79 17.58
N SER L 52 16.39 -26.75 17.47
CA SER L 52 16.12 -25.85 18.61
C SER L 52 14.91 -24.92 18.40
N ASN L 53 14.19 -24.71 19.50
CA ASN L 53 13.15 -23.71 19.57
C ASN L 53 13.69 -22.33 19.86
N TRP L 54 15.00 -22.20 20.15
CA TRP L 54 15.62 -20.92 20.55
C TRP L 54 16.50 -20.38 19.43
N GLU L 55 16.07 -19.23 18.90
CA GLU L 55 16.76 -18.50 17.83
C GLU L 55 18.27 -18.31 18.10
N GLY L 56 18.62 -17.97 19.33
CA GLY L 56 20.02 -17.76 19.69
C GLY L 56 20.84 -19.04 19.72
N ALA L 57 20.21 -20.14 20.07
CA ALA L 57 20.93 -21.42 20.03
C ALA L 57 21.31 -21.76 18.58
N ILE L 58 20.43 -21.44 17.63
CA ILE L 58 20.66 -21.71 16.23
C ILE L 58 21.74 -20.78 15.67
N VAL L 59 21.75 -19.53 16.14
CA VAL L 59 22.76 -18.57 15.69
C VAL L 59 24.16 -18.93 16.18
N ASP L 60 24.27 -19.40 17.42
CA ASP L 60 25.51 -19.97 17.95
C ASP L 60 25.92 -21.22 17.18
N ARG L 61 24.95 -22.06 16.83
CA ARG L 61 25.28 -23.24 16.02
C ARG L 61 25.91 -22.90 14.66
N ILE L 62 25.40 -21.87 14.01
CA ILE L 62 25.93 -21.42 12.72
C ILE L 62 27.37 -20.83 12.86
N HIS L 63 27.62 -20.02 13.89
CA HIS L 63 28.98 -19.52 14.16
C HIS L 63 29.93 -20.66 14.46
N GLN L 64 29.44 -21.66 15.18
CA GLN L 64 30.20 -22.86 15.50
C GLN L 64 30.58 -23.59 14.23
N ALA L 65 29.62 -23.72 13.32
CA ALA L 65 29.86 -24.37 12.02
C ALA L 65 31.06 -23.77 11.34
N GLN L 66 31.21 -22.44 11.40
CA GLN L 66 32.35 -21.75 10.78
C GLN L 66 33.70 -22.27 11.31
N THR L 67 33.83 -22.44 12.62
CA THR L 67 35.10 -22.85 13.23
C THR L 67 35.29 -24.36 13.11
N GLU L 68 34.27 -25.12 12.71
CA GLU L 68 34.41 -26.55 12.36
C GLU L 68 34.58 -26.84 10.86
N GLY L 69 34.76 -25.82 10.01
CA GLY L 69 34.90 -26.04 8.56
C GLY L 69 33.74 -26.66 7.74
N VAL L 70 32.52 -26.51 8.26
CA VAL L 70 31.30 -26.89 7.54
C VAL L 70 31.21 -26.20 6.17
N LYS L 71 31.09 -27.02 5.13
CA LYS L 71 31.10 -26.53 3.77
C LYS L 71 29.76 -26.01 3.27
N LEU L 72 28.66 -26.57 3.75
CA LEU L 72 27.28 -26.23 3.30
C LEU L 72 26.29 -26.51 4.45
N ILE L 73 25.22 -25.72 4.52
CA ILE L 73 24.17 -25.89 5.54
C ILE L 73 22.82 -26.22 4.91
N ILE L 74 22.14 -27.26 5.38
CA ILE L 74 20.79 -27.51 4.93
C ILE L 74 19.91 -27.03 6.08
N ILE L 75 19.05 -26.05 5.84
CA ILE L 75 18.26 -25.46 6.92
C ILE L 75 16.74 -25.44 6.64
N ASN L 76 15.96 -25.92 7.62
CA ASN L 76 14.51 -25.64 7.71
C ASN L 76 14.30 -24.70 8.87
N PRO L 77 14.26 -23.41 8.60
CA PRO L 77 14.12 -22.48 9.72
C PRO L 77 12.70 -22.36 10.22
N ALA L 78 11.77 -23.10 9.62
CA ALA L 78 10.40 -23.19 10.12
C ALA L 78 9.84 -21.79 10.25
N ALA L 79 9.24 -21.41 11.38
CA ALA L 79 8.67 -20.06 11.57
C ALA L 79 9.68 -18.91 11.38
N LEU L 80 10.95 -19.15 11.73
CA LEU L 80 12.00 -18.10 11.71
C LEU L 80 12.30 -17.58 10.29
N THR L 81 11.97 -18.36 9.26
CA THR L 81 12.06 -17.89 7.89
C THR L 81 11.33 -16.55 7.69
N HIS L 82 10.23 -16.31 8.42
CA HIS L 82 9.42 -15.11 8.23
C HIS L 82 9.80 -13.94 9.17
N THR L 83 10.59 -14.20 10.21
CA THR L 83 10.76 -13.22 11.29
C THR L 83 12.18 -12.79 11.66
N SER L 84 13.18 -13.63 11.36
CA SER L 84 14.49 -13.50 11.98
C SER L 84 15.57 -12.96 11.03
N VAL L 85 15.85 -11.67 11.09
CA VAL L 85 16.96 -11.13 10.29
C VAL L 85 18.30 -11.43 10.95
N ALA L 86 18.27 -11.77 12.23
CA ALA L 86 19.46 -12.25 12.95
C ALA L 86 19.99 -13.56 12.35
N LEU L 87 19.10 -14.46 11.96
CA LEU L 87 19.48 -15.72 11.32
C LEU L 87 20.08 -15.52 9.93
N ARG L 88 19.46 -14.65 9.14
CA ARG L 88 19.98 -14.22 7.82
C ARG L 88 21.40 -13.72 7.91
N ASP L 89 21.61 -12.80 8.85
CA ASP L 89 22.94 -12.19 9.12
C ASP L 89 23.97 -13.13 9.77
N ALA L 90 23.49 -14.18 10.43
CA ALA L 90 24.38 -15.22 10.87
C ALA L 90 24.93 -15.96 9.65
N LEU L 91 24.05 -16.31 8.70
CA LEU L 91 24.43 -17.15 7.57
C LEU L 91 25.30 -16.36 6.64
N LEU L 92 24.82 -15.19 6.26
CA LEU L 92 25.65 -14.25 5.51
C LEU L 92 27.03 -13.93 6.17
N GLY L 93 27.04 -13.76 7.49
CA GLY L 93 28.22 -13.38 8.25
C GLY L 93 29.36 -14.37 8.19
N VAL L 94 29.03 -15.66 8.26
CA VAL L 94 30.00 -16.78 8.10
C VAL L 94 30.22 -17.27 6.65
N ALA L 95 29.43 -16.78 5.70
CA ALA L 95 29.59 -17.12 4.25
C ALA L 95 29.57 -18.63 3.90
N ILE L 96 28.76 -19.39 4.63
CA ILE L 96 28.51 -20.78 4.34
C ILE L 96 27.25 -20.83 3.46
N PRO L 97 27.36 -21.40 2.24
CA PRO L 97 26.14 -21.61 1.42
C PRO L 97 25.09 -22.47 2.14
N PHE L 98 23.82 -22.11 1.94
CA PHE L 98 22.72 -22.92 2.46
C PHE L 98 21.61 -23.21 1.46
N ILE L 99 20.88 -24.26 1.74
CA ILE L 99 19.72 -24.61 0.97
C ILE L 99 18.55 -24.63 1.95
N GLU L 100 17.52 -23.87 1.66
CA GLU L 100 16.34 -23.77 2.53
C GLU L 100 15.29 -24.84 2.19
N VAL L 101 14.77 -25.50 3.22
CA VAL L 101 13.84 -26.62 3.07
C VAL L 101 12.63 -26.41 4.00
N HIS L 102 11.44 -26.78 3.52
CA HIS L 102 10.21 -26.80 4.29
C HIS L 102 9.42 -28.07 3.93
N LEU L 103 8.77 -28.71 4.91
CA LEU L 103 7.99 -29.93 4.65
C LEU L 103 6.70 -29.59 3.91
N SER L 104 6.00 -28.57 4.40
CA SER L 104 4.79 -28.06 3.77
C SER L 104 5.03 -26.98 2.68
N ASN L 105 4.00 -26.77 1.87
CA ASN L 105 4.02 -25.73 0.88
C ASN L 105 3.65 -24.44 1.58
N VAL L 106 4.63 -23.58 1.90
CA VAL L 106 4.34 -22.32 2.62
C VAL L 106 3.52 -21.31 1.80
N HIS L 107 3.58 -21.44 0.47
CA HIS L 107 2.76 -20.60 -0.43
C HIS L 107 1.27 -20.96 -0.39
N ALA L 108 0.94 -22.16 0.11
CA ALA L 108 -0.43 -22.64 0.19
C ALA L 108 -1.09 -22.31 1.53
N ARG L 109 -0.46 -21.44 2.32
CA ARG L 109 -0.95 -21.05 3.64
C ARG L 109 -1.24 -19.54 3.73
N GLU L 110 -1.37 -19.06 4.95
CA GLU L 110 -1.55 -17.65 5.26
C GLU L 110 -0.56 -16.71 4.50
N ALA L 111 -1.05 -15.54 4.09
CA ALA L 111 -0.24 -14.54 3.34
C ALA L 111 1.11 -14.19 3.96
N PHE L 112 1.16 -14.05 5.29
CA PHE L 112 2.43 -13.76 5.97
C PHE L 112 3.54 -14.79 5.82
N ARG L 113 3.17 -16.01 5.46
CA ARG L 113 4.14 -17.07 5.16
C ARG L 113 4.75 -17.03 3.75
N HIS L 114 4.31 -16.07 2.91
CA HIS L 114 4.93 -15.80 1.59
C HIS L 114 6.28 -15.11 1.65
N HIS L 115 6.47 -14.22 2.62
CA HIS L 115 7.70 -13.45 2.80
C HIS L 115 8.82 -14.30 3.50
N SER L 116 10.09 -14.05 3.17
CA SER L 116 11.21 -14.74 3.84
C SER L 116 12.50 -13.91 3.91
N TYR L 117 13.18 -13.94 5.05
CA TYR L 117 14.48 -13.28 5.23
C TYR L 117 15.64 -14.17 4.86
N LEU L 118 15.37 -15.37 4.38
CA LEU L 118 16.42 -16.25 3.93
C LEU L 118 16.40 -16.59 2.41
N SER L 119 15.22 -16.90 1.87
CA SER L 119 15.10 -17.45 0.50
C SER L 119 15.97 -16.74 -0.57
N ASP L 120 16.09 -15.43 -0.50
CA ASP L 120 16.87 -14.71 -1.49
C ASP L 120 18.40 -14.91 -1.42
N LYS L 121 18.94 -15.34 -0.29
CA LYS L 121 20.37 -15.60 -0.14
C LYS L 121 20.73 -17.07 -0.21
N ALA L 122 19.74 -17.95 -0.33
CA ALA L 122 20.03 -19.37 -0.42
C ALA L 122 20.48 -19.71 -1.83
N ILE L 123 21.13 -20.84 -1.98
CA ILE L 123 21.36 -21.40 -3.30
C ILE L 123 20.00 -21.63 -3.99
N GLY L 124 19.08 -22.20 -3.25
CA GLY L 124 17.75 -22.52 -3.77
C GLY L 124 16.88 -23.05 -2.65
N VAL L 125 15.65 -23.42 -2.98
CA VAL L 125 14.59 -23.65 -1.99
C VAL L 125 13.72 -24.81 -2.44
N ILE L 126 13.26 -25.58 -1.46
CA ILE L 126 12.44 -26.75 -1.67
C ILE L 126 11.36 -26.69 -0.61
N CYS L 127 10.14 -26.35 -1.00
CA CYS L 127 9.04 -26.47 -0.08
C CYS L 127 7.99 -27.47 -0.62
N GLY L 128 7.35 -28.22 0.30
CA GLY L 128 6.19 -29.05 -0.01
C GLY L 128 6.38 -30.53 -0.32
N LEU L 129 7.60 -31.02 -0.41
CA LEU L 129 7.81 -32.40 -0.82
C LEU L 129 8.04 -33.34 0.35
N GLY L 130 7.67 -32.93 1.55
CA GLY L 130 7.88 -33.74 2.73
C GLY L 130 9.35 -33.82 3.09
N ALA L 131 9.68 -34.93 3.73
CA ALA L 131 11.04 -35.18 4.19
C ALA L 131 11.99 -35.43 3.06
N LYS L 132 11.47 -35.89 1.93
CA LYS L 132 12.31 -36.09 0.76
C LYS L 132 13.05 -34.81 0.37
N GLY L 133 12.47 -33.64 0.70
CA GLY L 133 13.11 -32.33 0.55
C GLY L 133 14.52 -32.29 1.12
N TYR L 134 14.64 -32.65 2.39
CA TYR L 134 15.95 -32.69 3.03
C TYR L 134 16.88 -33.61 2.26
N SER L 135 16.42 -34.83 1.92
CA SER L 135 17.20 -35.79 1.09
C SER L 135 17.71 -35.14 -0.18
N PHE L 136 16.80 -34.49 -0.90
CA PHE L 136 17.14 -33.86 -2.18
C PHE L 136 18.20 -32.79 -2.04
N ALA L 137 18.08 -31.98 -0.97
CA ALA L 137 19.07 -30.96 -0.69
C ALA L 137 20.42 -31.59 -0.36
N LEU L 138 20.40 -32.75 0.28
CA LEU L 138 21.63 -33.48 0.58
C LEU L 138 22.31 -34.02 -0.66
N ASP L 139 21.50 -34.62 -1.53
CA ASP L 139 21.92 -35.13 -2.83
C ASP L 139 22.51 -34.01 -3.70
N TYR L 140 21.92 -32.82 -3.64
CA TYR L 140 22.54 -31.65 -4.27
C TYR L 140 23.84 -31.26 -3.57
N ALA L 141 23.84 -31.29 -2.24
CA ALA L 141 24.99 -30.87 -1.43
C ALA L 141 26.20 -31.75 -1.69
N ILE L 142 25.94 -33.06 -1.78
CA ILE L 142 26.99 -34.03 -2.04
C ILE L 142 27.66 -33.84 -3.41
N GLU L 143 26.87 -33.66 -4.47
CA GLU L 143 27.41 -33.39 -5.82
C GLU L 143 28.24 -32.10 -5.94
N LYS L 144 27.88 -31.03 -5.22
CA LYS L 144 28.62 -29.76 -5.27
C LYS L 144 29.91 -29.85 -4.48
N ILE L 145 29.90 -30.66 -3.42
CA ILE L 145 31.04 -30.76 -2.52
C ILE L 145 32.02 -31.82 -3.06
N GLN L 146 31.50 -32.94 -3.56
CA GLN L 146 32.31 -33.96 -4.27
C GLN L 146 31.57 -34.61 -5.45
N PRO L 147 31.86 -34.14 -6.70
CA PRO L 147 31.28 -34.65 -7.96
C PRO L 147 31.28 -36.19 -8.15
S SO4 M . -20.54 -10.06 17.55
O1 SO4 M . -21.07 -9.65 18.87
O2 SO4 M . -21.46 -11.08 16.96
O3 SO4 M . -20.34 -8.88 16.64
O4 SO4 M . -19.26 -10.76 17.78
S SO4 N . -27.07 2.23 -9.28
O1 SO4 N . -27.67 3.56 -9.13
O2 SO4 N . -28.26 1.38 -9.45
O3 SO4 N . -26.18 2.17 -10.47
O4 SO4 N . -26.32 1.86 -8.02
C1 GOL O . -21.42 4.41 8.60
O1 GOL O . -21.67 3.44 9.64
C2 GOL O . -22.34 4.22 7.41
O2 GOL O . -22.06 5.30 6.49
C3 GOL O . -22.00 2.82 6.84
O3 GOL O . -22.92 2.29 5.89
S SO4 P . -16.61 19.32 13.16
O1 SO4 P . -17.73 20.27 13.07
O2 SO4 P . -16.69 18.34 12.01
O3 SO4 P . -15.38 20.13 13.17
O4 SO4 P . -16.62 18.58 14.43
S SO4 Q . 0.48 -5.78 28.32
O1 SO4 Q . -0.01 -6.63 29.42
O2 SO4 Q . 0.62 -6.68 27.12
O3 SO4 Q . -0.54 -4.72 28.15
O4 SO4 Q . 1.82 -5.19 28.63
S SO4 R . 17.47 19.34 12.52
O1 SO4 R . 16.42 20.39 12.52
O2 SO4 R . 17.25 18.32 13.56
O3 SO4 R . 17.48 18.68 11.17
O4 SO4 R . 18.79 19.98 12.79
S SO4 S . -4.70 27.73 -5.81
O1 SO4 S . -4.83 29.05 -5.14
O2 SO4 S . -6.05 27.22 -6.12
O3 SO4 S . -4.00 27.83 -7.10
O4 SO4 S . -3.94 26.82 -4.94
C1 GOL T . 10.76 21.05 -4.64
O1 GOL T . 10.91 20.37 -5.89
C2 GOL T . 11.16 20.14 -3.47
O2 GOL T . 12.59 20.15 -3.26
C3 GOL T . 10.41 20.52 -2.17
O3 GOL T . 9.71 21.79 -2.17
S SO4 U . 19.05 13.15 -17.10
O1 SO4 U . 17.66 13.50 -16.72
O2 SO4 U . 19.10 11.72 -17.47
O3 SO4 U . 19.49 14.00 -18.22
O4 SO4 U . 19.92 13.33 -15.94
S SO4 V . 25.91 -3.11 12.31
O1 SO4 V . 26.69 -2.37 13.33
O2 SO4 V . 24.54 -3.42 12.82
O3 SO4 V . 25.82 -2.27 11.09
O4 SO4 V . 26.70 -4.32 12.12
C1 GOL W . 11.63 -10.86 17.41
O1 GOL W . 12.99 -10.44 17.16
C2 GOL W . 11.38 -12.33 17.05
O2 GOL W . 9.99 -12.68 17.39
C3 GOL W . 11.64 -12.52 15.55
O3 GOL W . 12.65 -13.47 15.19
S SO4 X . 13.88 -20.46 -14.59
O1 SO4 X . 12.48 -20.00 -14.27
O2 SO4 X . 13.93 -21.91 -14.92
O3 SO4 X . 14.34 -19.59 -15.69
O4 SO4 X . 14.82 -20.29 -13.46
S SO4 Y . 0.85 2.70 -28.63
O1 SO4 Y . 0.62 4.02 -28.08
O2 SO4 Y . -0.46 2.08 -28.99
O3 SO4 Y . 1.72 2.89 -29.80
O4 SO4 Y . 1.49 1.81 -27.61
S SO4 Z . -16.15 -18.36 -15.32
O1 SO4 Z . -16.72 -17.68 -14.14
O2 SO4 Z . -17.24 -18.51 -16.29
O3 SO4 Z . -15.01 -17.56 -15.88
O4 SO4 Z . -15.67 -19.69 -14.98
C1 GOL AA . -1.45 -12.41 -20.80
O1 GOL AA . -2.72 -11.99 -20.26
C2 GOL AA . -0.33 -12.56 -19.76
O2 GOL AA . -0.30 -13.92 -19.25
C3 GOL AA . 1.04 -12.28 -20.41
O3 GOL AA . 1.08 -11.10 -21.23
S SO4 BA . 7.59 -26.65 7.63
O1 SO4 BA . 6.85 -26.79 8.90
O2 SO4 BA . 6.61 -26.60 6.53
O3 SO4 BA . 8.46 -25.44 7.66
O4 SO4 BA . 8.45 -27.82 7.38
#